data_2KYG
#
_entry.id   2KYG
#
loop_
_entity.id
_entity.type
_entity.pdbx_description
1 polymer 'cAMP-dependent protein kinase type II-alpha regulatory subunit'
2 polymer 'Protein CBFA2T1'
#
loop_
_entity_poly.entity_id
_entity_poly.type
_entity_poly.pdbx_seq_one_letter_code
_entity_poly.pdbx_strand_id
1 'polypeptide(L)' GAMGSMSHIQIPPGLTELLQGYTVEVLRQQPPDLVEFAVEYFTRLREARA A,B
2 'polypeptide(L)' AMADIGSASGYVPEEIWKKAEEAVNEVKRQAMTELQKA C
#
# COMPACT_ATOMS: atom_id res chain seq x y z
N GLY A 1 12.82 22.32 -16.21
CA GLY A 1 12.44 21.19 -15.31
C GLY A 1 10.98 21.23 -14.92
N ALA A 2 10.69 21.94 -13.84
CA ALA A 2 9.31 22.06 -13.36
C ALA A 2 8.40 22.66 -14.42
N MET A 3 7.16 22.94 -14.05
CA MET A 3 6.18 23.52 -14.97
C MET A 3 5.33 24.58 -14.27
N GLY A 4 4.87 24.27 -13.08
CA GLY A 4 4.04 25.21 -12.33
C GLY A 4 3.38 24.57 -11.13
N SER A 5 2.91 25.40 -10.20
CA SER A 5 2.25 24.91 -8.99
C SER A 5 0.84 24.40 -9.30
N MET A 6 0.39 24.60 -10.54
CA MET A 6 -0.95 24.17 -10.95
C MET A 6 -1.15 22.68 -10.65
N SER A 7 -0.06 21.92 -10.62
CA SER A 7 -0.13 20.49 -10.34
C SER A 7 1.26 19.93 -10.05
N HIS A 8 1.43 19.37 -8.84
CA HIS A 8 2.71 18.79 -8.44
C HIS A 8 2.48 17.65 -7.44
N ILE A 9 2.61 16.42 -7.94
CA ILE A 9 2.42 15.22 -7.11
C ILE A 9 3.66 14.32 -7.20
N GLN A 10 4.02 13.97 -8.43
CA GLN A 10 5.17 13.11 -8.73
C GLN A 10 5.35 11.96 -7.72
N ILE A 11 5.29 10.72 -8.21
CA ILE A 11 5.48 9.55 -7.34
C ILE A 11 6.70 9.76 -6.44
N PRO A 12 6.49 10.05 -5.13
CA PRO A 12 7.61 10.28 -4.20
C PRO A 12 8.60 9.10 -4.19
N PRO A 13 9.88 9.36 -3.84
CA PRO A 13 10.90 8.33 -3.78
C PRO A 13 10.85 7.53 -2.47
N GLY A 14 11.37 6.31 -2.51
CA GLY A 14 11.39 5.47 -1.32
C GLY A 14 10.08 4.73 -1.09
N LEU A 15 8.99 5.23 -1.67
CA LEU A 15 7.69 4.60 -1.50
C LEU A 15 7.73 3.15 -1.99
N THR A 16 8.59 2.88 -2.97
CA THR A 16 8.71 1.54 -3.55
C THR A 16 9.27 0.54 -2.54
N GLU A 17 10.35 0.92 -1.87
CA GLU A 17 10.99 0.02 -0.89
C GLU A 17 10.10 -0.18 0.33
N LEU A 18 9.32 0.84 0.68
CA LEU A 18 8.43 0.75 1.85
C LEU A 18 7.31 -0.25 1.63
N LEU A 19 6.67 -0.18 0.46
CA LEU A 19 5.57 -1.08 0.15
C LEU A 19 6.08 -2.49 -0.16
N GLN A 20 7.29 -2.58 -0.72
CA GLN A 20 7.89 -3.88 -1.05
C GLN A 20 8.02 -4.73 0.20
N GLY A 21 8.54 -4.12 1.26
CA GLY A 21 8.71 -4.84 2.51
C GLY A 21 7.42 -5.48 2.97
N TYR A 22 6.34 -4.72 2.95
CA TYR A 22 5.04 -5.24 3.34
C TYR A 22 4.52 -6.24 2.32
N THR A 23 4.56 -5.84 1.05
CA THR A 23 4.08 -6.68 -0.04
C THR A 23 4.78 -8.04 -0.09
N VAL A 24 6.10 -8.02 -0.25
CA VAL A 24 6.89 -9.25 -0.32
C VAL A 24 6.64 -10.15 0.88
N GLU A 25 6.31 -9.55 2.03
CA GLU A 25 6.07 -10.32 3.25
C GLU A 25 4.69 -10.97 3.23
N VAL A 26 3.72 -10.30 2.60
CA VAL A 26 2.37 -10.84 2.53
C VAL A 26 2.32 -12.15 1.76
N LEU A 27 3.10 -12.26 0.69
CA LEU A 27 3.12 -13.47 -0.12
C LEU A 27 3.90 -14.58 0.57
N ARG A 28 5.09 -14.24 1.07
CA ARG A 28 5.95 -15.20 1.75
C ARG A 28 5.20 -15.97 2.84
N GLN A 29 4.28 -15.28 3.53
CA GLN A 29 3.52 -15.91 4.62
C GLN A 29 2.06 -16.14 4.21
N GLN A 30 1.55 -15.31 3.31
CA GLN A 30 0.17 -15.43 2.85
C GLN A 30 -0.81 -15.39 4.03
N PRO A 31 -0.96 -14.21 4.66
CA PRO A 31 -1.87 -14.03 5.81
C PRO A 31 -3.33 -13.95 5.40
N PRO A 32 -4.26 -14.09 6.36
CA PRO A 32 -5.70 -14.06 6.08
C PRO A 32 -6.30 -12.64 6.13
N ASP A 33 -5.58 -11.70 6.74
CA ASP A 33 -6.07 -10.33 6.86
C ASP A 33 -5.00 -9.31 6.45
N LEU A 34 -5.46 -8.27 5.75
CA LEU A 34 -4.58 -7.21 5.29
C LEU A 34 -4.52 -6.07 6.30
N VAL A 35 -5.68 -5.71 6.84
CA VAL A 35 -5.76 -4.65 7.84
C VAL A 35 -4.95 -5.00 9.07
N GLU A 36 -5.08 -6.24 9.54
CA GLU A 36 -4.36 -6.71 10.70
C GLU A 36 -2.88 -6.88 10.36
N PHE A 37 -2.60 -7.69 9.34
CA PHE A 37 -1.23 -7.93 8.91
C PHE A 37 -0.50 -6.62 8.62
N ALA A 38 -1.26 -5.57 8.27
CA ALA A 38 -0.68 -4.28 7.96
C ALA A 38 -0.19 -3.55 9.21
N VAL A 39 -1.05 -3.43 10.21
CA VAL A 39 -0.67 -2.78 11.46
C VAL A 39 0.31 -3.66 12.21
N GLU A 40 0.23 -4.97 12.02
CA GLU A 40 1.14 -5.88 12.68
C GLU A 40 2.54 -5.76 12.09
N TYR A 41 2.61 -5.59 10.78
CA TYR A 41 3.88 -5.45 10.07
C TYR A 41 4.50 -4.06 10.21
N PHE A 42 3.67 -3.03 10.05
CA PHE A 42 4.15 -1.65 10.13
C PHE A 42 4.54 -1.23 11.55
N THR A 43 3.66 -1.45 12.51
CA THR A 43 3.95 -1.07 13.90
C THR A 43 5.25 -1.70 14.39
N ARG A 44 5.37 -3.02 14.23
CA ARG A 44 6.56 -3.74 14.65
C ARG A 44 7.81 -3.11 14.03
N LEU A 45 7.77 -2.90 12.71
CA LEU A 45 8.89 -2.30 12.01
C LEU A 45 9.37 -1.04 12.72
N ARG A 46 8.43 -0.12 12.97
CA ARG A 46 8.73 1.12 13.64
C ARG A 46 9.28 0.88 15.05
N GLU A 47 8.51 0.17 15.85
CA GLU A 47 8.90 -0.14 17.23
C GLU A 47 10.32 -0.70 17.30
N ALA A 48 10.78 -1.30 16.20
CA ALA A 48 12.11 -1.89 16.14
C ALA A 48 13.16 -0.94 16.70
N ARG A 49 12.91 0.36 16.58
CA ARG A 49 13.84 1.37 17.08
C ARG A 49 14.02 1.27 18.58
N ALA A 50 15.01 1.98 19.11
CA ALA A 50 15.29 1.99 20.54
C ALA A 50 15.23 0.58 21.14
N GLY B 1 5.84 -24.67 -9.93
CA GLY B 1 4.85 -23.79 -10.61
C GLY B 1 3.46 -24.40 -10.65
N ALA B 2 2.61 -24.01 -9.71
CA ALA B 2 1.24 -24.53 -9.64
C ALA B 2 0.40 -23.75 -8.65
N MET B 3 0.87 -23.67 -7.40
CA MET B 3 0.16 -22.95 -6.35
C MET B 3 0.76 -21.56 -6.15
N GLY B 4 1.29 -20.99 -7.22
CA GLY B 4 1.88 -19.67 -7.14
C GLY B 4 2.52 -19.23 -8.44
N SER B 5 1.69 -18.76 -9.38
CA SER B 5 2.19 -18.30 -10.67
C SER B 5 1.07 -17.61 -11.45
N MET B 6 1.06 -16.28 -11.42
CA MET B 6 0.06 -15.49 -12.12
C MET B 6 0.66 -14.20 -12.68
N SER B 7 1.92 -14.29 -13.10
CA SER B 7 2.65 -13.14 -13.66
C SER B 7 3.30 -12.30 -12.55
N HIS B 8 2.67 -12.28 -11.38
CA HIS B 8 3.18 -11.53 -10.23
C HIS B 8 3.21 -12.40 -9.00
N ILE B 9 3.25 -13.72 -9.23
CA ILE B 9 3.27 -14.72 -8.16
C ILE B 9 1.85 -14.98 -7.65
N GLN B 10 1.36 -14.20 -6.69
CA GLN B 10 0.01 -14.39 -6.16
C GLN B 10 -0.33 -13.38 -5.07
N ILE B 11 -0.48 -12.11 -5.45
CA ILE B 11 -0.82 -11.08 -4.48
C ILE B 11 -2.26 -11.27 -3.96
N PRO B 12 -2.44 -11.54 -2.65
CA PRO B 12 -3.77 -11.74 -2.07
C PRO B 12 -4.77 -10.66 -2.52
N PRO B 13 -5.85 -11.06 -3.22
CA PRO B 13 -6.86 -10.10 -3.70
C PRO B 13 -7.25 -9.08 -2.63
N GLY B 14 -7.41 -7.82 -3.06
CA GLY B 14 -7.78 -6.76 -2.14
C GLY B 14 -6.58 -5.97 -1.65
N LEU B 15 -5.43 -6.63 -1.60
CA LEU B 15 -4.20 -5.98 -1.15
C LEU B 15 -3.88 -4.77 -2.02
N THR B 16 -4.16 -4.88 -3.32
CA THR B 16 -3.90 -3.79 -4.24
C THR B 16 -4.61 -2.51 -3.78
N GLU B 17 -5.87 -2.65 -3.43
CA GLU B 17 -6.68 -1.52 -2.98
C GLU B 17 -6.20 -0.99 -1.63
N LEU B 18 -5.80 -1.89 -0.74
CA LEU B 18 -5.33 -1.49 0.59
C LEU B 18 -4.10 -0.59 0.48
N LEU B 19 -3.10 -1.05 -0.27
CA LEU B 19 -1.88 -0.26 -0.45
C LEU B 19 -2.22 1.04 -1.18
N GLN B 20 -3.18 0.96 -2.08
CA GLN B 20 -3.63 2.12 -2.85
C GLN B 20 -4.34 3.13 -1.94
N GLY B 21 -5.25 2.63 -1.12
CA GLY B 21 -6.00 3.49 -0.22
C GLY B 21 -5.09 4.38 0.63
N TYR B 22 -3.94 3.83 1.01
CA TYR B 22 -2.98 4.57 1.83
C TYR B 22 -2.13 5.51 0.96
N THR B 23 -1.62 4.98 -0.14
CA THR B 23 -0.78 5.76 -1.05
C THR B 23 -1.46 7.04 -1.51
N VAL B 24 -2.71 6.94 -1.94
CA VAL B 24 -3.46 8.12 -2.40
C VAL B 24 -3.39 9.25 -1.37
N GLU B 25 -3.32 8.87 -0.10
CA GLU B 25 -3.25 9.81 1.00
C GLU B 25 -1.85 10.43 1.09
N VAL B 26 -0.84 9.58 0.93
CA VAL B 26 0.55 10.04 0.98
C VAL B 26 0.82 11.08 -0.10
N LEU B 27 0.40 10.79 -1.31
CA LEU B 27 0.60 11.67 -2.45
C LEU B 27 0.00 13.06 -2.21
N ARG B 28 -1.26 13.10 -1.77
CA ARG B 28 -1.97 14.34 -1.53
C ARG B 28 -1.70 14.95 -0.14
N GLN B 29 -1.28 14.11 0.81
CA GLN B 29 -1.01 14.59 2.17
C GLN B 29 0.47 14.86 2.37
N GLN B 30 1.29 13.92 1.92
CA GLN B 30 2.74 14.04 2.06
C GLN B 30 3.13 14.19 3.53
N PRO B 31 3.31 13.08 4.26
CA PRO B 31 3.66 13.10 5.68
C PRO B 31 5.17 13.13 5.90
N PRO B 32 5.63 13.37 7.15
CA PRO B 32 7.05 13.40 7.48
C PRO B 32 7.66 12.01 7.43
N ASP B 33 6.90 11.01 7.88
CA ASP B 33 7.36 9.63 7.90
C ASP B 33 6.30 8.70 7.32
N LEU B 34 6.72 7.80 6.44
CA LEU B 34 5.80 6.86 5.82
C LEU B 34 5.36 5.78 6.81
N VAL B 35 6.31 5.25 7.57
CA VAL B 35 6.02 4.21 8.55
C VAL B 35 5.07 4.72 9.64
N GLU B 36 5.33 5.92 10.15
CA GLU B 36 4.49 6.50 11.21
C GLU B 36 3.13 6.89 10.66
N PHE B 37 3.09 7.33 9.41
CA PHE B 37 1.83 7.73 8.78
C PHE B 37 0.96 6.50 8.48
N ALA B 38 1.60 5.37 8.23
CA ALA B 38 0.90 4.13 7.94
C ALA B 38 0.33 3.48 9.20
N VAL B 39 1.20 3.29 10.20
CA VAL B 39 0.79 2.68 11.45
C VAL B 39 -0.51 3.28 11.97
N GLU B 40 -0.62 4.61 11.91
CA GLU B 40 -1.83 5.29 12.38
C GLU B 40 -2.99 5.07 11.41
N TYR B 41 -2.68 5.02 10.12
CA TYR B 41 -3.69 4.83 9.09
C TYR B 41 -4.34 3.45 9.21
N PHE B 42 -3.55 2.42 9.51
CA PHE B 42 -4.09 1.07 9.62
C PHE B 42 -4.82 0.86 10.95
N THR B 43 -4.34 1.50 12.02
CA THR B 43 -4.99 1.38 13.32
C THR B 43 -6.37 2.03 13.28
N ARG B 44 -6.44 3.19 12.67
CA ARG B 44 -7.69 3.93 12.55
C ARG B 44 -8.72 3.11 11.77
N LEU B 45 -8.26 2.44 10.72
CA LEU B 45 -9.14 1.62 9.90
C LEU B 45 -9.84 0.53 10.72
N ARG B 46 -9.04 -0.29 11.40
CA ARG B 46 -9.58 -1.37 12.21
C ARG B 46 -10.34 -0.83 13.43
N GLU B 47 -9.66 -0.04 14.24
CA GLU B 47 -10.28 0.53 15.45
C GLU B 47 -11.58 1.25 15.12
N ALA B 48 -11.72 1.70 13.88
CA ALA B 48 -12.93 2.41 13.46
C ALA B 48 -14.12 1.46 13.36
N ARG B 49 -13.87 0.25 12.87
CA ARG B 49 -14.92 -0.76 12.72
C ARG B 49 -14.59 -2.02 13.51
N ALA B 50 -15.34 -3.10 13.26
CA ALA B 50 -15.12 -4.35 13.96
C ALA B 50 -13.66 -4.79 13.88
N ALA C 1 -10.10 7.13 -21.56
CA ALA C 1 -10.55 5.73 -21.38
C ALA C 1 -9.43 4.74 -21.67
N MET C 2 -9.61 3.49 -21.25
CA MET C 2 -8.61 2.46 -21.48
C MET C 2 -9.17 1.07 -21.15
N ALA C 3 -9.60 0.90 -19.89
CA ALA C 3 -10.16 -0.37 -19.44
C ALA C 3 -10.80 -0.23 -18.07
N ASP C 4 -11.37 0.95 -17.80
CA ASP C 4 -12.03 1.22 -16.53
C ASP C 4 -13.54 1.07 -16.65
N ILE C 5 -14.00 -0.17 -16.69
CA ILE C 5 -15.43 -0.45 -16.81
C ILE C 5 -16.18 -0.07 -15.53
N GLY C 6 -15.57 -0.36 -14.39
CA GLY C 6 -16.19 -0.04 -13.11
C GLY C 6 -15.88 1.37 -12.66
N SER C 7 -15.86 1.58 -11.34
CA SER C 7 -15.59 2.89 -10.79
C SER C 7 -15.41 2.82 -9.26
N ALA C 8 -14.19 3.05 -8.80
CA ALA C 8 -13.89 3.01 -7.37
C ALA C 8 -14.79 3.97 -6.59
N SER C 9 -14.71 5.25 -6.93
CA SER C 9 -15.50 6.28 -6.26
C SER C 9 -15.21 6.29 -4.75
N GLY C 10 -16.09 6.95 -4.00
CA GLY C 10 -15.92 7.04 -2.56
C GLY C 10 -15.12 8.26 -2.14
N TYR C 11 -13.95 8.44 -2.73
CA TYR C 11 -13.09 9.56 -2.40
C TYR C 11 -11.85 9.57 -3.30
N VAL C 12 -10.87 10.43 -2.96
CA VAL C 12 -9.63 10.54 -3.71
C VAL C 12 -9.82 11.29 -5.03
N PRO C 13 -9.14 12.45 -5.23
CA PRO C 13 -9.26 13.23 -6.47
C PRO C 13 -9.00 12.41 -7.74
N GLU C 14 -8.62 13.09 -8.81
CA GLU C 14 -8.34 12.42 -10.09
C GLU C 14 -6.87 12.02 -10.22
N GLU C 15 -6.01 12.98 -10.55
CA GLU C 15 -4.57 12.73 -10.73
C GLU C 15 -3.99 11.98 -9.53
N ILE C 16 -4.61 12.12 -8.37
CA ILE C 16 -4.15 11.45 -7.17
C ILE C 16 -4.45 9.95 -7.24
N TRP C 17 -5.51 9.60 -7.97
CA TRP C 17 -5.91 8.21 -8.11
C TRP C 17 -5.07 7.49 -9.16
N LYS C 18 -4.92 8.11 -10.33
CA LYS C 18 -4.13 7.50 -11.39
C LYS C 18 -2.71 7.24 -10.90
N LYS C 19 -2.14 8.21 -10.21
CA LYS C 19 -0.77 8.07 -9.70
C LYS C 19 -0.67 6.96 -8.66
N ALA C 20 -1.42 7.07 -7.57
CA ALA C 20 -1.38 6.07 -6.50
C ALA C 20 -1.53 4.64 -7.03
N GLU C 21 -2.32 4.48 -8.08
CA GLU C 21 -2.54 3.15 -8.66
C GLU C 21 -1.25 2.60 -9.28
N GLU C 22 -0.44 3.49 -9.85
CA GLU C 22 0.83 3.08 -10.45
C GLU C 22 1.79 2.57 -9.37
N ALA C 23 1.89 3.32 -8.27
CA ALA C 23 2.78 2.95 -7.18
C ALA C 23 2.55 1.52 -6.70
N VAL C 24 1.28 1.14 -6.52
CA VAL C 24 0.95 -0.20 -6.03
C VAL C 24 1.26 -1.26 -7.08
N ASN C 25 0.99 -0.95 -8.34
CA ASN C 25 1.26 -1.89 -9.43
C ASN C 25 2.75 -2.13 -9.55
N GLU C 26 3.54 -1.08 -9.35
CA GLU C 26 4.99 -1.20 -9.44
C GLU C 26 5.54 -2.05 -8.30
N VAL C 27 5.26 -1.68 -7.05
CA VAL C 27 5.75 -2.43 -5.91
C VAL C 27 5.23 -3.87 -5.90
N LYS C 28 4.06 -4.08 -6.51
CA LYS C 28 3.47 -5.42 -6.58
C LYS C 28 4.24 -6.29 -7.56
N ARG C 29 4.51 -5.74 -8.74
CA ARG C 29 5.25 -6.47 -9.76
C ARG C 29 6.71 -6.68 -9.31
N GLN C 30 7.19 -5.79 -8.43
CA GLN C 30 8.56 -5.87 -7.94
C GLN C 30 8.72 -6.92 -6.84
N ALA C 31 7.99 -6.78 -5.72
CA ALA C 31 8.06 -7.75 -4.62
C ALA C 31 8.01 -9.19 -5.12
N MET C 32 7.29 -9.40 -6.21
CA MET C 32 7.17 -10.73 -6.78
C MET C 32 8.54 -11.26 -7.21
N THR C 33 9.43 -10.35 -7.62
CA THR C 33 10.78 -10.74 -8.02
C THR C 33 11.56 -11.24 -6.81
N GLU C 34 11.39 -10.56 -5.69
CA GLU C 34 12.07 -10.95 -4.46
C GLU C 34 11.68 -12.38 -4.09
N LEU C 35 10.52 -12.81 -4.57
CA LEU C 35 10.01 -14.17 -4.33
C LEU C 35 10.56 -15.14 -5.35
N GLN C 36 10.48 -14.77 -6.62
CA GLN C 36 10.96 -15.61 -7.72
C GLN C 36 12.38 -16.11 -7.45
N LYS C 37 13.14 -15.33 -6.67
CA LYS C 37 14.52 -15.69 -6.34
C LYS C 37 14.60 -16.37 -4.98
N ALA C 38 13.47 -16.89 -4.52
CA ALA C 38 13.40 -17.58 -3.23
C ALA C 38 14.18 -16.83 -2.16
N GLY A 1 2.11 24.42 -1.92
CA GLY A 1 3.49 24.09 -2.35
C GLY A 1 3.89 24.81 -3.63
N ALA A 2 3.43 24.30 -4.77
CA ALA A 2 3.73 24.90 -6.06
C ALA A 2 2.91 24.27 -7.17
N MET A 3 2.41 25.11 -8.07
CA MET A 3 1.59 24.64 -9.19
C MET A 3 0.21 24.20 -8.70
N GLY A 4 -0.25 24.83 -7.63
CA GLY A 4 -1.54 24.50 -7.07
C GLY A 4 -1.61 23.07 -6.59
N SER A 5 -2.71 22.71 -5.96
CA SER A 5 -2.91 21.36 -5.44
C SER A 5 -3.00 20.35 -6.58
N MET A 6 -3.77 20.71 -7.61
CA MET A 6 -3.94 19.84 -8.77
C MET A 6 -2.75 19.94 -9.73
N SER A 7 -2.56 18.91 -10.54
CA SER A 7 -1.46 18.88 -11.50
C SER A 7 -0.12 18.92 -10.80
N HIS A 8 -0.04 18.31 -9.61
CA HIS A 8 1.20 18.28 -8.85
C HIS A 8 1.16 17.20 -7.76
N ILE A 9 2.01 16.18 -7.92
CA ILE A 9 2.08 15.08 -6.96
C ILE A 9 3.50 14.50 -6.91
N GLN A 10 3.89 13.82 -7.99
CA GLN A 10 5.21 13.21 -8.08
C GLN A 10 5.36 12.04 -7.09
N ILE A 11 5.32 10.81 -7.60
CA ILE A 11 5.45 9.62 -6.76
C ILE A 11 6.56 9.81 -5.71
N PRO A 12 6.21 10.09 -4.44
CA PRO A 12 7.19 10.28 -3.37
C PRO A 12 8.24 9.18 -3.32
N PRO A 13 9.50 9.47 -3.71
CA PRO A 13 10.58 8.48 -3.70
C PRO A 13 10.66 7.74 -2.37
N GLY A 14 11.14 6.49 -2.40
CA GLY A 14 11.27 5.71 -1.18
C GLY A 14 9.98 5.01 -0.77
N LEU A 15 8.84 5.55 -1.20
CA LEU A 15 7.55 4.95 -0.84
C LEU A 15 7.44 3.55 -1.41
N THR A 16 8.05 3.33 -2.57
CA THR A 16 8.03 2.03 -3.21
C THR A 16 8.70 0.97 -2.33
N GLU A 17 9.84 1.35 -1.75
CA GLU A 17 10.58 0.43 -0.89
C GLU A 17 9.80 0.12 0.39
N LEU A 18 8.96 1.06 0.82
CA LEU A 18 8.17 0.87 2.04
C LEU A 18 7.06 -0.14 1.82
N LEU A 19 6.39 -0.07 0.67
CA LEU A 19 5.30 -0.98 0.35
C LEU A 19 5.83 -2.37 -0.02
N GLN A 20 7.04 -2.41 -0.56
CA GLN A 20 7.67 -3.66 -0.96
C GLN A 20 7.91 -4.56 0.25
N GLY A 21 8.48 -3.98 1.29
CA GLY A 21 8.73 -4.73 2.50
C GLY A 21 7.47 -5.43 2.99
N TYR A 22 6.36 -4.72 2.94
CA TYR A 22 5.08 -5.27 3.37
C TYR A 22 4.53 -6.25 2.32
N THR A 23 4.49 -5.81 1.07
CA THR A 23 3.97 -6.62 -0.03
C THR A 23 4.63 -8.00 -0.07
N VAL A 24 5.95 -8.00 -0.23
CA VAL A 24 6.71 -9.24 -0.29
C VAL A 24 6.40 -10.14 0.92
N GLU A 25 6.11 -9.50 2.05
CA GLU A 25 5.79 -10.23 3.28
C GLU A 25 4.45 -10.96 3.17
N VAL A 26 3.42 -10.22 2.79
CA VAL A 26 2.08 -10.77 2.65
C VAL A 26 2.09 -12.07 1.84
N LEU A 27 2.95 -12.11 0.82
CA LEU A 27 3.06 -13.27 -0.05
C LEU A 27 3.82 -14.42 0.61
N ARG A 28 5.03 -14.13 1.13
CA ARG A 28 5.84 -15.18 1.76
C ARG A 28 5.24 -15.66 3.08
N GLN A 29 4.42 -14.83 3.72
CA GLN A 29 3.81 -15.19 5.00
C GLN A 29 2.38 -15.70 4.81
N GLN A 30 1.69 -15.14 3.83
CA GLN A 30 0.31 -15.53 3.55
C GLN A 30 -0.57 -15.34 4.78
N PRO A 31 -0.89 -14.09 5.14
CA PRO A 31 -1.72 -13.77 6.30
C PRO A 31 -3.21 -13.89 6.01
N PRO A 32 -4.05 -13.97 7.05
CA PRO A 32 -5.51 -14.08 6.89
C PRO A 32 -6.18 -12.75 6.59
N ASP A 33 -5.60 -11.66 7.12
CA ASP A 33 -6.13 -10.32 6.92
C ASP A 33 -5.04 -9.35 6.51
N LEU A 34 -5.38 -8.47 5.57
CA LEU A 34 -4.42 -7.48 5.07
C LEU A 34 -4.36 -6.27 6.01
N VAL A 35 -5.46 -6.00 6.70
CA VAL A 35 -5.52 -4.87 7.62
C VAL A 35 -4.75 -5.16 8.91
N GLU A 36 -5.13 -6.24 9.58
CA GLU A 36 -4.49 -6.63 10.82
C GLU A 36 -3.00 -6.88 10.61
N PHE A 37 -2.67 -7.55 9.51
CA PHE A 37 -1.29 -7.86 9.17
C PHE A 37 -0.48 -6.60 8.87
N ALA A 38 -1.17 -5.54 8.45
CA ALA A 38 -0.51 -4.27 8.13
C ALA A 38 -0.01 -3.57 9.38
N VAL A 39 -0.82 -3.56 10.43
CA VAL A 39 -0.42 -2.94 11.69
C VAL A 39 0.71 -3.75 12.30
N GLU A 40 0.50 -5.05 12.50
CA GLU A 40 1.52 -5.91 13.09
C GLU A 40 2.87 -5.71 12.40
N TYR A 41 2.86 -5.49 11.10
CA TYR A 41 4.08 -5.29 10.32
C TYR A 41 4.64 -3.88 10.47
N PHE A 42 3.79 -2.86 10.26
CA PHE A 42 4.23 -1.47 10.35
C PHE A 42 4.61 -1.09 11.79
N THR A 43 3.87 -1.60 12.77
CA THR A 43 4.15 -1.30 14.16
C THR A 43 5.53 -1.82 14.56
N ARG A 44 5.78 -3.09 14.28
CA ARG A 44 7.06 -3.71 14.63
C ARG A 44 8.22 -2.97 13.98
N LEU A 45 8.09 -2.70 12.67
CA LEU A 45 9.14 -1.99 11.94
C LEU A 45 9.59 -0.73 12.68
N ARG A 46 8.63 0.15 12.99
CA ARG A 46 8.93 1.38 13.70
C ARG A 46 9.43 1.10 15.12
N GLU A 47 8.73 0.21 15.82
CA GLU A 47 9.11 -0.14 17.18
C GLU A 47 10.49 -0.81 17.23
N ALA A 48 10.88 -1.43 16.12
CA ALA A 48 12.18 -2.10 16.03
C ALA A 48 13.31 -1.16 16.44
N ARG A 49 13.31 0.05 15.87
CA ARG A 49 14.33 1.04 16.18
C ARG A 49 13.98 1.81 17.45
N ALA A 50 14.93 2.61 17.92
CA ALA A 50 14.73 3.41 19.13
C ALA A 50 14.36 2.51 20.32
N GLY B 1 5.23 -31.50 5.42
CA GLY B 1 4.80 -30.08 5.54
C GLY B 1 5.97 -29.13 5.71
N ALA B 2 7.14 -29.54 5.23
CA ALA B 2 8.35 -28.71 5.34
C ALA B 2 8.30 -27.56 4.34
N MET B 3 8.37 -26.33 4.84
CA MET B 3 8.34 -25.15 4.00
C MET B 3 9.71 -24.89 3.38
N GLY B 4 10.71 -24.70 4.22
CA GLY B 4 12.06 -24.45 3.74
C GLY B 4 12.14 -23.21 2.87
N SER B 5 11.97 -23.40 1.57
CA SER B 5 12.03 -22.29 0.62
C SER B 5 11.56 -22.72 -0.76
N MET B 6 10.83 -21.84 -1.45
CA MET B 6 10.33 -22.15 -2.78
C MET B 6 9.81 -20.88 -3.47
N SER B 7 10.25 -20.65 -4.71
CA SER B 7 9.85 -19.47 -5.48
C SER B 7 8.51 -19.70 -6.19
N HIS B 8 7.46 -19.09 -5.66
CA HIS B 8 6.12 -19.21 -6.24
C HIS B 8 5.13 -18.46 -5.37
N ILE B 9 4.33 -17.61 -6.01
CA ILE B 9 3.35 -16.81 -5.31
C ILE B 9 2.23 -16.38 -6.25
N GLN B 10 1.24 -15.65 -5.72
CA GLN B 10 0.13 -15.19 -6.53
C GLN B 10 -0.68 -14.12 -5.81
N ILE B 11 -0.25 -12.87 -5.99
CA ILE B 11 -0.89 -11.69 -5.40
C ILE B 11 -2.32 -11.96 -4.90
N PRO B 12 -2.51 -12.16 -3.59
CA PRO B 12 -3.85 -12.41 -3.02
C PRO B 12 -4.85 -11.33 -3.46
N PRO B 13 -6.17 -11.57 -3.26
CA PRO B 13 -7.20 -10.60 -3.66
C PRO B 13 -7.46 -9.55 -2.58
N GLY B 14 -7.61 -8.29 -3.00
CA GLY B 14 -7.88 -7.21 -2.06
C GLY B 14 -6.62 -6.44 -1.68
N LEU B 15 -5.48 -7.12 -1.72
CA LEU B 15 -4.21 -6.50 -1.38
C LEU B 15 -4.00 -5.18 -2.13
N THR B 16 -4.24 -5.20 -3.43
CA THR B 16 -4.07 -4.00 -4.24
C THR B 16 -4.88 -2.83 -3.68
N GLU B 17 -6.16 -3.08 -3.39
CA GLU B 17 -7.06 -2.07 -2.86
C GLU B 17 -6.49 -1.42 -1.58
N LEU B 18 -6.14 -2.25 -0.61
CA LEU B 18 -5.61 -1.75 0.67
C LEU B 18 -4.46 -0.76 0.43
N LEU B 19 -3.42 -1.19 -0.26
CA LEU B 19 -2.28 -0.32 -0.54
C LEU B 19 -2.74 0.92 -1.31
N GLN B 20 -3.88 0.80 -2.00
CA GLN B 20 -4.43 1.90 -2.78
C GLN B 20 -4.94 3.00 -1.85
N GLY B 21 -5.64 2.60 -0.79
CA GLY B 21 -6.18 3.57 0.15
C GLY B 21 -5.11 4.44 0.80
N TYR B 22 -3.94 3.85 1.03
CA TYR B 22 -2.83 4.57 1.66
C TYR B 22 -2.13 5.50 0.66
N THR B 23 -1.77 4.96 -0.50
CA THR B 23 -1.09 5.74 -1.52
C THR B 23 -1.84 7.02 -1.84
N VAL B 24 -3.09 6.89 -2.29
CA VAL B 24 -3.91 8.04 -2.64
C VAL B 24 -3.88 9.12 -1.56
N GLU B 25 -3.84 8.68 -0.30
CA GLU B 25 -3.80 9.59 0.84
C GLU B 25 -2.38 10.14 1.05
N VAL B 26 -1.41 9.23 1.14
CA VAL B 26 -0.02 9.62 1.33
C VAL B 26 0.37 10.72 0.35
N LEU B 27 0.16 10.45 -0.93
CA LEU B 27 0.50 11.41 -1.98
C LEU B 27 -0.23 12.74 -1.75
N ARG B 28 -1.51 12.65 -1.37
CA ARG B 28 -2.33 13.84 -1.13
C ARG B 28 -1.94 14.60 0.14
N GLN B 29 -1.34 13.90 1.11
CA GLN B 29 -0.96 14.52 2.37
C GLN B 29 0.54 14.77 2.44
N GLN B 30 1.32 13.78 2.04
CA GLN B 30 2.78 13.88 2.08
C GLN B 30 3.26 14.09 3.51
N PRO B 31 3.32 13.00 4.31
CA PRO B 31 3.76 13.08 5.71
C PRO B 31 5.28 13.08 5.86
N PRO B 32 5.79 13.39 7.06
CA PRO B 32 7.24 13.43 7.33
C PRO B 32 7.84 12.03 7.29
N ASP B 33 7.07 11.04 7.75
CA ASP B 33 7.53 9.65 7.76
C ASP B 33 6.47 8.73 7.20
N LEU B 34 6.89 7.85 6.29
CA LEU B 34 5.98 6.91 5.67
C LEU B 34 5.52 5.84 6.68
N VAL B 35 6.43 5.44 7.55
CA VAL B 35 6.12 4.43 8.57
C VAL B 35 5.12 4.97 9.59
N GLU B 36 5.43 6.12 10.16
CA GLU B 36 4.57 6.74 11.17
C GLU B 36 3.16 6.97 10.61
N PHE B 37 3.08 7.45 9.38
CA PHE B 37 1.79 7.70 8.74
C PHE B 37 1.09 6.41 8.38
N ALA B 38 1.87 5.34 8.16
CA ALA B 38 1.31 4.04 7.80
C ALA B 38 0.73 3.31 9.02
N VAL B 39 1.47 3.33 10.12
CA VAL B 39 1.03 2.65 11.33
C VAL B 39 -0.28 3.21 11.86
N GLU B 40 -0.47 4.53 11.72
CA GLU B 40 -1.68 5.19 12.19
C GLU B 40 -2.84 4.96 11.22
N TYR B 41 -2.56 5.01 9.92
CA TYR B 41 -3.58 4.81 8.90
C TYR B 41 -4.21 3.42 9.03
N PHE B 42 -3.39 2.38 9.06
CA PHE B 42 -3.91 1.03 9.17
C PHE B 42 -4.65 0.81 10.49
N THR B 43 -4.06 1.25 11.60
CA THR B 43 -4.70 1.10 12.90
C THR B 43 -6.05 1.80 12.90
N ARG B 44 -6.12 2.95 12.23
CA ARG B 44 -7.35 3.71 12.12
C ARG B 44 -8.42 2.88 11.43
N LEU B 45 -8.03 2.19 10.36
CA LEU B 45 -8.95 1.35 9.60
C LEU B 45 -9.56 0.28 10.50
N ARG B 46 -8.69 -0.46 11.20
CA ARG B 46 -9.15 -1.53 12.10
C ARG B 46 -10.15 -0.98 13.12
N GLU B 47 -9.71 0.00 13.90
CA GLU B 47 -10.55 0.61 14.92
C GLU B 47 -11.85 1.15 14.33
N ALA B 48 -11.75 1.84 13.20
CA ALA B 48 -12.91 2.42 12.53
C ALA B 48 -13.79 1.33 11.92
N ARG B 49 -13.15 0.22 11.52
CA ARG B 49 -13.84 -0.92 10.89
C ARG B 49 -15.12 -0.51 10.17
N ALA B 50 -15.04 0.59 9.41
CA ALA B 50 -16.19 1.10 8.67
C ALA B 50 -17.15 1.85 9.58
N ALA C 1 -16.38 29.69 5.24
CA ALA C 1 -16.51 30.83 6.18
C ALA C 1 -15.14 31.32 6.63
N MET C 2 -14.35 30.41 7.20
CA MET C 2 -13.00 30.74 7.68
C MET C 2 -12.05 29.58 7.47
N ALA C 3 -12.30 28.48 8.18
CA ALA C 3 -11.47 27.28 8.07
C ALA C 3 -12.21 26.07 8.60
N ASP C 4 -13.48 25.94 8.23
CA ASP C 4 -14.32 24.84 8.67
C ASP C 4 -15.25 24.39 7.54
N ILE C 5 -14.74 23.53 6.66
CA ILE C 5 -15.52 23.02 5.53
C ILE C 5 -15.36 21.51 5.40
N GLY C 6 -16.50 20.81 5.28
CA GLY C 6 -16.47 19.36 5.17
C GLY C 6 -15.92 18.91 3.82
N SER C 7 -16.80 18.42 2.97
CA SER C 7 -16.40 17.95 1.64
C SER C 7 -17.61 17.62 0.78
N ALA C 8 -17.65 18.17 -0.44
CA ALA C 8 -18.76 17.95 -1.34
C ALA C 8 -18.68 16.55 -1.98
N SER C 9 -17.73 16.38 -2.90
CA SER C 9 -17.55 15.11 -3.58
C SER C 9 -16.37 15.16 -4.54
N GLY C 10 -15.77 14.00 -4.80
CA GLY C 10 -14.63 13.94 -5.71
C GLY C 10 -13.79 12.70 -5.49
N TYR C 11 -13.69 12.27 -4.24
CA TYR C 11 -12.89 11.10 -3.89
C TYR C 11 -11.53 11.20 -4.58
N VAL C 12 -10.67 12.05 -4.02
CA VAL C 12 -9.32 12.29 -4.55
C VAL C 12 -9.39 13.22 -5.78
N PRO C 13 -8.35 14.07 -6.01
CA PRO C 13 -8.33 14.99 -7.15
C PRO C 13 -7.98 14.31 -8.48
N GLU C 14 -8.47 13.08 -8.65
CA GLU C 14 -8.25 12.30 -9.88
C GLU C 14 -6.78 12.00 -10.17
N GLU C 15 -6.01 13.00 -10.62
CA GLU C 15 -4.60 12.79 -10.98
C GLU C 15 -3.81 12.04 -9.91
N ILE C 16 -4.26 12.06 -8.67
CA ILE C 16 -3.55 11.37 -7.60
C ILE C 16 -3.87 9.89 -7.59
N TRP C 17 -5.04 9.53 -8.11
CA TRP C 17 -5.47 8.14 -8.15
C TRP C 17 -4.70 7.36 -9.20
N LYS C 18 -4.59 7.92 -10.41
CA LYS C 18 -3.84 7.24 -11.45
C LYS C 18 -2.42 7.00 -10.96
N LYS C 19 -1.85 8.02 -10.32
CA LYS C 19 -0.49 7.92 -9.79
C LYS C 19 -0.42 6.91 -8.64
N ALA C 20 -1.23 7.11 -7.59
CA ALA C 20 -1.24 6.21 -6.45
C ALA C 20 -1.33 4.75 -6.91
N GLU C 21 -2.12 4.53 -7.96
CA GLU C 21 -2.30 3.19 -8.50
C GLU C 21 -0.97 2.63 -9.02
N GLU C 22 -0.11 3.51 -9.54
CA GLU C 22 1.19 3.08 -10.04
C GLU C 22 2.06 2.57 -8.90
N ALA C 23 2.07 3.30 -7.79
CA ALA C 23 2.86 2.91 -6.63
C ALA C 23 2.53 1.50 -6.17
N VAL C 24 1.26 1.12 -6.27
CA VAL C 24 0.81 -0.20 -5.84
C VAL C 24 1.13 -1.27 -6.89
N ASN C 25 0.82 -0.98 -8.14
CA ASN C 25 1.09 -1.92 -9.22
C ASN C 25 2.59 -2.14 -9.38
N GLU C 26 3.37 -1.08 -9.20
CA GLU C 26 4.82 -1.16 -9.31
C GLU C 26 5.43 -1.94 -8.16
N VAL C 27 5.19 -1.51 -6.92
CA VAL C 27 5.75 -2.18 -5.76
C VAL C 27 5.27 -3.63 -5.63
N LYS C 28 4.09 -3.90 -6.15
CA LYS C 28 3.50 -5.23 -6.10
C LYS C 28 4.15 -6.16 -7.12
N ARG C 29 4.27 -5.68 -8.35
CA ARG C 29 4.87 -6.46 -9.42
C ARG C 29 6.33 -6.81 -9.14
N GLN C 30 7.05 -5.93 -8.43
CA GLN C 30 8.46 -6.20 -8.14
C GLN C 30 8.65 -7.20 -7.01
N ALA C 31 7.94 -7.04 -5.88
CA ALA C 31 8.05 -7.97 -4.75
C ALA C 31 7.97 -9.41 -5.22
N MET C 32 7.22 -9.61 -6.30
CA MET C 32 7.06 -10.94 -6.87
C MET C 32 8.40 -11.43 -7.42
N THR C 33 9.18 -10.52 -7.99
CA THR C 33 10.49 -10.87 -8.53
C THR C 33 11.42 -11.26 -7.38
N GLU C 34 11.32 -10.53 -6.28
CA GLU C 34 12.12 -10.81 -5.09
C GLU C 34 11.83 -12.23 -4.60
N LEU C 35 10.62 -12.69 -4.90
CA LEU C 35 10.17 -14.03 -4.51
C LEU C 35 10.52 -15.05 -5.59
N GLN C 36 10.18 -14.73 -6.83
CA GLN C 36 10.44 -15.60 -7.96
C GLN C 36 11.93 -15.92 -8.09
N LYS C 37 12.77 -15.07 -7.49
CA LYS C 37 14.22 -15.27 -7.55
C LYS C 37 14.92 -14.55 -6.41
N ALA C 38 14.62 -14.96 -5.18
CA ALA C 38 15.23 -14.34 -4.00
C ALA C 38 16.74 -14.60 -3.96
N GLY A 1 10.32 26.75 -14.74
CA GLY A 1 10.77 28.03 -14.14
C GLY A 1 12.20 27.95 -13.61
N ALA A 2 13.16 28.23 -14.48
CA ALA A 2 14.58 28.19 -14.10
C ALA A 2 14.96 26.82 -13.55
N MET A 3 14.74 26.61 -12.25
CA MET A 3 15.07 25.34 -11.60
C MET A 3 13.80 24.61 -11.17
N GLY A 4 12.99 25.27 -10.36
CA GLY A 4 11.75 24.66 -9.89
C GLY A 4 10.81 24.32 -11.02
N SER A 5 9.63 23.79 -10.67
CA SER A 5 8.63 23.42 -11.66
C SER A 5 7.29 23.16 -10.99
N MET A 6 6.27 22.90 -11.81
CA MET A 6 4.92 22.63 -11.31
C MET A 6 4.23 21.56 -12.14
N SER A 7 3.42 20.73 -11.47
CA SER A 7 2.70 19.65 -12.14
C SER A 7 1.35 19.42 -11.47
N HIS A 8 1.35 18.63 -10.39
CA HIS A 8 0.12 18.32 -9.66
C HIS A 8 0.39 17.22 -8.61
N ILE A 9 1.17 16.22 -9.00
CA ILE A 9 1.53 15.12 -8.11
C ILE A 9 2.88 14.53 -8.51
N GLN A 10 3.58 13.95 -7.54
CA GLN A 10 4.89 13.36 -7.80
C GLN A 10 5.14 12.16 -6.88
N ILE A 11 5.15 10.95 -7.44
CA ILE A 11 5.41 9.75 -6.65
C ILE A 11 6.71 9.92 -5.84
N PRO A 12 6.61 10.13 -4.51
CA PRO A 12 7.80 10.33 -3.66
C PRO A 12 8.72 9.11 -3.64
N PRO A 13 10.06 9.31 -3.71
CA PRO A 13 11.01 8.18 -3.69
C PRO A 13 10.92 7.39 -2.39
N GLY A 14 11.42 6.16 -2.41
CA GLY A 14 11.41 5.32 -1.21
C GLY A 14 10.08 4.65 -0.94
N LEU A 15 8.98 5.21 -1.46
CA LEU A 15 7.66 4.63 -1.24
C LEU A 15 7.65 3.15 -1.59
N THR A 16 8.09 2.82 -2.79
CA THR A 16 8.13 1.44 -3.25
C THR A 16 8.84 0.54 -2.24
N GLU A 17 9.97 1.00 -1.72
CA GLU A 17 10.74 0.25 -0.74
C GLU A 17 9.90 -0.06 0.50
N LEU A 18 9.07 0.90 0.91
CA LEU A 18 8.23 0.73 2.08
C LEU A 18 7.10 -0.26 1.81
N LEU A 19 6.47 -0.12 0.65
CA LEU A 19 5.37 -0.99 0.26
C LEU A 19 5.86 -2.38 -0.14
N GLN A 20 7.07 -2.44 -0.71
CA GLN A 20 7.65 -3.70 -1.15
C GLN A 20 7.91 -4.62 0.04
N GLY A 21 8.46 -4.06 1.11
CA GLY A 21 8.75 -4.86 2.30
C GLY A 21 7.52 -5.59 2.79
N TYR A 22 6.38 -4.91 2.78
CA TYR A 22 5.14 -5.50 3.23
C TYR A 22 4.64 -6.56 2.24
N THR A 23 4.63 -6.19 0.95
CA THR A 23 4.16 -7.09 -0.11
C THR A 23 4.90 -8.43 -0.12
N VAL A 24 6.22 -8.39 -0.30
CA VAL A 24 7.02 -9.62 -0.36
C VAL A 24 6.71 -10.55 0.81
N GLU A 25 6.26 -9.98 1.92
CA GLU A 25 5.95 -10.78 3.10
C GLU A 25 4.58 -11.47 2.97
N VAL A 26 3.57 -10.73 2.51
CA VAL A 26 2.23 -11.28 2.36
C VAL A 26 2.24 -12.50 1.44
N LEU A 27 3.03 -12.44 0.38
CA LEU A 27 3.12 -13.52 -0.58
C LEU A 27 3.92 -14.70 -0.02
N ARG A 28 4.94 -14.40 0.77
CA ARG A 28 5.79 -15.43 1.35
C ARG A 28 5.21 -16.00 2.65
N GLN A 29 4.35 -15.21 3.32
CA GLN A 29 3.75 -15.64 4.59
C GLN A 29 2.29 -16.02 4.42
N GLN A 30 1.56 -15.21 3.64
CA GLN A 30 0.14 -15.45 3.40
C GLN A 30 -0.64 -15.44 4.71
N PRO A 31 -0.94 -14.23 5.24
CA PRO A 31 -1.68 -14.09 6.50
C PRO A 31 -3.20 -14.20 6.29
N PRO A 32 -3.98 -14.28 7.39
CA PRO A 32 -5.43 -14.40 7.31
C PRO A 32 -6.09 -13.07 6.90
N ASP A 33 -5.49 -11.96 7.33
CA ASP A 33 -6.02 -10.64 7.02
C ASP A 33 -4.92 -9.72 6.52
N LEU A 34 -5.32 -8.74 5.72
CA LEU A 34 -4.39 -7.76 5.16
C LEU A 34 -4.33 -6.51 6.04
N VAL A 35 -5.49 -6.06 6.50
CA VAL A 35 -5.56 -4.88 7.35
C VAL A 35 -4.85 -5.09 8.68
N GLU A 36 -5.07 -6.24 9.30
CA GLU A 36 -4.45 -6.56 10.59
C GLU A 36 -2.96 -6.77 10.41
N PHE A 37 -2.60 -7.62 9.44
CA PHE A 37 -1.21 -7.92 9.15
C PHE A 37 -0.42 -6.65 8.85
N ALA A 38 -1.10 -5.62 8.37
CA ALA A 38 -0.45 -4.36 8.04
C ALA A 38 0.02 -3.64 9.31
N VAL A 39 -0.83 -3.61 10.32
CA VAL A 39 -0.47 -2.99 11.59
C VAL A 39 0.69 -3.77 12.21
N GLU A 40 0.50 -5.06 12.41
CA GLU A 40 1.55 -5.89 12.99
C GLU A 40 2.90 -5.66 12.31
N TYR A 41 2.89 -5.40 11.00
CA TYR A 41 4.12 -5.19 10.24
C TYR A 41 4.68 -3.78 10.42
N PHE A 42 3.88 -2.76 10.15
CA PHE A 42 4.31 -1.36 10.25
C PHE A 42 4.41 -0.90 11.70
N THR A 43 3.47 -1.33 12.52
CA THR A 43 3.43 -0.93 13.92
C THR A 43 4.63 -1.48 14.69
N ARG A 44 4.98 -2.75 14.47
CA ARG A 44 6.12 -3.36 15.14
C ARG A 44 7.43 -2.90 14.51
N LEU A 45 7.37 -2.52 13.23
CA LEU A 45 8.55 -2.06 12.52
C LEU A 45 9.15 -0.83 13.21
N ARG A 46 8.33 0.19 13.40
CA ARG A 46 8.77 1.42 14.07
C ARG A 46 9.56 1.09 15.34
N GLU A 47 9.13 0.05 16.05
CA GLU A 47 9.78 -0.36 17.29
C GLU A 47 11.05 -1.14 16.98
N ALA A 48 11.03 -1.94 15.93
CA ALA A 48 12.18 -2.74 15.53
C ALA A 48 13.35 -1.84 15.12
N ARG A 49 13.03 -0.76 14.42
CA ARG A 49 14.05 0.18 13.97
C ARG A 49 14.36 1.22 15.04
N ALA A 50 15.51 1.88 14.92
CA ALA A 50 15.92 2.90 15.87
C ALA A 50 15.92 2.36 17.30
N GLY B 1 15.66 -18.43 -15.85
CA GLY B 1 15.62 -19.83 -15.33
C GLY B 1 14.36 -20.14 -14.55
N ALA B 2 13.46 -20.90 -15.17
CA ALA B 2 12.20 -21.26 -14.52
C ALA B 2 11.46 -22.32 -15.33
N MET B 3 11.08 -23.41 -14.66
CA MET B 3 10.35 -24.51 -15.32
C MET B 3 8.85 -24.27 -15.25
N GLY B 4 8.31 -24.23 -14.03
CA GLY B 4 6.89 -24.02 -13.85
C GLY B 4 6.41 -24.47 -12.48
N SER B 5 5.76 -23.56 -11.76
CA SER B 5 5.25 -23.88 -10.42
C SER B 5 4.37 -22.75 -9.89
N MET B 6 3.23 -23.12 -9.31
CA MET B 6 2.29 -22.14 -8.75
C MET B 6 1.61 -22.70 -7.50
N SER B 7 1.46 -21.86 -6.49
CA SER B 7 0.81 -22.26 -5.24
C SER B 7 0.49 -21.05 -4.37
N HIS B 8 1.42 -20.10 -4.34
CA HIS B 8 1.23 -18.88 -3.55
C HIS B 8 2.18 -17.77 -4.04
N ILE B 9 1.63 -16.88 -4.86
CA ILE B 9 2.38 -15.74 -5.41
C ILE B 9 1.42 -14.61 -5.75
N GLN B 10 0.35 -14.95 -6.47
CA GLN B 10 -0.64 -13.98 -6.89
C GLN B 10 -1.04 -13.04 -5.76
N ILE B 11 -1.18 -11.76 -6.07
CA ILE B 11 -1.55 -10.76 -5.07
C ILE B 11 -2.97 -11.03 -4.56
N PRO B 12 -3.13 -11.37 -3.26
CA PRO B 12 -4.45 -11.65 -2.69
C PRO B 12 -5.50 -10.62 -3.11
N PRO B 13 -6.80 -10.91 -2.90
CA PRO B 13 -7.89 -10.00 -3.27
C PRO B 13 -8.13 -8.93 -2.20
N GLY B 14 -7.61 -7.74 -2.44
CA GLY B 14 -7.78 -6.63 -1.49
C GLY B 14 -6.49 -5.88 -1.23
N LEU B 15 -5.36 -6.57 -1.33
CA LEU B 15 -4.06 -5.95 -1.08
C LEU B 15 -3.83 -4.74 -1.99
N THR B 16 -4.09 -4.89 -3.28
CA THR B 16 -3.87 -3.79 -4.22
C THR B 16 -4.60 -2.51 -3.78
N GLU B 17 -5.87 -2.65 -3.43
CA GLU B 17 -6.66 -1.50 -3.02
C GLU B 17 -6.22 -0.98 -1.65
N LEU B 18 -5.72 -1.87 -0.80
CA LEU B 18 -5.26 -1.49 0.53
C LEU B 18 -4.06 -0.56 0.44
N LEU B 19 -3.00 -1.02 -0.23
CA LEU B 19 -1.80 -0.21 -0.41
C LEU B 19 -2.17 1.10 -1.10
N GLN B 20 -3.14 1.02 -2.00
CA GLN B 20 -3.59 2.20 -2.74
C GLN B 20 -4.32 3.17 -1.81
N GLY B 21 -5.18 2.65 -0.95
CA GLY B 21 -5.92 3.48 -0.03
C GLY B 21 -5.02 4.39 0.78
N TYR B 22 -3.85 3.89 1.13
CA TYR B 22 -2.88 4.65 1.91
C TYR B 22 -2.09 5.63 1.02
N THR B 23 -1.63 5.12 -0.11
CA THR B 23 -0.84 5.92 -1.05
C THR B 23 -1.59 7.18 -1.50
N VAL B 24 -2.84 7.04 -1.92
CA VAL B 24 -3.63 8.18 -2.37
C VAL B 24 -3.62 9.30 -1.35
N GLU B 25 -3.57 8.92 -0.07
CA GLU B 25 -3.55 9.88 1.03
C GLU B 25 -2.17 10.51 1.17
N VAL B 26 -1.13 9.70 0.97
CA VAL B 26 0.23 10.19 1.08
C VAL B 26 0.50 11.28 0.05
N LEU B 27 0.16 11.00 -1.21
CA LEU B 27 0.37 11.97 -2.27
C LEU B 27 -0.36 13.28 -1.97
N ARG B 28 -1.59 13.17 -1.50
CA ARG B 28 -2.42 14.34 -1.18
C ARG B 28 -1.98 15.04 0.10
N GLN B 29 -1.30 14.33 1.00
CA GLN B 29 -0.86 14.90 2.28
C GLN B 29 0.65 15.09 2.33
N GLN B 30 1.37 14.01 2.05
CA GLN B 30 2.83 14.04 2.06
C GLN B 30 3.35 14.31 3.47
N PRO B 31 3.46 13.26 4.31
CA PRO B 31 3.93 13.39 5.69
C PRO B 31 5.45 13.32 5.81
N PRO B 32 6.00 13.57 7.02
CA PRO B 32 7.45 13.53 7.25
C PRO B 32 7.99 12.10 7.30
N ASP B 33 7.14 11.16 7.72
CA ASP B 33 7.53 9.75 7.82
C ASP B 33 6.49 8.84 7.18
N LEU B 34 6.96 7.88 6.40
CA LEU B 34 6.09 6.94 5.71
C LEU B 34 5.58 5.86 6.65
N VAL B 35 6.47 5.35 7.50
CA VAL B 35 6.10 4.31 8.45
C VAL B 35 5.12 4.83 9.50
N GLU B 36 5.40 5.98 10.07
CA GLU B 36 4.53 6.57 11.09
C GLU B 36 3.14 6.82 10.55
N PHE B 37 3.05 7.57 9.47
CA PHE B 37 1.76 7.88 8.85
C PHE B 37 1.00 6.60 8.50
N ALA B 38 1.73 5.51 8.30
CA ALA B 38 1.13 4.22 7.96
C ALA B 38 0.54 3.53 9.19
N VAL B 39 1.31 3.47 10.27
CA VAL B 39 0.84 2.83 11.50
C VAL B 39 -0.51 3.40 11.93
N GLU B 40 -0.57 4.72 12.08
CA GLU B 40 -1.80 5.40 12.47
C GLU B 40 -2.92 5.12 11.47
N TYR B 41 -2.59 5.11 10.19
CA TYR B 41 -3.56 4.86 9.13
C TYR B 41 -4.18 3.47 9.27
N PHE B 42 -3.35 2.43 9.19
CA PHE B 42 -3.84 1.06 9.29
C PHE B 42 -4.55 0.82 10.62
N THR B 43 -3.97 1.32 11.71
CA THR B 43 -4.57 1.14 13.04
C THR B 43 -5.99 1.71 13.06
N ARG B 44 -6.22 2.75 12.27
CA ARG B 44 -7.53 3.39 12.19
C ARG B 44 -8.49 2.55 11.36
N LEU B 45 -7.96 1.93 10.30
CA LEU B 45 -8.77 1.11 9.40
C LEU B 45 -9.51 0.01 10.16
N ARG B 46 -8.76 -0.82 10.88
CA ARG B 46 -9.36 -1.91 11.64
C ARG B 46 -10.17 -1.41 12.83
N GLU B 47 -9.78 -0.26 13.36
CA GLU B 47 -10.48 0.33 14.51
C GLU B 47 -11.74 1.07 14.05
N ALA B 48 -11.76 1.49 12.79
CA ALA B 48 -12.90 2.22 12.23
C ALA B 48 -13.98 1.25 11.74
N ARG B 49 -13.56 0.07 11.28
CA ARG B 49 -14.51 -0.93 10.78
C ARG B 49 -15.05 -1.77 11.92
N ALA B 50 -15.97 -2.68 11.60
CA ALA B 50 -16.58 -3.56 12.59
C ALA B 50 -15.52 -4.26 13.43
N ALA C 1 -20.20 -2.94 -4.26
CA ALA C 1 -20.85 -1.64 -4.55
C ALA C 1 -22.36 -1.72 -4.34
N MET C 2 -22.87 -0.96 -3.38
CA MET C 2 -24.29 -0.95 -3.08
C MET C 2 -25.09 -0.41 -4.27
N ALA C 3 -26.32 -0.92 -4.42
CA ALA C 3 -27.18 -0.49 -5.52
C ALA C 3 -27.99 0.75 -5.14
N ASP C 4 -27.29 1.77 -4.67
CA ASP C 4 -27.95 3.01 -4.26
C ASP C 4 -26.93 4.12 -4.00
N ILE C 5 -25.82 4.09 -4.75
CA ILE C 5 -24.76 5.07 -4.61
C ILE C 5 -24.24 5.52 -5.98
N GLY C 6 -24.66 6.70 -6.41
CA GLY C 6 -24.23 7.23 -7.70
C GLY C 6 -23.08 8.21 -7.57
N SER C 7 -21.86 7.67 -7.60
CA SER C 7 -20.65 8.49 -7.49
C SER C 7 -20.40 8.95 -6.04
N ALA C 8 -21.42 9.57 -5.44
CA ALA C 8 -21.33 10.05 -4.07
C ALA C 8 -20.54 11.36 -3.99
N SER C 9 -19.28 11.32 -4.45
CA SER C 9 -18.44 12.52 -4.42
C SER C 9 -17.21 12.33 -5.30
N GLY C 10 -16.53 11.20 -5.16
CA GLY C 10 -15.35 10.91 -5.94
C GLY C 10 -14.06 11.23 -5.19
N TYR C 11 -13.81 10.47 -4.14
CA TYR C 11 -12.62 10.66 -3.31
C TYR C 11 -11.37 10.85 -4.15
N VAL C 12 -10.50 11.77 -3.70
CA VAL C 12 -9.25 12.10 -4.39
C VAL C 12 -9.51 12.81 -5.73
N PRO C 13 -8.70 13.83 -6.08
CA PRO C 13 -8.87 14.61 -7.32
C PRO C 13 -8.49 13.84 -8.60
N GLU C 14 -8.97 12.60 -8.72
CA GLU C 14 -8.72 11.78 -9.90
C GLU C 14 -7.23 11.53 -10.16
N GLU C 15 -6.48 12.56 -10.57
CA GLU C 15 -5.05 12.41 -10.87
C GLU C 15 -4.31 11.70 -9.74
N ILE C 16 -4.84 11.81 -8.54
CA ILE C 16 -4.24 11.16 -7.38
C ILE C 16 -4.48 9.65 -7.43
N TRP C 17 -5.56 9.25 -8.10
CA TRP C 17 -5.90 7.84 -8.23
C TRP C 17 -5.05 7.16 -9.29
N LYS C 18 -4.95 7.79 -10.45
CA LYS C 18 -4.14 7.23 -11.52
C LYS C 18 -2.72 7.03 -11.02
N LYS C 19 -2.19 8.02 -10.32
CA LYS C 19 -0.83 7.94 -9.81
C LYS C 19 -0.70 6.90 -8.70
N ALA C 20 -1.49 7.04 -7.62
CA ALA C 20 -1.45 6.11 -6.50
C ALA C 20 -1.51 4.66 -6.98
N GLU C 21 -2.36 4.41 -7.98
CA GLU C 21 -2.52 3.07 -8.53
C GLU C 21 -1.21 2.57 -9.14
N GLU C 22 -0.45 3.49 -9.73
CA GLU C 22 0.83 3.14 -10.32
C GLU C 22 1.81 2.66 -9.25
N ALA C 23 1.86 3.39 -8.14
CA ALA C 23 2.75 3.04 -7.03
C ALA C 23 2.55 1.60 -6.56
N VAL C 24 1.29 1.20 -6.43
CA VAL C 24 0.96 -0.15 -5.96
C VAL C 24 1.22 -1.21 -7.02
N ASN C 25 0.81 -0.93 -8.24
CA ASN C 25 1.01 -1.86 -9.34
C ASN C 25 2.49 -2.10 -9.59
N GLU C 26 3.29 -1.07 -9.39
CA GLU C 26 4.72 -1.18 -9.58
C GLU C 26 5.39 -1.96 -8.45
N VAL C 27 5.15 -1.56 -7.20
CA VAL C 27 5.76 -2.23 -6.06
C VAL C 27 5.30 -3.68 -5.90
N LYS C 28 4.06 -3.98 -6.31
CA LYS C 28 3.53 -5.33 -6.18
C LYS C 28 4.14 -6.23 -7.25
N ARG C 29 4.20 -5.73 -8.49
CA ARG C 29 4.80 -6.48 -9.57
C ARG C 29 6.28 -6.69 -9.29
N GLN C 30 6.85 -5.81 -8.45
CA GLN C 30 8.27 -5.89 -8.09
C GLN C 30 8.53 -6.96 -7.02
N ALA C 31 7.83 -6.88 -5.89
CA ALA C 31 7.98 -7.84 -4.78
C ALA C 31 8.03 -9.29 -5.27
N MET C 32 7.28 -9.57 -6.32
CA MET C 32 7.24 -10.92 -6.87
C MET C 32 8.66 -11.38 -7.27
N THR C 33 9.52 -10.42 -7.60
CA THR C 33 10.90 -10.72 -7.99
C THR C 33 11.74 -11.12 -6.77
N GLU C 34 11.56 -10.39 -5.68
CA GLU C 34 12.31 -10.66 -4.45
C GLU C 34 12.06 -12.08 -3.95
N LEU C 35 10.85 -12.58 -4.18
CA LEU C 35 10.49 -13.93 -3.74
C LEU C 35 10.82 -14.97 -4.79
N GLN C 36 10.88 -14.54 -6.05
CA GLN C 36 11.19 -15.45 -7.15
C GLN C 36 12.68 -15.78 -7.18
N LYS C 37 13.42 -15.32 -6.16
CA LYS C 37 14.86 -15.58 -6.08
C LYS C 37 15.24 -16.08 -4.68
N ALA C 38 14.32 -16.78 -4.04
CA ALA C 38 14.56 -17.32 -2.71
C ALA C 38 15.54 -18.48 -2.75
N GLY A 1 -6.55 19.43 -3.39
CA GLY A 1 -5.48 20.26 -4.04
C GLY A 1 -5.70 21.75 -3.84
N ALA A 2 -5.82 22.48 -4.95
CA ALA A 2 -6.03 23.92 -4.89
C ALA A 2 -6.37 24.48 -6.27
N MET A 3 -7.52 25.15 -6.37
CA MET A 3 -7.97 25.74 -7.64
C MET A 3 -8.50 24.66 -8.57
N GLY A 4 -9.04 23.59 -8.00
CA GLY A 4 -9.58 22.52 -8.80
C GLY A 4 -8.52 21.83 -9.65
N SER A 5 -8.79 21.71 -10.95
CA SER A 5 -7.86 21.08 -11.87
C SER A 5 -6.48 21.74 -11.80
N MET A 6 -5.55 21.24 -12.60
CA MET A 6 -4.20 21.78 -12.65
C MET A 6 -3.57 21.76 -11.25
N SER A 7 -2.64 20.84 -11.03
CA SER A 7 -1.97 20.70 -9.74
C SER A 7 -0.53 20.23 -9.92
N HIS A 8 0.01 19.56 -8.90
CA HIS A 8 1.38 19.05 -8.95
C HIS A 8 1.54 17.87 -8.00
N ILE A 9 1.86 16.71 -8.56
CA ILE A 9 2.04 15.49 -7.78
C ILE A 9 3.26 14.72 -8.28
N GLN A 10 3.92 14.00 -7.38
CA GLN A 10 5.09 13.22 -7.76
C GLN A 10 5.28 12.02 -6.83
N ILE A 11 5.19 10.81 -7.39
CA ILE A 11 5.36 9.59 -6.61
C ILE A 11 6.49 9.75 -5.58
N PRO A 12 6.14 10.01 -4.30
CA PRO A 12 7.12 10.20 -3.23
C PRO A 12 8.20 9.11 -3.20
N PRO A 13 9.46 9.44 -3.54
CA PRO A 13 10.55 8.46 -3.51
C PRO A 13 10.61 7.69 -2.20
N GLY A 14 10.96 6.41 -2.26
CA GLY A 14 11.07 5.60 -1.06
C GLY A 14 9.75 4.94 -0.67
N LEU A 15 8.63 5.54 -1.07
CA LEU A 15 7.32 4.99 -0.75
C LEU A 15 7.21 3.55 -1.26
N THR A 16 7.70 3.31 -2.46
CA THR A 16 7.63 1.99 -3.06
C THR A 16 8.32 0.95 -2.18
N GLU A 17 9.48 1.31 -1.64
CA GLU A 17 10.24 0.39 -0.80
C GLU A 17 9.46 0.06 0.48
N LEU A 18 8.63 1.00 0.95
CA LEU A 18 7.84 0.79 2.15
C LEU A 18 6.70 -0.20 1.90
N LEU A 19 6.03 -0.04 0.76
CA LEU A 19 4.91 -0.92 0.41
C LEU A 19 5.41 -2.31 0.04
N GLN A 20 6.53 -2.36 -0.69
CA GLN A 20 7.10 -3.63 -1.12
C GLN A 20 7.37 -4.55 0.08
N GLY A 21 7.89 -3.98 1.16
CA GLY A 21 8.17 -4.76 2.35
C GLY A 21 6.95 -5.52 2.83
N TYR A 22 5.83 -4.83 2.96
CA TYR A 22 4.60 -5.46 3.40
C TYR A 22 4.16 -6.49 2.37
N THR A 23 4.28 -6.12 1.09
CA THR A 23 3.90 -6.99 -0.01
C THR A 23 4.61 -8.35 0.05
N VAL A 24 5.94 -8.32 0.01
CA VAL A 24 6.74 -9.55 0.05
C VAL A 24 6.39 -10.40 1.28
N GLU A 25 6.06 -9.75 2.38
CA GLU A 25 5.72 -10.47 3.60
C GLU A 25 4.40 -11.20 3.46
N VAL A 26 3.41 -10.51 2.91
CA VAL A 26 2.10 -11.12 2.70
C VAL A 26 2.19 -12.23 1.65
N LEU A 27 3.07 -12.02 0.68
CA LEU A 27 3.30 -12.98 -0.39
C LEU A 27 4.09 -14.19 0.13
N ARG A 28 5.04 -13.92 1.01
CA ARG A 28 5.87 -14.97 1.58
C ARG A 28 5.23 -15.62 2.80
N GLN A 29 4.30 -14.91 3.46
CA GLN A 29 3.62 -15.43 4.65
C GLN A 29 2.15 -15.72 4.38
N GLN A 30 1.45 -14.73 3.83
CA GLN A 30 0.02 -14.88 3.54
C GLN A 30 -0.79 -15.05 4.83
N PRO A 31 -1.28 -13.93 5.40
CA PRO A 31 -2.06 -13.96 6.65
C PRO A 31 -3.56 -14.04 6.40
N PRO A 32 -4.36 -14.19 7.47
CA PRO A 32 -5.82 -14.28 7.36
C PRO A 32 -6.46 -12.92 7.06
N ASP A 33 -5.82 -11.86 7.56
CA ASP A 33 -6.32 -10.50 7.36
C ASP A 33 -5.20 -9.57 6.91
N LEU A 34 -5.50 -8.72 5.93
CA LEU A 34 -4.53 -7.78 5.40
C LEU A 34 -4.39 -6.57 6.32
N VAL A 35 -5.52 -5.94 6.64
CA VAL A 35 -5.52 -4.77 7.51
C VAL A 35 -4.83 -5.08 8.84
N GLU A 36 -5.07 -6.28 9.34
CA GLU A 36 -4.47 -6.72 10.60
C GLU A 36 -2.97 -6.88 10.45
N PHE A 37 -2.55 -7.65 9.45
CA PHE A 37 -1.14 -7.88 9.20
C PHE A 37 -0.40 -6.57 8.93
N ALA A 38 -1.10 -5.58 8.41
CA ALA A 38 -0.49 -4.29 8.11
C ALA A 38 -0.07 -3.58 9.40
N VAL A 39 -0.91 -3.64 10.42
CA VAL A 39 -0.58 -3.02 11.70
C VAL A 39 0.59 -3.79 12.30
N GLU A 40 0.40 -5.08 12.53
CA GLU A 40 1.47 -5.91 13.10
C GLU A 40 2.77 -5.71 12.33
N TYR A 41 2.66 -5.45 11.04
CA TYR A 41 3.84 -5.24 10.20
C TYR A 41 4.42 -3.83 10.35
N PHE A 42 3.57 -2.81 10.26
CA PHE A 42 4.02 -1.42 10.37
C PHE A 42 4.40 -1.04 11.81
N THR A 43 3.52 -1.32 12.75
CA THR A 43 3.79 -0.96 14.15
C THR A 43 5.11 -1.56 14.64
N ARG A 44 5.31 -2.85 14.39
CA ARG A 44 6.53 -3.53 14.83
C ARG A 44 7.76 -2.99 14.12
N LEU A 45 7.59 -2.56 12.87
CA LEU A 45 8.71 -2.02 12.09
C LEU A 45 9.30 -0.78 12.77
N ARG A 46 8.45 0.20 13.03
CA ARG A 46 8.87 1.45 13.68
C ARG A 46 9.66 1.16 14.96
N GLU A 47 9.41 0.01 15.57
CA GLU A 47 10.10 -0.38 16.80
C GLU A 47 11.49 -0.93 16.49
N ALA A 48 11.63 -1.54 15.32
CA ALA A 48 12.89 -2.12 14.89
C ALA A 48 13.88 -1.04 14.45
N ARG A 49 13.36 0.08 13.95
CA ARG A 49 14.19 1.19 13.48
C ARG A 49 13.69 2.51 14.06
N ALA A 50 14.24 3.61 13.56
CA ALA A 50 13.84 4.94 14.02
C ALA A 50 13.96 5.06 15.54
N GLY B 1 -7.54 -25.68 -4.84
CA GLY B 1 -7.30 -27.12 -4.58
C GLY B 1 -6.88 -27.40 -3.16
N ALA B 2 -5.61 -27.18 -2.86
CA ALA B 2 -5.09 -27.40 -1.52
C ALA B 2 -3.65 -26.89 -1.39
N MET B 3 -2.85 -27.15 -2.41
CA MET B 3 -1.45 -26.71 -2.41
C MET B 3 -0.82 -26.92 -3.79
N GLY B 4 -0.13 -25.91 -4.28
CA GLY B 4 0.51 -26.00 -5.59
C GLY B 4 1.36 -24.79 -5.91
N SER B 5 2.50 -24.67 -5.25
CA SER B 5 3.40 -23.54 -5.46
C SER B 5 4.00 -23.59 -6.87
N MET B 6 4.44 -24.78 -7.29
CA MET B 6 5.03 -24.96 -8.61
C MET B 6 6.19 -23.99 -8.81
N SER B 7 6.85 -23.61 -7.72
CA SER B 7 7.98 -22.69 -7.79
C SER B 7 7.57 -21.37 -8.44
N HIS B 8 6.62 -20.68 -7.82
CA HIS B 8 6.14 -19.40 -8.32
C HIS B 8 5.26 -18.72 -7.29
N ILE B 9 4.42 -17.79 -7.73
CA ILE B 9 3.56 -17.08 -6.81
C ILE B 9 2.45 -16.31 -7.50
N GLN B 10 1.38 -16.02 -6.76
CA GLN B 10 0.25 -15.26 -7.26
C GLN B 10 -0.27 -14.32 -6.18
N ILE B 11 -0.43 -13.05 -6.52
CA ILE B 11 -0.90 -12.05 -5.58
C ILE B 11 -2.40 -12.23 -5.28
N PRO B 12 -2.83 -11.97 -4.03
CA PRO B 12 -4.24 -12.10 -3.64
C PRO B 12 -5.09 -10.89 -4.05
N PRO B 13 -6.42 -11.03 -4.03
CA PRO B 13 -7.33 -9.94 -4.39
C PRO B 13 -7.64 -9.01 -3.22
N GLY B 14 -7.86 -7.72 -3.54
CA GLY B 14 -8.17 -6.75 -2.51
C GLY B 14 -6.93 -6.04 -1.97
N LEU B 15 -5.84 -6.79 -1.86
CA LEU B 15 -4.58 -6.24 -1.35
C LEU B 15 -4.18 -4.99 -2.13
N THR B 16 -4.28 -5.05 -3.45
CA THR B 16 -3.93 -3.91 -4.28
C THR B 16 -4.71 -2.66 -3.85
N GLU B 17 -6.01 -2.84 -3.64
CA GLU B 17 -6.89 -1.75 -3.23
C GLU B 17 -6.50 -1.18 -1.87
N LEU B 18 -5.98 -2.03 -0.99
CA LEU B 18 -5.57 -1.59 0.35
C LEU B 18 -4.36 -0.65 0.29
N LEU B 19 -3.34 -1.06 -0.47
CA LEU B 19 -2.13 -0.26 -0.59
C LEU B 19 -2.41 1.09 -1.26
N GLN B 20 -3.02 1.07 -2.43
CA GLN B 20 -3.32 2.31 -3.15
C GLN B 20 -4.17 3.25 -2.29
N GLY B 21 -5.02 2.68 -1.44
CA GLY B 21 -5.86 3.49 -0.58
C GLY B 21 -5.03 4.40 0.32
N TYR B 22 -3.89 3.89 0.74
CA TYR B 22 -2.98 4.66 1.60
C TYR B 22 -2.16 5.63 0.75
N THR B 23 -1.70 5.16 -0.40
CA THR B 23 -0.90 5.95 -1.32
C THR B 23 -1.62 7.24 -1.72
N VAL B 24 -2.92 7.14 -2.07
CA VAL B 24 -3.69 8.30 -2.48
C VAL B 24 -3.62 9.40 -1.42
N GLU B 25 -3.47 9.01 -0.16
CA GLU B 25 -3.39 9.96 0.95
C GLU B 25 -2.00 10.58 1.02
N VAL B 26 -0.97 9.74 0.96
CA VAL B 26 0.41 10.21 1.00
C VAL B 26 0.63 11.29 -0.05
N LEU B 27 0.18 11.01 -1.26
CA LEU B 27 0.32 11.96 -2.37
C LEU B 27 -0.36 13.29 -2.05
N ARG B 28 -1.55 13.21 -1.48
CA ARG B 28 -2.33 14.40 -1.14
C ARG B 28 -1.89 15.08 0.16
N GLN B 29 -1.24 14.32 1.06
CA GLN B 29 -0.80 14.88 2.34
C GLN B 29 0.70 15.08 2.40
N GLN B 30 1.44 14.04 2.05
CA GLN B 30 2.90 14.10 2.08
C GLN B 30 3.38 14.31 3.52
N PRO B 31 3.37 13.26 4.35
CA PRO B 31 3.78 13.35 5.75
C PRO B 31 5.30 13.30 5.91
N PRO B 32 5.80 13.57 7.15
CA PRO B 32 7.24 13.55 7.42
C PRO B 32 7.82 12.14 7.42
N ASP B 33 7.00 11.17 7.85
CA ASP B 33 7.41 9.77 7.91
C ASP B 33 6.36 8.86 7.29
N LEU B 34 6.81 7.91 6.49
CA LEU B 34 5.92 6.97 5.83
C LEU B 34 5.33 5.97 6.82
N VAL B 35 6.16 5.51 7.75
CA VAL B 35 5.71 4.55 8.75
C VAL B 35 4.70 5.19 9.71
N GLU B 36 5.10 6.29 10.35
CA GLU B 36 4.22 6.98 11.29
C GLU B 36 2.84 7.18 10.69
N PHE B 37 2.78 7.67 9.46
CA PHE B 37 1.52 7.91 8.78
C PHE B 37 0.83 6.60 8.42
N ALA B 38 1.61 5.53 8.27
CA ALA B 38 1.06 4.22 7.93
C ALA B 38 0.42 3.54 9.12
N VAL B 39 1.12 3.55 10.26
CA VAL B 39 0.58 2.93 11.47
C VAL B 39 -0.78 3.51 11.79
N GLU B 40 -0.84 4.82 12.00
CA GLU B 40 -2.09 5.49 12.32
C GLU B 40 -3.18 5.15 11.29
N TYR B 41 -2.78 4.99 10.04
CA TYR B 41 -3.74 4.66 8.98
C TYR B 41 -4.31 3.25 9.14
N PHE B 42 -3.43 2.27 9.27
CA PHE B 42 -3.87 0.88 9.42
C PHE B 42 -4.37 0.59 10.83
N THR B 43 -3.62 1.04 11.83
CA THR B 43 -4.01 0.82 13.23
C THR B 43 -5.37 1.47 13.53
N ARG B 44 -5.71 2.52 12.80
CA ARG B 44 -7.00 3.20 13.00
C ARG B 44 -8.12 2.37 12.41
N LEU B 45 -7.83 1.72 11.28
CA LEU B 45 -8.82 0.87 10.61
C LEU B 45 -9.11 -0.37 11.44
N ARG B 46 -8.04 -1.03 11.87
CA ARG B 46 -8.17 -2.23 12.69
C ARG B 46 -8.93 -1.95 13.98
N GLU B 47 -8.71 -0.78 14.56
CA GLU B 47 -9.38 -0.40 15.80
C GLU B 47 -10.78 0.13 15.52
N ALA B 48 -10.99 0.64 14.30
CA ALA B 48 -12.28 1.20 13.91
C ALA B 48 -13.21 0.13 13.34
N ARG B 49 -12.64 -0.92 12.74
CA ARG B 49 -13.44 -1.99 12.16
C ARG B 49 -14.10 -2.83 13.24
N ALA B 50 -15.29 -3.36 12.92
CA ALA B 50 -16.04 -4.19 13.86
C ALA B 50 -17.36 -4.65 13.25
N ALA C 1 -16.41 -1.98 -1.46
CA ALA C 1 -14.95 -1.69 -1.47
C ALA C 1 -14.51 -1.14 -0.12
N MET C 2 -15.16 -0.07 0.33
CA MET C 2 -14.83 0.56 1.61
C MET C 2 -16.10 1.07 2.30
N ALA C 3 -16.96 1.73 1.53
CA ALA C 3 -18.21 2.27 2.07
C ALA C 3 -17.94 3.35 3.11
N ASP C 4 -17.65 4.56 2.63
CA ASP C 4 -17.37 5.69 3.52
C ASP C 4 -18.66 6.42 3.88
N ILE C 5 -18.60 7.24 4.93
CA ILE C 5 -19.77 8.00 5.38
C ILE C 5 -20.20 9.03 4.33
N GLY C 6 -19.26 9.43 3.48
CA GLY C 6 -19.56 10.40 2.44
C GLY C 6 -18.75 10.17 1.18
N SER C 7 -18.80 11.14 0.26
CA SER C 7 -18.07 11.05 -1.00
C SER C 7 -16.78 11.86 -0.94
N ALA C 8 -16.92 13.16 -0.69
CA ALA C 8 -15.77 14.05 -0.60
C ALA C 8 -15.00 14.07 -1.93
N SER C 9 -15.31 15.07 -2.77
CA SER C 9 -14.65 15.20 -4.06
C SER C 9 -14.92 13.99 -4.94
N GLY C 10 -14.31 13.96 -6.13
CA GLY C 10 -14.51 12.86 -7.05
C GLY C 10 -13.58 11.69 -6.77
N TYR C 11 -13.55 11.25 -5.51
CA TYR C 11 -12.69 10.15 -5.11
C TYR C 11 -11.26 10.45 -5.57
N VAL C 12 -10.59 11.31 -4.81
CA VAL C 12 -9.23 11.74 -5.11
C VAL C 12 -9.19 12.42 -6.50
N PRO C 13 -8.55 13.60 -6.63
CA PRO C 13 -8.50 14.31 -7.91
C PRO C 13 -7.67 13.59 -8.96
N GLU C 14 -8.38 12.95 -9.91
CA GLU C 14 -7.81 12.20 -11.03
C GLU C 14 -6.31 11.89 -10.87
N GLU C 15 -5.46 12.89 -11.09
CA GLU C 15 -4.01 12.72 -11.02
C GLU C 15 -3.57 11.92 -9.79
N ILE C 16 -4.34 12.01 -8.71
CA ILE C 16 -4.01 11.30 -7.48
C ILE C 16 -4.31 9.81 -7.60
N TRP C 17 -5.27 9.46 -8.45
CA TRP C 17 -5.63 8.06 -8.65
C TRP C 17 -4.65 7.36 -9.58
N LYS C 18 -4.37 8.01 -10.71
CA LYS C 18 -3.43 7.46 -11.67
C LYS C 18 -2.10 7.18 -10.98
N LYS C 19 -1.64 8.14 -10.18
CA LYS C 19 -0.37 7.99 -9.48
C LYS C 19 -0.42 6.87 -8.44
N ALA C 20 -1.34 6.95 -7.48
CA ALA C 20 -1.45 5.94 -6.43
C ALA C 20 -1.49 4.53 -7.02
N GLU C 21 -2.14 4.39 -8.17
CA GLU C 21 -2.26 3.09 -8.84
C GLU C 21 -0.92 2.62 -9.39
N GLU C 22 -0.14 3.54 -9.95
CA GLU C 22 1.17 3.20 -10.49
C GLU C 22 2.08 2.66 -9.40
N ALA C 23 2.07 3.32 -8.24
CA ALA C 23 2.91 2.90 -7.14
C ALA C 23 2.71 1.44 -6.77
N VAL C 24 1.46 1.06 -6.50
CA VAL C 24 1.13 -0.31 -6.12
C VAL C 24 1.42 -1.30 -7.23
N ASN C 25 1.14 -0.92 -8.47
CA ASN C 25 1.41 -1.81 -9.60
C ASN C 25 2.90 -2.11 -9.64
N GLU C 26 3.69 -1.09 -9.34
CA GLU C 26 5.14 -1.23 -9.31
C GLU C 26 5.58 -2.07 -8.11
N VAL C 27 5.13 -1.71 -6.91
CA VAL C 27 5.50 -2.44 -5.69
C VAL C 27 5.08 -3.90 -5.76
N LYS C 28 4.02 -4.17 -6.51
CA LYS C 28 3.48 -5.51 -6.67
C LYS C 28 4.35 -6.33 -7.62
N ARG C 29 4.66 -5.76 -8.77
CA ARG C 29 5.49 -6.45 -9.75
C ARG C 29 6.89 -6.71 -9.18
N GLN C 30 7.32 -5.84 -8.26
CA GLN C 30 8.62 -5.96 -7.64
C GLN C 30 8.64 -7.02 -6.53
N ALA C 31 7.74 -6.88 -5.55
CA ALA C 31 7.67 -7.83 -4.43
C ALA C 31 7.71 -9.28 -4.92
N MET C 32 7.16 -9.50 -6.10
CA MET C 32 7.14 -10.84 -6.69
C MET C 32 8.54 -11.26 -7.11
N THR C 33 9.35 -10.32 -7.58
CA THR C 33 10.72 -10.65 -7.98
C THR C 33 11.51 -11.08 -6.75
N GLU C 34 11.22 -10.46 -5.63
CA GLU C 34 11.89 -10.81 -4.37
C GLU C 34 11.52 -12.25 -3.99
N LEU C 35 10.37 -12.70 -4.49
CA LEU C 35 9.87 -14.04 -4.23
C LEU C 35 10.38 -15.02 -5.28
N GLN C 36 10.18 -14.66 -6.55
CA GLN C 36 10.61 -15.51 -7.65
C GLN C 36 12.08 -15.89 -7.52
N LYS C 37 12.85 -15.08 -6.80
CA LYS C 37 14.27 -15.33 -6.61
C LYS C 37 14.85 -14.44 -5.53
N ALA C 38 14.46 -14.69 -4.28
CA ALA C 38 14.96 -13.90 -3.16
C ALA C 38 16.48 -13.93 -3.09
N GLY A 1 18.97 16.22 -15.02
CA GLY A 1 18.10 15.12 -14.54
C GLY A 1 16.88 14.90 -15.42
N ALA A 2 17.06 14.14 -16.49
CA ALA A 2 15.97 13.86 -17.43
C ALA A 2 14.89 13.01 -16.76
N MET A 3 14.03 13.67 -15.97
CA MET A 3 12.96 12.98 -15.28
C MET A 3 11.98 13.98 -14.66
N GLY A 4 11.31 14.74 -15.52
CA GLY A 4 10.36 15.73 -15.03
C GLY A 4 9.82 16.61 -16.15
N SER A 5 8.60 17.11 -15.96
CA SER A 5 7.97 17.97 -16.96
C SER A 5 6.72 18.62 -16.38
N MET A 6 5.67 17.82 -16.17
CA MET A 6 4.42 18.32 -15.63
C MET A 6 4.61 18.77 -14.18
N SER A 7 3.53 19.23 -13.56
CA SER A 7 3.59 19.69 -12.17
C SER A 7 2.21 19.57 -11.50
N HIS A 8 2.15 18.78 -10.44
CA HIS A 8 0.91 18.57 -9.69
C HIS A 8 1.13 17.56 -8.58
N ILE A 9 1.63 16.39 -8.95
CA ILE A 9 1.90 15.31 -8.01
C ILE A 9 3.22 14.63 -8.36
N GLN A 10 3.86 14.02 -7.35
CA GLN A 10 5.14 13.34 -7.58
C GLN A 10 5.31 12.16 -6.64
N ILE A 11 5.18 10.94 -7.18
CA ILE A 11 5.33 9.71 -6.38
C ILE A 11 6.48 9.86 -5.38
N PRO A 12 6.16 10.16 -4.09
CA PRO A 12 7.20 10.31 -3.05
C PRO A 12 8.16 9.13 -3.00
N PRO A 13 9.45 9.33 -3.37
CA PRO A 13 10.45 8.26 -3.35
C PRO A 13 10.39 7.44 -2.06
N GLY A 14 10.89 6.21 -2.12
CA GLY A 14 10.90 5.35 -0.95
C GLY A 14 9.59 4.58 -0.79
N LEU A 15 8.52 5.07 -1.40
CA LEU A 15 7.22 4.42 -1.32
C LEU A 15 7.30 2.99 -1.86
N THR A 16 8.16 2.79 -2.85
CA THR A 16 8.32 1.47 -3.45
C THR A 16 8.93 0.50 -2.46
N GLU A 17 10.05 0.89 -1.87
CA GLU A 17 10.75 0.05 -0.90
C GLU A 17 9.92 -0.18 0.36
N LEU A 18 9.13 0.82 0.76
CA LEU A 18 8.30 0.71 1.95
C LEU A 18 7.17 -0.29 1.76
N LEU A 19 6.51 -0.20 0.60
CA LEU A 19 5.39 -1.09 0.29
C LEU A 19 5.89 -2.49 -0.04
N GLN A 20 7.11 -2.58 -0.55
CA GLN A 20 7.70 -3.87 -0.92
C GLN A 20 7.90 -4.73 0.33
N GLY A 21 8.42 -4.13 1.39
CA GLY A 21 8.62 -4.86 2.62
C GLY A 21 7.35 -5.51 3.12
N TYR A 22 6.26 -4.73 3.12
CA TYR A 22 4.97 -5.26 3.55
C TYR A 22 4.44 -6.24 2.52
N THR A 23 4.48 -5.85 1.25
CA THR A 23 3.98 -6.68 0.17
C THR A 23 4.67 -8.04 0.11
N VAL A 24 6.00 -8.03 -0.08
CA VAL A 24 6.77 -9.26 -0.16
C VAL A 24 6.48 -10.19 1.02
N GLU A 25 6.06 -9.61 2.14
CA GLU A 25 5.75 -10.39 3.33
C GLU A 25 4.37 -11.04 3.23
N VAL A 26 3.40 -10.28 2.71
CA VAL A 26 2.04 -10.80 2.56
C VAL A 26 2.03 -12.08 1.73
N LEU A 27 2.87 -12.11 0.69
CA LEU A 27 2.96 -13.27 -0.20
C LEU A 27 3.76 -14.40 0.46
N ARG A 28 4.91 -14.06 1.01
CA ARG A 28 5.78 -15.05 1.66
C ARG A 28 5.11 -15.68 2.88
N GLN A 29 4.14 -14.99 3.47
CA GLN A 29 3.45 -15.49 4.66
C GLN A 29 2.02 -15.91 4.34
N GLN A 30 1.36 -15.16 3.46
CA GLN A 30 -0.03 -15.46 3.10
C GLN A 30 -0.92 -15.41 4.36
N PRO A 31 -1.21 -14.20 4.85
CA PRO A 31 -2.02 -14.01 6.06
C PRO A 31 -3.52 -14.06 5.79
N PRO A 32 -4.36 -14.18 6.85
CA PRO A 32 -5.81 -14.24 6.72
C PRO A 32 -6.43 -12.85 6.49
N ASP A 33 -5.82 -11.82 7.05
CA ASP A 33 -6.30 -10.46 6.92
C ASP A 33 -5.18 -9.51 6.53
N LEU A 34 -5.54 -8.52 5.72
CA LEU A 34 -4.58 -7.53 5.24
C LEU A 34 -4.44 -6.37 6.24
N VAL A 35 -5.58 -5.85 6.68
CA VAL A 35 -5.59 -4.74 7.64
C VAL A 35 -4.75 -5.06 8.86
N GLU A 36 -4.83 -6.31 9.33
CA GLU A 36 -4.08 -6.74 10.51
C GLU A 36 -2.60 -6.92 10.16
N PHE A 37 -2.34 -7.76 9.16
CA PHE A 37 -0.97 -8.03 8.73
C PHE A 37 -0.18 -6.74 8.50
N ALA A 38 -0.87 -5.66 8.15
CA ALA A 38 -0.23 -4.39 7.89
C ALA A 38 0.16 -3.68 9.19
N VAL A 39 -0.75 -3.68 10.16
CA VAL A 39 -0.46 -3.06 11.45
C VAL A 39 0.53 -3.94 12.20
N GLU A 40 0.49 -5.24 11.94
CA GLU A 40 1.42 -6.16 12.59
C GLU A 40 2.83 -5.95 12.03
N TYR A 41 2.91 -5.68 10.73
CA TYR A 41 4.19 -5.46 10.05
C TYR A 41 4.73 -4.05 10.30
N PHE A 42 3.89 -3.04 10.15
CA PHE A 42 4.32 -1.65 10.33
C PHE A 42 4.70 -1.35 11.77
N THR A 43 3.83 -1.69 12.71
CA THR A 43 4.11 -1.44 14.12
C THR A 43 5.46 -2.02 14.52
N ARG A 44 5.67 -3.31 14.24
CA ARG A 44 6.93 -3.96 14.57
C ARG A 44 8.11 -3.14 14.03
N LEU A 45 8.09 -2.88 12.73
CA LEU A 45 9.15 -2.09 12.09
C LEU A 45 9.27 -0.73 12.77
N ARG A 46 8.14 -0.04 12.89
CA ARG A 46 8.10 1.28 13.52
C ARG A 46 8.82 1.28 14.86
N GLU A 47 8.38 0.38 15.75
CA GLU A 47 8.98 0.26 17.08
C GLU A 47 10.40 -0.28 17.00
N ALA A 48 10.62 -1.23 16.10
CA ALA A 48 11.94 -1.83 15.94
C ALA A 48 13.01 -0.76 15.68
N ARG A 49 12.68 0.20 14.82
CA ARG A 49 13.61 1.27 14.49
C ARG A 49 13.24 2.56 15.22
N ALA A 50 14.26 3.35 15.55
CA ALA A 50 14.05 4.62 16.26
C ALA A 50 13.29 4.39 17.56
N GLY B 1 -11.45 -22.94 -17.82
CA GLY B 1 -10.27 -23.46 -17.05
C GLY B 1 -10.68 -24.39 -15.93
N ALA B 2 -10.49 -23.94 -14.69
CA ALA B 2 -10.83 -24.75 -13.53
C ALA B 2 -10.79 -23.92 -12.25
N MET B 3 -9.60 -23.40 -11.92
CA MET B 3 -9.42 -22.60 -10.72
C MET B 3 -8.44 -21.45 -10.99
N GLY B 4 -7.32 -21.76 -11.64
CA GLY B 4 -6.34 -20.75 -11.95
C GLY B 4 -5.29 -21.24 -12.93
N SER B 5 -4.70 -22.39 -12.63
CA SER B 5 -3.67 -23.00 -13.48
C SER B 5 -2.28 -22.45 -13.14
N MET B 6 -2.23 -21.24 -12.59
CA MET B 6 -0.96 -20.62 -12.23
C MET B 6 -0.30 -21.39 -11.10
N SER B 7 0.99 -21.13 -10.88
CA SER B 7 1.74 -21.81 -9.81
C SER B 7 3.09 -21.16 -9.59
N HIS B 8 3.16 -20.22 -8.64
CA HIS B 8 4.40 -19.54 -8.32
C HIS B 8 4.14 -18.56 -7.17
N ILE B 9 3.48 -17.45 -7.50
CA ILE B 9 3.16 -16.41 -6.53
C ILE B 9 1.92 -15.63 -6.98
N GLN B 10 1.22 -15.02 -6.02
CA GLN B 10 0.02 -14.24 -6.34
C GLN B 10 -0.39 -13.32 -5.18
N ILE B 11 -0.72 -12.07 -5.50
CA ILE B 11 -1.13 -11.10 -4.48
C ILE B 11 -2.60 -11.34 -4.09
N PRO B 12 -2.88 -11.69 -2.81
CA PRO B 12 -4.25 -11.91 -2.34
C PRO B 12 -5.21 -10.80 -2.81
N PRO B 13 -6.28 -11.15 -3.56
CA PRO B 13 -7.24 -10.15 -4.05
C PRO B 13 -7.64 -9.12 -3.00
N GLY B 14 -7.80 -7.87 -3.43
CA GLY B 14 -8.18 -6.80 -2.52
C GLY B 14 -6.98 -6.07 -1.95
N LEU B 15 -5.86 -6.79 -1.80
CA LEU B 15 -4.63 -6.20 -1.26
C LEU B 15 -4.21 -4.98 -2.08
N THR B 16 -4.29 -5.08 -3.39
CA THR B 16 -3.91 -3.98 -4.27
C THR B 16 -4.63 -2.69 -3.85
N GLU B 17 -5.90 -2.84 -3.49
CA GLU B 17 -6.71 -1.70 -3.07
C GLU B 17 -6.22 -1.12 -1.75
N LEU B 18 -5.93 -2.00 -0.79
CA LEU B 18 -5.45 -1.57 0.53
C LEU B 18 -4.23 -0.66 0.39
N LEU B 19 -3.21 -1.12 -0.34
CA LEU B 19 -2.01 -0.34 -0.56
C LEU B 19 -2.37 0.96 -1.27
N GLN B 20 -3.31 0.88 -2.20
CA GLN B 20 -3.76 2.04 -2.96
C GLN B 20 -4.45 3.04 -2.04
N GLY B 21 -5.35 2.54 -1.18
CA GLY B 21 -6.07 3.40 -0.27
C GLY B 21 -5.16 4.28 0.56
N TYR B 22 -4.01 3.74 0.94
CA TYR B 22 -3.03 4.47 1.74
C TYR B 22 -2.20 5.41 0.87
N THR B 23 -1.75 4.91 -0.27
CA THR B 23 -0.93 5.70 -1.19
C THR B 23 -1.67 6.94 -1.71
N VAL B 24 -2.99 6.87 -1.83
CA VAL B 24 -3.75 8.01 -2.31
C VAL B 24 -3.75 9.13 -1.27
N GLU B 25 -3.65 8.74 0.00
CA GLU B 25 -3.63 9.70 1.10
C GLU B 25 -2.24 10.33 1.25
N VAL B 26 -1.19 9.51 1.23
CA VAL B 26 0.17 10.00 1.36
C VAL B 26 0.44 11.11 0.34
N LEU B 27 0.02 10.87 -0.90
CA LEU B 27 0.21 11.84 -1.97
C LEU B 27 -0.49 13.15 -1.65
N ARG B 28 -1.75 13.06 -1.24
CA ARG B 28 -2.55 14.23 -0.92
C ARG B 28 -2.10 14.93 0.38
N GLN B 29 -1.43 14.20 1.27
CA GLN B 29 -0.98 14.77 2.54
C GLN B 29 0.49 15.11 2.52
N GLN B 30 1.30 14.19 2.01
CA GLN B 30 2.74 14.38 1.94
C GLN B 30 3.34 14.48 3.34
N PRO B 31 3.38 13.36 4.08
CA PRO B 31 3.93 13.31 5.44
C PRO B 31 5.44 13.15 5.45
N PRO B 32 6.10 13.43 6.60
CA PRO B 32 7.55 13.32 6.72
C PRO B 32 8.04 11.87 6.85
N ASP B 33 7.18 10.99 7.37
CA ASP B 33 7.54 9.59 7.55
C ASP B 33 6.45 8.66 7.01
N LEU B 34 6.86 7.62 6.31
CA LEU B 34 5.95 6.65 5.74
C LEU B 34 5.54 5.60 6.78
N VAL B 35 6.53 5.11 7.51
CA VAL B 35 6.29 4.10 8.53
C VAL B 35 5.32 4.62 9.59
N GLU B 36 5.47 5.89 9.95
CA GLU B 36 4.59 6.51 10.94
C GLU B 36 3.20 6.72 10.36
N PHE B 37 3.13 7.43 9.24
CA PHE B 37 1.86 7.70 8.58
C PHE B 37 1.11 6.40 8.28
N ALA B 38 1.87 5.32 8.08
CA ALA B 38 1.28 4.02 7.79
C ALA B 38 0.73 3.34 9.04
N VAL B 39 1.56 3.25 10.08
CA VAL B 39 1.15 2.60 11.32
C VAL B 39 -0.11 3.23 11.90
N GLU B 40 -0.24 4.55 11.77
CA GLU B 40 -1.41 5.27 12.30
C GLU B 40 -2.61 5.10 11.38
N TYR B 41 -2.36 5.05 10.07
CA TYR B 41 -3.42 4.88 9.09
C TYR B 41 -4.10 3.52 9.24
N PHE B 42 -3.30 2.46 9.42
CA PHE B 42 -3.85 1.12 9.56
C PHE B 42 -4.58 0.96 10.90
N THR B 43 -3.99 1.49 11.97
CA THR B 43 -4.62 1.39 13.29
C THR B 43 -5.99 2.07 13.27
N ARG B 44 -6.05 3.21 12.59
CA ARG B 44 -7.30 3.97 12.48
C ARG B 44 -8.39 3.11 11.85
N LEU B 45 -8.02 2.37 10.80
CA LEU B 45 -8.96 1.51 10.10
C LEU B 45 -9.40 0.34 11.00
N ARG B 46 -8.42 -0.41 11.49
CA ARG B 46 -8.70 -1.56 12.34
C ARG B 46 -9.57 -1.17 13.54
N GLU B 47 -9.17 -0.10 14.22
CA GLU B 47 -9.91 0.37 15.39
C GLU B 47 -11.33 0.76 15.02
N ALA B 48 -11.53 1.16 13.77
CA ALA B 48 -12.86 1.56 13.31
C ALA B 48 -13.79 0.35 13.22
N ARG B 49 -13.25 -0.77 12.76
CA ARG B 49 -14.04 -2.01 12.62
C ARG B 49 -13.77 -2.97 13.77
N ALA B 50 -14.77 -3.78 14.09
CA ALA B 50 -14.64 -4.75 15.19
C ALA B 50 -14.26 -4.07 16.49
N ALA C 1 -14.59 -4.61 -1.53
CA ALA C 1 -13.30 -5.23 -1.10
C ALA C 1 -13.54 -6.56 -0.41
N MET C 2 -13.06 -7.64 -1.03
CA MET C 2 -13.21 -8.98 -0.48
C MET C 2 -14.67 -9.44 -0.52
N ALA C 3 -15.54 -8.73 0.19
CA ALA C 3 -16.95 -9.05 0.23
C ALA C 3 -17.78 -7.88 0.74
N ASP C 4 -17.30 -6.67 0.46
CA ASP C 4 -17.98 -5.44 0.87
C ASP C 4 -18.56 -4.70 -0.33
N ILE C 5 -19.21 -3.57 -0.08
CA ILE C 5 -19.81 -2.78 -1.14
C ILE C 5 -18.72 -2.18 -2.05
N GLY C 6 -17.58 -1.86 -1.46
CA GLY C 6 -16.48 -1.30 -2.22
C GLY C 6 -16.78 0.11 -2.71
N SER C 7 -15.72 0.89 -2.91
CA SER C 7 -15.87 2.26 -3.38
C SER C 7 -14.52 2.83 -3.83
N ALA C 8 -14.48 3.39 -5.04
CA ALA C 8 -13.25 3.96 -5.58
C ALA C 8 -12.97 5.33 -4.97
N SER C 9 -12.80 5.37 -3.66
CA SER C 9 -12.52 6.61 -2.95
C SER C 9 -13.61 7.66 -3.21
N GLY C 10 -13.49 8.35 -4.34
CA GLY C 10 -14.48 9.37 -4.69
C GLY C 10 -13.95 10.78 -4.46
N TYR C 11 -13.22 10.97 -3.36
CA TYR C 11 -12.68 12.28 -3.04
C TYR C 11 -11.26 12.46 -3.58
N VAL C 12 -10.92 11.66 -4.59
CA VAL C 12 -9.59 11.73 -5.22
C VAL C 12 -9.63 12.62 -6.47
N PRO C 13 -8.81 13.70 -6.53
CA PRO C 13 -8.80 14.61 -7.67
C PRO C 13 -8.18 13.99 -8.94
N GLU C 14 -8.75 12.89 -9.40
CA GLU C 14 -8.29 12.21 -10.61
C GLU C 14 -6.80 11.88 -10.61
N GLU C 15 -5.95 12.87 -10.93
CA GLU C 15 -4.50 12.67 -11.00
C GLU C 15 -3.96 11.90 -9.80
N ILE C 16 -4.63 12.00 -8.66
CA ILE C 16 -4.22 11.32 -7.45
C ILE C 16 -4.51 9.82 -7.54
N TRP C 17 -5.52 9.45 -8.31
CA TRP C 17 -5.89 8.04 -8.45
C TRP C 17 -4.99 7.32 -9.44
N LYS C 18 -4.77 7.92 -10.60
CA LYS C 18 -3.93 7.29 -11.60
C LYS C 18 -2.52 7.07 -11.05
N LYS C 19 -2.00 8.06 -10.33
CA LYS C 19 -0.66 7.95 -9.77
C LYS C 19 -0.59 6.90 -8.66
N ALA C 20 -1.40 7.07 -7.61
CA ALA C 20 -1.39 6.14 -6.49
C ALA C 20 -1.49 4.69 -6.97
N GLU C 21 -2.20 4.48 -8.07
CA GLU C 21 -2.36 3.15 -8.64
C GLU C 21 -1.03 2.61 -9.16
N GLU C 22 -0.19 3.50 -9.68
CA GLU C 22 1.12 3.09 -10.19
C GLU C 22 2.00 2.60 -9.04
N ALA C 23 2.03 3.35 -7.95
CA ALA C 23 2.84 2.99 -6.78
C ALA C 23 2.60 1.54 -6.35
N VAL C 24 1.33 1.13 -6.34
CA VAL C 24 0.98 -0.23 -5.93
C VAL C 24 1.33 -1.26 -7.00
N ASN C 25 1.10 -0.91 -8.25
CA ASN C 25 1.40 -1.81 -9.35
C ASN C 25 2.91 -2.04 -9.46
N GLU C 26 3.67 -0.97 -9.31
CA GLU C 26 5.12 -1.05 -9.38
C GLU C 26 5.68 -1.88 -8.22
N VAL C 27 5.38 -1.50 -6.99
CA VAL C 27 5.87 -2.23 -5.83
C VAL C 27 5.34 -3.67 -5.80
N LYS C 28 4.18 -3.88 -6.41
CA LYS C 28 3.57 -5.20 -6.48
C LYS C 28 4.32 -6.08 -7.46
N ARG C 29 4.57 -5.56 -8.65
CA ARG C 29 5.32 -6.31 -9.66
C ARG C 29 6.75 -6.54 -9.18
N GLN C 30 7.23 -5.68 -8.29
CA GLN C 30 8.59 -5.79 -7.76
C GLN C 30 8.72 -6.86 -6.67
N ALA C 31 7.96 -6.73 -5.57
CA ALA C 31 8.03 -7.69 -4.48
C ALA C 31 7.98 -9.14 -4.97
N MET C 32 7.30 -9.35 -6.09
CA MET C 32 7.21 -10.70 -6.66
C MET C 32 8.58 -11.20 -7.08
N THR C 33 9.45 -10.29 -7.52
CA THR C 33 10.80 -10.66 -7.93
C THR C 33 11.60 -11.10 -6.71
N GLU C 34 11.44 -10.38 -5.61
CA GLU C 34 12.13 -10.74 -4.37
C GLU C 34 11.76 -12.16 -3.94
N LEU C 35 10.59 -12.60 -4.38
CA LEU C 35 10.09 -13.93 -4.06
C LEU C 35 10.54 -14.96 -5.10
N GLN C 36 10.55 -14.54 -6.36
CA GLN C 36 10.93 -15.43 -7.45
C GLN C 36 12.45 -15.64 -7.51
N LYS C 37 13.21 -14.95 -6.66
CA LYS C 37 14.66 -15.11 -6.66
C LYS C 37 15.32 -14.42 -5.46
N ALA C 38 14.63 -14.37 -4.33
CA ALA C 38 15.20 -13.75 -3.13
C ALA C 38 14.41 -14.16 -1.88
N GLY A 1 -13.36 9.41 -9.82
CA GLY A 1 -12.62 10.64 -10.23
C GLY A 1 -12.52 10.77 -11.74
N ALA A 2 -11.94 9.77 -12.38
CA ALA A 2 -11.77 9.78 -13.83
C ALA A 2 -10.78 10.84 -14.28
N MET A 3 -11.12 12.11 -14.08
CA MET A 3 -10.24 13.22 -14.46
C MET A 3 -10.60 14.47 -13.67
N GLY A 4 -9.59 15.31 -13.42
CA GLY A 4 -9.83 16.54 -12.67
C GLY A 4 -8.65 17.49 -12.74
N SER A 5 -7.72 17.36 -11.79
CA SER A 5 -6.55 18.22 -11.76
C SER A 5 -5.75 18.14 -13.05
N MET A 6 -4.84 19.10 -13.24
CA MET A 6 -4.01 19.14 -14.44
C MET A 6 -2.82 18.19 -14.32
N SER A 7 -1.81 18.59 -13.57
CA SER A 7 -0.62 17.78 -13.37
C SER A 7 0.23 18.30 -12.22
N HIS A 8 -0.14 17.90 -11.00
CA HIS A 8 0.58 18.32 -9.79
C HIS A 8 0.78 17.15 -8.84
N ILE A 9 1.29 16.04 -9.39
CA ILE A 9 1.56 14.82 -8.63
C ILE A 9 2.94 14.28 -8.96
N GLN A 10 3.53 13.51 -8.04
CA GLN A 10 4.86 12.96 -8.27
C GLN A 10 5.12 11.72 -7.41
N ILE A 11 5.15 10.54 -8.05
CA ILE A 11 5.41 9.30 -7.34
C ILE A 11 6.85 9.30 -6.78
N PRO A 12 7.01 9.27 -5.44
CA PRO A 12 8.35 9.26 -4.82
C PRO A 12 8.98 7.87 -4.82
N PRO A 13 10.32 7.77 -5.00
CA PRO A 13 11.01 6.47 -5.03
C PRO A 13 11.41 5.97 -3.64
N GLY A 14 10.57 6.26 -2.66
CA GLY A 14 10.82 5.84 -1.29
C GLY A 14 9.68 5.01 -0.74
N LEU A 15 8.45 5.43 -1.05
CA LEU A 15 7.28 4.73 -0.57
C LEU A 15 7.24 3.31 -1.14
N THR A 16 7.86 3.13 -2.30
CA THR A 16 7.89 1.82 -2.95
C THR A 16 8.60 0.79 -2.07
N GLU A 17 9.71 1.19 -1.47
CA GLU A 17 10.47 0.29 -0.61
C GLU A 17 9.67 -0.06 0.64
N LEU A 18 8.79 0.85 1.07
CA LEU A 18 7.97 0.64 2.26
C LEU A 18 6.86 -0.37 1.98
N LEU A 19 6.26 -0.28 0.79
CA LEU A 19 5.18 -1.17 0.41
C LEU A 19 5.70 -2.57 0.09
N GLN A 20 6.88 -2.65 -0.50
CA GLN A 20 7.48 -3.93 -0.87
C GLN A 20 7.70 -4.81 0.35
N GLY A 21 8.21 -4.22 1.42
CA GLY A 21 8.43 -4.99 2.63
C GLY A 21 7.18 -5.72 3.08
N TYR A 22 6.06 -5.01 3.04
CA TYR A 22 4.78 -5.59 3.42
C TYR A 22 4.31 -6.57 2.35
N THR A 23 4.36 -6.11 1.09
CA THR A 23 3.93 -6.93 -0.05
C THR A 23 4.67 -8.25 -0.13
N VAL A 24 5.99 -8.17 -0.26
CA VAL A 24 6.83 -9.36 -0.38
C VAL A 24 6.60 -10.34 0.78
N GLU A 25 6.19 -9.82 1.93
CA GLU A 25 5.94 -10.68 3.08
C GLU A 25 4.60 -11.39 2.98
N VAL A 26 3.59 -10.66 2.51
CA VAL A 26 2.25 -11.22 2.36
C VAL A 26 2.28 -12.40 1.38
N LEU A 27 3.08 -12.27 0.34
CA LEU A 27 3.21 -13.32 -0.67
C LEU A 27 4.00 -14.50 -0.10
N ARG A 28 4.98 -14.21 0.74
CA ARG A 28 5.82 -15.26 1.34
C ARG A 28 5.16 -15.89 2.57
N GLN A 29 4.24 -15.15 3.20
CA GLN A 29 3.56 -15.65 4.40
C GLN A 29 2.06 -15.85 4.18
N GLN A 30 1.40 -14.84 3.62
CA GLN A 30 -0.04 -14.90 3.36
C GLN A 30 -0.82 -14.97 4.68
N PRO A 31 -1.26 -13.80 5.21
CA PRO A 31 -2.00 -13.74 6.46
C PRO A 31 -3.51 -13.86 6.26
N PRO A 32 -4.28 -14.01 7.34
CA PRO A 32 -5.74 -14.12 7.25
C PRO A 32 -6.38 -12.80 6.85
N ASP A 33 -5.80 -11.69 7.32
CA ASP A 33 -6.31 -10.36 7.02
C ASP A 33 -5.18 -9.43 6.60
N LEU A 34 -5.39 -8.69 5.52
CA LEU A 34 -4.38 -7.76 5.02
C LEU A 34 -4.42 -6.46 5.80
N VAL A 35 -5.56 -6.15 6.41
CA VAL A 35 -5.71 -4.92 7.18
C VAL A 35 -4.89 -4.99 8.47
N GLU A 36 -5.08 -6.07 9.22
CA GLU A 36 -4.38 -6.26 10.49
C GLU A 36 -2.89 -6.49 10.27
N PHE A 37 -2.56 -7.40 9.36
CA PHE A 37 -1.18 -7.73 9.08
C PHE A 37 -0.33 -6.47 8.83
N ALA A 38 -0.99 -5.40 8.41
CA ALA A 38 -0.29 -4.14 8.13
C ALA A 38 0.08 -3.41 9.43
N VAL A 39 -0.80 -3.44 10.41
CA VAL A 39 -0.51 -2.81 11.70
C VAL A 39 0.60 -3.58 12.39
N GLU A 40 0.40 -4.86 12.65
CA GLU A 40 1.43 -5.66 13.32
C GLU A 40 2.76 -5.56 12.57
N TYR A 41 2.70 -5.39 11.24
CA TYR A 41 3.90 -5.28 10.42
C TYR A 41 4.52 -3.88 10.51
N PHE A 42 3.70 -2.84 10.44
CA PHE A 42 4.20 -1.47 10.50
C PHE A 42 4.57 -1.08 11.93
N THR A 43 3.73 -1.47 12.89
CA THR A 43 3.97 -1.13 14.30
C THR A 43 5.31 -1.69 14.77
N ARG A 44 5.51 -3.00 14.63
CA ARG A 44 6.76 -3.63 15.05
C ARG A 44 7.95 -2.91 14.44
N LEU A 45 7.79 -2.46 13.20
CA LEU A 45 8.84 -1.75 12.49
C LEU A 45 9.07 -0.39 13.15
N ARG A 46 7.99 0.37 13.30
CA ARG A 46 8.03 1.68 13.91
C ARG A 46 8.68 1.62 15.29
N GLU A 47 8.20 0.70 16.12
CA GLU A 47 8.72 0.53 17.48
C GLU A 47 10.22 0.26 17.46
N ALA A 48 10.69 -0.44 16.44
CA ALA A 48 12.11 -0.77 16.31
C ALA A 48 12.96 0.49 16.38
N ARG A 49 12.54 1.52 15.65
CA ARG A 49 13.26 2.79 15.62
C ARG A 49 12.66 3.78 16.62
N ALA A 50 13.37 4.87 16.87
CA ALA A 50 12.91 5.90 17.80
C ALA A 50 12.60 5.30 19.17
N GLY B 1 13.08 -33.78 3.48
CA GLY B 1 13.81 -33.51 2.22
C GLY B 1 13.21 -32.37 1.42
N ALA B 2 11.89 -32.24 1.50
CA ALA B 2 11.17 -31.19 0.78
C ALA B 2 9.71 -31.10 1.22
N MET B 3 9.30 -29.92 1.67
CA MET B 3 7.92 -29.70 2.13
C MET B 3 7.14 -28.89 1.11
N GLY B 4 7.84 -28.02 0.38
CA GLY B 4 7.19 -27.20 -0.62
C GLY B 4 8.14 -26.21 -1.27
N SER B 5 7.96 -26.00 -2.58
CA SER B 5 8.80 -25.08 -3.33
C SER B 5 8.19 -24.78 -4.70
N MET B 6 8.25 -23.53 -5.12
CA MET B 6 7.70 -23.12 -6.41
C MET B 6 8.08 -21.67 -6.73
N SER B 7 7.72 -21.22 -7.93
CA SER B 7 8.02 -19.85 -8.36
C SER B 7 6.92 -19.31 -9.26
N HIS B 8 5.71 -19.18 -8.71
CA HIS B 8 4.56 -18.67 -9.46
C HIS B 8 3.63 -17.90 -8.54
N ILE B 9 4.14 -16.81 -7.99
CA ILE B 9 3.39 -15.97 -7.07
C ILE B 9 2.05 -15.55 -7.65
N GLN B 10 1.12 -15.20 -6.77
CA GLN B 10 -0.23 -14.77 -7.16
C GLN B 10 -0.74 -13.70 -6.19
N ILE B 11 -0.86 -12.48 -6.69
CA ILE B 11 -1.32 -11.35 -5.89
C ILE B 11 -2.74 -11.60 -5.33
N PRO B 12 -2.88 -11.76 -3.99
CA PRO B 12 -4.20 -11.98 -3.38
C PRO B 12 -5.22 -10.91 -3.79
N PRO B 13 -6.52 -11.16 -3.59
CA PRO B 13 -7.57 -10.21 -3.96
C PRO B 13 -7.85 -9.17 -2.86
N GLY B 14 -7.49 -7.91 -3.13
CA GLY B 14 -7.73 -6.83 -2.17
C GLY B 14 -6.46 -6.07 -1.81
N LEU B 15 -5.33 -6.75 -1.84
CA LEU B 15 -4.05 -6.12 -1.50
C LEU B 15 -3.82 -4.86 -2.33
N THR B 16 -4.12 -4.93 -3.62
CA THR B 16 -3.94 -3.79 -4.50
C THR B 16 -4.60 -2.53 -3.93
N GLU B 17 -5.79 -2.71 -3.38
CA GLU B 17 -6.55 -1.58 -2.82
C GLU B 17 -5.97 -1.10 -1.49
N LEU B 18 -5.60 -2.04 -0.62
CA LEU B 18 -5.05 -1.68 0.69
C LEU B 18 -3.89 -0.71 0.59
N LEU B 19 -2.85 -1.08 -0.16
CA LEU B 19 -1.69 -0.22 -0.32
C LEU B 19 -2.10 1.09 -1.00
N GLN B 20 -3.05 1.00 -1.92
CA GLN B 20 -3.52 2.18 -2.65
C GLN B 20 -4.19 3.16 -1.69
N GLY B 21 -5.02 2.64 -0.79
CA GLY B 21 -5.72 3.48 0.17
C GLY B 21 -4.76 4.37 0.96
N TYR B 22 -3.61 3.83 1.30
CA TYR B 22 -2.60 4.57 2.06
C TYR B 22 -1.80 5.51 1.15
N THR B 23 -1.35 4.99 0.02
CA THR B 23 -0.56 5.78 -0.91
C THR B 23 -1.26 7.07 -1.33
N VAL B 24 -2.53 6.96 -1.73
CA VAL B 24 -3.30 8.13 -2.16
C VAL B 24 -3.17 9.29 -1.16
N GLU B 25 -2.88 8.96 0.10
CA GLU B 25 -2.74 9.97 1.14
C GLU B 25 -1.36 10.64 1.07
N VAL B 26 -0.32 9.85 0.83
CA VAL B 26 1.03 10.39 0.76
C VAL B 26 1.16 11.44 -0.34
N LEU B 27 0.57 11.16 -1.50
CA LEU B 27 0.63 12.07 -2.62
C LEU B 27 -0.03 13.42 -2.29
N ARG B 28 -1.28 13.37 -1.83
CA ARG B 28 -2.03 14.59 -1.52
C ARG B 28 -1.65 15.20 -0.17
N GLN B 29 -1.09 14.40 0.75
CA GLN B 29 -0.73 14.91 2.07
C GLN B 29 0.78 15.15 2.17
N GLN B 30 1.56 14.14 1.79
CA GLN B 30 3.01 14.24 1.83
C GLN B 30 3.54 14.41 3.26
N PRO B 31 3.34 13.39 4.12
CA PRO B 31 3.79 13.43 5.52
C PRO B 31 5.32 13.34 5.63
N PRO B 32 5.87 13.65 6.82
CA PRO B 32 7.33 13.60 7.04
C PRO B 32 7.86 12.19 7.23
N ASP B 33 7.01 11.26 7.69
CA ASP B 33 7.43 9.87 7.90
C ASP B 33 6.43 8.89 7.30
N LEU B 34 6.95 7.90 6.59
CA LEU B 34 6.12 6.89 5.95
C LEU B 34 5.70 5.82 6.94
N VAL B 35 6.67 5.28 7.66
CA VAL B 35 6.42 4.23 8.64
C VAL B 35 5.43 4.68 9.72
N GLU B 36 5.62 5.90 10.22
CA GLU B 36 4.74 6.43 11.27
C GLU B 36 3.34 6.67 10.71
N PHE B 37 3.25 7.47 9.66
CA PHE B 37 1.96 7.78 9.05
C PHE B 37 1.20 6.51 8.69
N ALA B 38 1.93 5.42 8.49
CA ALA B 38 1.33 4.14 8.12
C ALA B 38 0.70 3.44 9.32
N VAL B 39 1.35 3.52 10.47
CA VAL B 39 0.83 2.87 11.68
C VAL B 39 -0.54 3.44 12.05
N GLU B 40 -0.61 4.77 12.13
CA GLU B 40 -1.86 5.45 12.47
C GLU B 40 -2.96 5.17 11.45
N TYR B 41 -2.62 5.24 10.17
CA TYR B 41 -3.58 5.01 9.10
C TYR B 41 -4.13 3.58 9.15
N PHE B 42 -3.25 2.59 9.02
CA PHE B 42 -3.68 1.19 9.05
C PHE B 42 -4.52 0.89 10.29
N THR B 43 -4.10 1.43 11.43
CA THR B 43 -4.84 1.22 12.67
C THR B 43 -6.21 1.86 12.57
N ARG B 44 -6.26 3.04 11.97
CA ARG B 44 -7.52 3.77 11.79
C ARG B 44 -8.54 2.88 11.07
N LEU B 45 -8.10 2.25 9.98
CA LEU B 45 -8.98 1.37 9.21
C LEU B 45 -9.52 0.24 10.08
N ARG B 46 -8.61 -0.51 10.69
CA ARG B 46 -8.99 -1.64 11.55
C ARG B 46 -10.12 -1.25 12.52
N GLU B 47 -9.82 -0.32 13.40
CA GLU B 47 -10.79 0.14 14.40
C GLU B 47 -12.08 0.63 13.74
N ALA B 48 -12.00 1.03 12.48
CA ALA B 48 -13.17 1.51 11.75
C ALA B 48 -14.07 0.37 11.32
N ARG B 49 -13.46 -0.75 10.94
CA ARG B 49 -14.20 -1.93 10.50
C ARG B 49 -14.48 -2.87 11.67
N ALA B 50 -15.46 -3.74 11.51
CA ALA B 50 -15.83 -4.70 12.54
C ALA B 50 -16.14 -3.99 13.86
N ALA C 1 -21.77 -13.86 -0.16
CA ALA C 1 -23.19 -14.17 0.20
C ALA C 1 -24.07 -12.93 0.01
N MET C 2 -23.78 -11.88 0.77
CA MET C 2 -24.55 -10.63 0.69
C MET C 2 -23.75 -9.54 0.00
N ALA C 3 -22.42 -9.61 0.11
CA ALA C 3 -21.55 -8.62 -0.51
C ALA C 3 -21.82 -7.24 0.08
N ASP C 4 -21.38 -6.20 -0.62
CA ASP C 4 -21.58 -4.82 -0.17
C ASP C 4 -20.95 -4.58 1.19
N ILE C 5 -20.09 -3.55 1.27
CA ILE C 5 -19.42 -3.22 2.52
C ILE C 5 -18.69 -1.88 2.41
N GLY C 6 -18.04 -1.66 1.27
CA GLY C 6 -17.32 -0.41 1.06
C GLY C 6 -18.24 0.75 0.78
N SER C 7 -18.06 1.40 -0.38
CA SER C 7 -18.89 2.53 -0.76
C SER C 7 -18.73 3.69 0.22
N ALA C 8 -18.30 4.84 -0.29
CA ALA C 8 -18.11 6.02 0.56
C ALA C 8 -18.21 7.31 -0.27
N SER C 9 -18.91 7.24 -1.40
CA SER C 9 -19.08 8.39 -2.27
C SER C 9 -17.76 8.81 -2.92
N GLY C 10 -16.80 9.23 -2.09
CA GLY C 10 -15.51 9.65 -2.62
C GLY C 10 -14.46 9.78 -1.52
N TYR C 11 -13.80 10.94 -1.47
CA TYR C 11 -12.77 11.27 -0.48
C TYR C 11 -11.41 11.42 -1.13
N VAL C 12 -11.19 10.61 -2.14
CA VAL C 12 -9.93 10.60 -2.89
C VAL C 12 -10.07 11.36 -4.21
N PRO C 13 -9.26 12.42 -4.44
CA PRO C 13 -9.33 13.22 -5.68
C PRO C 13 -9.23 12.35 -6.94
N GLU C 14 -8.83 12.99 -8.05
CA GLU C 14 -8.72 12.29 -9.33
C GLU C 14 -7.27 11.89 -9.65
N GLU C 15 -6.46 12.86 -10.10
CA GLU C 15 -5.07 12.59 -10.45
C GLU C 15 -4.30 11.91 -9.32
N ILE C 16 -4.81 12.04 -8.09
CA ILE C 16 -4.18 11.42 -6.94
C ILE C 16 -4.44 9.92 -6.94
N TRP C 17 -5.55 9.51 -7.55
CA TRP C 17 -5.91 8.10 -7.63
C TRP C 17 -5.15 7.38 -8.73
N LYS C 18 -5.11 7.98 -9.91
CA LYS C 18 -4.42 7.38 -11.03
C LYS C 18 -2.95 7.15 -10.69
N LYS C 19 -2.32 8.13 -10.05
CA LYS C 19 -0.92 8.00 -9.69
C LYS C 19 -0.72 6.95 -8.60
N ALA C 20 -1.44 7.09 -7.47
CA ALA C 20 -1.32 6.15 -6.37
C ALA C 20 -1.45 4.70 -6.83
N GLU C 21 -2.26 4.47 -7.86
CA GLU C 21 -2.47 3.13 -8.39
C GLU C 21 -1.16 2.60 -8.98
N GLU C 22 -0.37 3.49 -9.55
CA GLU C 22 0.92 3.11 -10.13
C GLU C 22 1.86 2.61 -9.02
N ALA C 23 1.91 3.35 -7.92
CA ALA C 23 2.77 2.99 -6.79
C ALA C 23 2.54 1.56 -6.33
N VAL C 24 1.27 1.13 -6.33
CA VAL C 24 0.92 -0.20 -5.88
C VAL C 24 1.24 -1.26 -6.93
N ASN C 25 0.95 -0.95 -8.19
CA ASN C 25 1.22 -1.89 -9.28
C ASN C 25 2.73 -2.08 -9.44
N GLU C 26 3.47 -1.00 -9.24
CA GLU C 26 4.92 -1.04 -9.36
C GLU C 26 5.54 -1.86 -8.23
N VAL C 27 5.29 -1.48 -6.99
CA VAL C 27 5.86 -2.19 -5.85
C VAL C 27 5.46 -3.67 -5.81
N LYS C 28 4.28 -3.97 -6.37
CA LYS C 28 3.78 -5.34 -6.39
C LYS C 28 4.47 -6.20 -7.44
N ARG C 29 4.56 -5.70 -8.67
CA ARG C 29 5.19 -6.46 -9.74
C ARG C 29 6.63 -6.81 -9.37
N GLN C 30 7.28 -5.92 -8.62
CA GLN C 30 8.67 -6.16 -8.21
C GLN C 30 8.78 -7.14 -7.04
N ALA C 31 7.97 -6.96 -5.98
CA ALA C 31 8.03 -7.85 -4.82
C ALA C 31 8.00 -9.32 -5.25
N MET C 32 7.28 -9.58 -6.33
CA MET C 32 7.18 -10.94 -6.86
C MET C 32 8.54 -11.42 -7.39
N THR C 33 9.35 -10.49 -7.91
CA THR C 33 10.67 -10.86 -8.43
C THR C 33 11.60 -11.21 -7.27
N GLU C 34 11.39 -10.57 -6.13
CA GLU C 34 12.21 -10.85 -4.94
C GLU C 34 11.94 -12.27 -4.45
N LEU C 35 10.74 -12.76 -4.78
CA LEU C 35 10.31 -14.10 -4.39
C LEU C 35 10.74 -15.13 -5.43
N GLN C 36 10.56 -14.80 -6.70
CA GLN C 36 10.94 -15.70 -7.78
C GLN C 36 12.43 -16.04 -7.73
N LYS C 37 13.20 -15.20 -7.04
CA LYS C 37 14.64 -15.42 -6.91
C LYS C 37 14.98 -16.10 -5.59
N ALA C 38 14.04 -16.89 -5.09
CA ALA C 38 14.23 -17.61 -3.82
C ALA C 38 14.72 -19.04 -4.07
N GLY A 1 -0.60 25.54 -23.86
CA GLY A 1 -1.04 24.71 -22.72
C GLY A 1 -0.26 23.42 -22.60
N ALA A 2 -0.37 22.76 -21.45
CA ALA A 2 0.35 21.51 -21.21
C ALA A 2 1.86 21.70 -21.36
N MET A 3 2.62 20.75 -20.81
CA MET A 3 4.08 20.81 -20.87
C MET A 3 4.61 21.87 -19.92
N GLY A 4 3.86 22.14 -18.86
CA GLY A 4 4.27 23.14 -17.89
C GLY A 4 5.06 22.53 -16.74
N SER A 5 4.61 22.77 -15.52
CA SER A 5 5.28 22.24 -14.34
C SER A 5 5.12 20.72 -14.26
N MET A 6 5.87 20.10 -13.35
CA MET A 6 5.82 18.65 -13.18
C MET A 6 4.76 18.26 -12.13
N SER A 7 3.89 19.20 -11.78
CA SER A 7 2.85 18.94 -10.80
C SER A 7 3.45 18.55 -9.45
N HIS A 8 2.69 18.79 -8.38
CA HIS A 8 3.14 18.46 -7.03
C HIS A 8 2.51 17.16 -6.55
N ILE A 9 2.55 16.14 -7.41
CA ILE A 9 2.01 14.83 -7.10
C ILE A 9 3.00 13.75 -7.53
N GLN A 10 4.28 14.09 -7.50
CA GLN A 10 5.33 13.18 -7.91
C GLN A 10 5.46 12.00 -6.95
N ILE A 11 5.38 10.78 -7.48
CA ILE A 11 5.50 9.58 -6.65
C ILE A 11 6.63 9.73 -5.62
N PRO A 12 6.29 9.98 -4.33
CA PRO A 12 7.29 10.16 -3.27
C PRO A 12 8.38 9.08 -3.28
N PRO A 13 9.64 9.43 -3.63
CA PRO A 13 10.75 8.47 -3.64
C PRO A 13 10.81 7.66 -2.35
N GLY A 14 11.24 6.40 -2.45
CA GLY A 14 11.35 5.56 -1.27
C GLY A 14 10.04 4.87 -0.91
N LEU A 15 8.92 5.43 -1.36
CA LEU A 15 7.61 4.85 -1.07
C LEU A 15 7.54 3.41 -1.57
N THR A 16 8.08 3.17 -2.75
CA THR A 16 8.08 1.84 -3.33
C THR A 16 8.74 0.82 -2.40
N GLU A 17 9.83 1.22 -1.77
CA GLU A 17 10.55 0.35 -0.86
C GLU A 17 9.72 0.04 0.39
N LEU A 18 8.92 1.00 0.83
CA LEU A 18 8.08 0.82 2.01
C LEU A 18 6.96 -0.18 1.76
N LEU A 19 6.34 -0.07 0.59
CA LEU A 19 5.24 -0.95 0.23
C LEU A 19 5.75 -2.36 -0.09
N GLN A 20 6.96 -2.45 -0.63
CA GLN A 20 7.56 -3.72 -0.99
C GLN A 20 7.77 -4.60 0.23
N GLY A 21 8.28 -4.01 1.31
CA GLY A 21 8.51 -4.76 2.52
C GLY A 21 7.27 -5.48 2.99
N TYR A 22 6.14 -4.77 2.96
CA TYR A 22 4.87 -5.36 3.38
C TYR A 22 4.34 -6.34 2.33
N THR A 23 4.30 -5.90 1.07
CA THR A 23 3.80 -6.73 -0.02
C THR A 23 4.49 -8.09 -0.05
N VAL A 24 5.81 -8.07 -0.19
CA VAL A 24 6.60 -9.30 -0.25
C VAL A 24 6.36 -10.19 0.97
N GLU A 25 6.12 -9.56 2.11
CA GLU A 25 5.88 -10.30 3.35
C GLU A 25 4.49 -10.93 3.37
N VAL A 26 3.49 -10.16 2.97
CA VAL A 26 2.11 -10.63 2.95
C VAL A 26 1.97 -11.92 2.16
N LEU A 27 2.59 -11.96 0.98
CA LEU A 27 2.53 -13.13 0.11
C LEU A 27 3.41 -14.26 0.62
N ARG A 28 4.53 -13.93 1.25
CA ARG A 28 5.45 -14.94 1.75
C ARG A 28 4.78 -15.85 2.80
N GLN A 29 3.95 -15.26 3.66
CA GLN A 29 3.28 -16.03 4.72
C GLN A 29 1.77 -16.14 4.48
N GLN A 30 1.22 -15.20 3.71
CA GLN A 30 -0.21 -15.21 3.43
C GLN A 30 -1.03 -15.24 4.73
N PRO A 31 -1.31 -14.06 5.31
CA PRO A 31 -2.07 -13.96 6.56
C PRO A 31 -3.58 -14.00 6.33
N PRO A 32 -4.38 -14.13 7.41
CA PRO A 32 -5.85 -14.18 7.31
C PRO A 32 -6.46 -12.80 7.07
N ASP A 33 -5.80 -11.75 7.57
CA ASP A 33 -6.29 -10.38 7.42
C ASP A 33 -5.17 -9.44 6.97
N LEU A 34 -5.52 -8.54 6.07
CA LEU A 34 -4.57 -7.56 5.55
C LEU A 34 -4.42 -6.39 6.52
N VAL A 35 -5.55 -5.79 6.89
CA VAL A 35 -5.56 -4.65 7.80
C VAL A 35 -4.82 -4.98 9.10
N GLU A 36 -5.10 -6.14 9.67
CA GLU A 36 -4.45 -6.55 10.91
C GLU A 36 -2.96 -6.75 10.70
N PHE A 37 -2.62 -7.61 9.75
CA PHE A 37 -1.23 -7.91 9.44
C PHE A 37 -0.44 -6.64 9.12
N ALA A 38 -1.14 -5.60 8.67
CA ALA A 38 -0.50 -4.33 8.33
C ALA A 38 0.01 -3.62 9.57
N VAL A 39 -0.81 -3.61 10.62
CA VAL A 39 -0.41 -2.99 11.88
C VAL A 39 0.74 -3.78 12.48
N GLU A 40 0.52 -5.07 12.71
CA GLU A 40 1.54 -5.93 13.29
C GLU A 40 2.89 -5.75 12.58
N TYR A 41 2.83 -5.52 11.27
CA TYR A 41 4.05 -5.34 10.46
C TYR A 41 4.63 -3.93 10.61
N PHE A 42 3.79 -2.92 10.46
CA PHE A 42 4.25 -1.53 10.58
C PHE A 42 4.67 -1.17 12.01
N THR A 43 3.89 -1.64 12.99
CA THR A 43 4.21 -1.36 14.39
C THR A 43 5.59 -1.89 14.75
N ARG A 44 5.83 -3.16 14.46
CA ARG A 44 7.12 -3.78 14.75
C ARG A 44 8.27 -2.94 14.21
N LEU A 45 8.22 -2.64 12.91
CA LEU A 45 9.25 -1.83 12.27
C LEU A 45 9.48 -0.54 13.04
N ARG A 46 8.41 0.22 13.24
CA ARG A 46 8.49 1.49 13.96
C ARG A 46 9.07 1.27 15.36
N GLU A 47 8.48 0.34 16.10
CA GLU A 47 8.93 0.03 17.46
C GLU A 47 10.39 -0.39 17.48
N ALA A 48 10.81 -1.11 16.44
CA ALA A 48 12.19 -1.57 16.35
C ALA A 48 13.17 -0.42 16.48
N ARG A 49 12.87 0.68 15.79
CA ARG A 49 13.72 1.88 15.83
C ARG A 49 13.08 2.97 16.68
N ALA A 50 13.71 4.14 16.71
CA ALA A 50 13.18 5.26 17.48
C ALA A 50 12.93 4.89 18.94
N GLY B 1 10.26 -25.67 -19.69
CA GLY B 1 9.34 -26.46 -18.82
C GLY B 1 9.15 -25.84 -17.45
N ALA B 2 9.62 -26.54 -16.41
CA ALA B 2 9.51 -26.05 -15.05
C ALA B 2 8.04 -25.81 -14.67
N MET B 3 7.49 -26.73 -13.86
CA MET B 3 6.10 -26.62 -13.42
C MET B 3 6.03 -26.14 -11.97
N GLY B 4 6.50 -26.97 -11.05
CA GLY B 4 6.47 -26.61 -9.64
C GLY B 4 7.51 -25.55 -9.31
N SER B 5 7.20 -24.30 -9.67
CA SER B 5 8.11 -23.19 -9.41
C SER B 5 7.43 -21.85 -9.70
N MET B 6 6.53 -21.84 -10.69
CA MET B 6 5.83 -20.62 -11.08
C MET B 6 6.79 -19.62 -11.71
N SER B 7 6.27 -18.84 -12.66
CA SER B 7 7.08 -17.84 -13.35
C SER B 7 7.22 -16.56 -12.55
N HIS B 8 6.19 -16.21 -11.78
CA HIS B 8 6.20 -14.99 -10.97
C HIS B 8 5.55 -15.19 -9.61
N ILE B 9 4.56 -16.08 -9.54
CA ILE B 9 3.80 -16.36 -8.30
C ILE B 9 2.61 -15.43 -8.18
N GLN B 10 1.42 -15.95 -8.48
CA GLN B 10 0.19 -15.18 -8.43
C GLN B 10 0.06 -14.39 -7.14
N ILE B 11 -0.39 -13.13 -7.27
CA ILE B 11 -0.56 -12.25 -6.12
C ILE B 11 -1.98 -12.35 -5.57
N PRO B 12 -2.16 -12.24 -4.23
CA PRO B 12 -3.49 -12.32 -3.60
C PRO B 12 -4.37 -11.11 -3.94
N PRO B 13 -5.71 -11.25 -3.81
CA PRO B 13 -6.65 -10.17 -4.11
C PRO B 13 -6.88 -9.23 -2.92
N GLY B 14 -7.13 -7.96 -3.21
CA GLY B 14 -7.36 -6.98 -2.15
C GLY B 14 -6.11 -6.22 -1.80
N LEU B 15 -4.96 -6.88 -1.88
CA LEU B 15 -3.68 -6.25 -1.57
C LEU B 15 -3.51 -4.96 -2.37
N THR B 16 -3.87 -5.00 -3.64
CA THR B 16 -3.74 -3.82 -4.50
C THR B 16 -4.56 -2.65 -3.95
N GLU B 17 -5.84 -2.90 -3.69
CA GLU B 17 -6.74 -1.88 -3.17
C GLU B 17 -6.25 -1.31 -1.85
N LEU B 18 -5.82 -2.17 -0.94
CA LEU B 18 -5.34 -1.74 0.37
C LEU B 18 -4.16 -0.76 0.23
N LEU B 19 -3.12 -1.18 -0.46
CA LEU B 19 -1.95 -0.31 -0.66
C LEU B 19 -2.36 0.97 -1.37
N GLN B 20 -3.38 0.87 -2.22
CA GLN B 20 -3.87 2.03 -2.97
C GLN B 20 -4.54 3.04 -2.02
N GLY B 21 -5.33 2.52 -1.09
CA GLY B 21 -6.03 3.37 -0.15
C GLY B 21 -5.11 4.24 0.68
N TYR B 22 -3.96 3.69 1.05
CA TYR B 22 -2.98 4.43 1.87
C TYR B 22 -2.15 5.39 1.02
N THR B 23 -1.62 4.89 -0.09
CA THR B 23 -0.80 5.71 -0.97
C THR B 23 -1.48 7.01 -1.37
N VAL B 24 -2.70 6.91 -1.89
CA VAL B 24 -3.45 8.09 -2.33
C VAL B 24 -3.42 9.20 -1.28
N GLU B 25 -3.44 8.82 -0.01
CA GLU B 25 -3.41 9.78 1.09
C GLU B 25 -2.03 10.41 1.23
N VAL B 26 -0.99 9.62 0.97
CA VAL B 26 0.38 10.11 1.07
C VAL B 26 0.62 11.19 0.03
N LEU B 27 0.16 10.94 -1.19
CA LEU B 27 0.34 11.86 -2.29
C LEU B 27 -0.31 13.22 -2.01
N ARG B 28 -1.59 13.22 -1.65
CA ARG B 28 -2.32 14.47 -1.39
C ARG B 28 -1.89 15.15 -0.10
N GLN B 29 -1.33 14.40 0.85
CA GLN B 29 -0.90 14.97 2.14
C GLN B 29 0.61 15.06 2.25
N GLN B 30 1.27 13.95 2.00
CA GLN B 30 2.73 13.88 2.07
C GLN B 30 3.21 14.14 3.50
N PRO B 31 3.37 13.07 4.31
CA PRO B 31 3.81 13.18 5.71
C PRO B 31 5.32 13.11 5.84
N PRO B 32 5.86 13.43 7.03
CA PRO B 32 7.31 13.39 7.27
C PRO B 32 7.85 11.97 7.24
N ASP B 33 7.07 11.02 7.74
CA ASP B 33 7.47 9.62 7.77
C ASP B 33 6.36 8.71 7.25
N LEU B 34 6.72 7.75 6.41
CA LEU B 34 5.77 6.81 5.85
C LEU B 34 5.42 5.73 6.89
N VAL B 35 6.45 5.24 7.57
CA VAL B 35 6.25 4.21 8.59
C VAL B 35 5.33 4.71 9.70
N GLU B 36 5.46 5.99 10.05
CA GLU B 36 4.64 6.58 11.09
C GLU B 36 3.22 6.82 10.58
N PHE B 37 3.11 7.38 9.39
CA PHE B 37 1.80 7.65 8.79
C PHE B 37 1.06 6.35 8.49
N ALA B 38 1.82 5.28 8.27
CA ALA B 38 1.25 3.98 7.94
C ALA B 38 0.69 3.28 9.18
N VAL B 39 1.48 3.26 10.26
CA VAL B 39 1.05 2.61 11.49
C VAL B 39 -0.25 3.21 12.02
N GLU B 40 -0.43 4.51 11.78
CA GLU B 40 -1.63 5.22 12.23
C GLU B 40 -2.81 4.93 11.31
N TYR B 41 -2.56 4.96 10.01
CA TYR B 41 -3.61 4.71 9.02
C TYR B 41 -4.22 3.32 9.19
N PHE B 42 -3.39 2.30 9.14
CA PHE B 42 -3.87 0.92 9.28
C PHE B 42 -4.57 0.71 10.63
N THR B 43 -3.98 1.21 11.70
CA THR B 43 -4.57 1.09 13.03
C THR B 43 -5.93 1.77 13.07
N ARG B 44 -6.01 2.95 12.47
CA ARG B 44 -7.27 3.71 12.42
C ARG B 44 -8.36 2.87 11.77
N LEU B 45 -8.00 2.18 10.69
CA LEU B 45 -8.94 1.33 9.97
C LEU B 45 -9.48 0.23 10.88
N ARG B 46 -8.57 -0.50 11.51
CA ARG B 46 -8.95 -1.58 12.42
C ARG B 46 -9.81 -1.07 13.56
N GLU B 47 -9.39 0.03 14.18
CA GLU B 47 -10.12 0.63 15.29
C GLU B 47 -11.56 0.95 14.89
N ALA B 48 -11.74 1.35 13.63
CA ALA B 48 -13.07 1.69 13.13
C ALA B 48 -13.96 0.44 13.09
N ARG B 49 -13.37 -0.69 12.71
CA ARG B 49 -14.10 -1.94 12.62
C ARG B 49 -13.86 -2.80 13.87
N ALA B 50 -14.47 -3.98 13.90
CA ALA B 50 -14.32 -4.89 15.04
C ALA B 50 -12.86 -5.10 15.39
N ALA C 1 -30.28 2.25 -17.69
CA ALA C 1 -30.37 2.91 -16.36
C ALA C 1 -29.23 2.48 -15.46
N MET C 2 -28.56 3.45 -14.85
CA MET C 2 -27.44 3.17 -13.95
C MET C 2 -27.93 2.50 -12.67
N ALA C 3 -28.95 3.10 -12.05
CA ALA C 3 -29.51 2.56 -10.82
C ALA C 3 -28.46 2.49 -9.71
N ASP C 4 -28.33 3.57 -8.96
CA ASP C 4 -27.36 3.63 -7.86
C ASP C 4 -28.04 3.41 -6.52
N ILE C 5 -27.24 3.09 -5.50
CA ILE C 5 -27.77 2.85 -4.15
C ILE C 5 -28.08 4.15 -3.44
N GLY C 6 -27.24 5.17 -3.69
CA GLY C 6 -27.45 6.46 -3.05
C GLY C 6 -26.52 7.52 -3.61
N SER C 7 -25.22 7.25 -3.57
CA SER C 7 -24.23 8.19 -4.08
C SER C 7 -22.87 7.52 -4.23
N ALA C 8 -22.34 7.53 -5.46
CA ALA C 8 -21.05 6.92 -5.74
C ALA C 8 -19.90 7.80 -5.27
N SER C 9 -19.96 9.09 -5.65
CA SER C 9 -18.92 10.03 -5.26
C SER C 9 -17.56 9.60 -5.77
N GLY C 10 -17.06 10.27 -6.80
CA GLY C 10 -15.77 9.94 -7.37
C GLY C 10 -14.62 10.33 -6.46
N TYR C 11 -14.47 9.60 -5.36
CA TYR C 11 -13.41 9.89 -4.39
C TYR C 11 -12.04 9.98 -5.06
N VAL C 12 -11.16 10.77 -4.47
CA VAL C 12 -9.80 10.95 -4.98
C VAL C 12 -9.81 11.77 -6.28
N PRO C 13 -9.10 12.92 -6.33
CA PRO C 13 -9.06 13.77 -7.52
C PRO C 13 -8.16 13.22 -8.63
N GLU C 14 -8.81 12.70 -9.68
CA GLU C 14 -8.16 12.13 -10.86
C GLU C 14 -6.64 11.88 -10.72
N GLU C 15 -5.84 12.93 -10.89
CA GLU C 15 -4.38 12.83 -10.84
C GLU C 15 -3.85 12.05 -9.63
N ILE C 16 -4.52 12.16 -8.49
CA ILE C 16 -4.08 11.46 -7.28
C ILE C 16 -4.36 9.96 -7.41
N TRP C 17 -5.38 9.61 -8.19
CA TRP C 17 -5.73 8.21 -8.39
C TRP C 17 -4.82 7.53 -9.41
N LYS C 18 -4.63 8.18 -10.55
CA LYS C 18 -3.77 7.62 -11.58
C LYS C 18 -2.39 7.32 -11.01
N LYS C 19 -1.85 8.28 -10.25
CA LYS C 19 -0.53 8.13 -9.67
C LYS C 19 -0.47 7.03 -8.62
N ALA C 20 -1.28 7.15 -7.55
CA ALA C 20 -1.28 6.16 -6.47
C ALA C 20 -1.38 4.73 -7.00
N GLU C 21 -2.17 4.54 -8.06
CA GLU C 21 -2.35 3.22 -8.65
C GLU C 21 -1.02 2.69 -9.21
N GLU C 22 -0.22 3.60 -9.75
CA GLU C 22 1.07 3.22 -10.31
C GLU C 22 2.00 2.69 -9.22
N ALA C 23 2.05 3.39 -8.10
CA ALA C 23 2.91 2.99 -6.98
C ALA C 23 2.64 1.55 -6.54
N VAL C 24 1.37 1.21 -6.38
CA VAL C 24 0.99 -0.14 -5.95
C VAL C 24 1.27 -1.19 -7.02
N ASN C 25 0.95 -0.88 -8.26
CA ASN C 25 1.18 -1.81 -9.36
C ASN C 25 2.69 -2.03 -9.56
N GLU C 26 3.45 -0.96 -9.39
CA GLU C 26 4.90 -1.04 -9.54
C GLU C 26 5.53 -1.84 -8.41
N VAL C 27 5.30 -1.42 -7.17
CA VAL C 27 5.86 -2.13 -6.02
C VAL C 27 5.36 -3.57 -5.94
N LYS C 28 4.17 -3.80 -6.46
CA LYS C 28 3.56 -5.12 -6.46
C LYS C 28 4.24 -6.00 -7.50
N ARG C 29 4.38 -5.46 -8.70
CA ARG C 29 5.05 -6.18 -9.77
C ARG C 29 6.48 -6.53 -9.34
N GLN C 30 7.02 -5.71 -8.43
CA GLN C 30 8.38 -5.91 -7.93
C GLN C 30 8.47 -7.00 -6.85
N ALA C 31 7.67 -6.89 -5.78
CA ALA C 31 7.69 -7.86 -4.68
C ALA C 31 7.64 -9.30 -5.17
N MET C 32 6.89 -9.56 -6.22
CA MET C 32 6.79 -10.92 -6.76
C MET C 32 8.09 -11.35 -7.41
N THR C 33 8.85 -10.39 -7.95
CA THR C 33 10.14 -10.71 -8.55
C THR C 33 11.10 -11.17 -7.44
N GLU C 34 11.00 -10.53 -6.30
CA GLU C 34 11.82 -10.90 -5.14
C GLU C 34 11.50 -12.35 -4.74
N LEU C 35 10.31 -12.80 -5.15
CA LEU C 35 9.83 -14.14 -4.86
C LEU C 35 10.36 -15.13 -5.88
N GLN C 36 10.31 -14.75 -7.16
CA GLN C 36 10.79 -15.61 -8.23
C GLN C 36 12.31 -15.83 -8.13
N LYS C 37 12.97 -15.01 -7.32
CA LYS C 37 14.42 -15.11 -7.14
C LYS C 37 14.85 -14.48 -5.82
N ALA C 38 14.35 -15.02 -4.71
CA ALA C 38 14.68 -14.52 -3.39
C ALA C 38 16.13 -14.82 -3.04
N GLY A 1 15.20 27.43 -12.25
CA GLY A 1 14.32 28.43 -12.92
C GLY A 1 13.24 27.80 -13.76
N ALA A 2 12.54 26.82 -13.18
CA ALA A 2 11.46 26.13 -13.87
C ALA A 2 10.27 27.05 -14.10
N MET A 3 9.67 26.94 -15.29
CA MET A 3 8.51 27.76 -15.64
C MET A 3 7.21 27.11 -15.16
N GLY A 4 7.27 25.81 -14.88
CA GLY A 4 6.09 25.08 -14.42
C GLY A 4 5.42 24.31 -15.55
N SER A 5 5.76 23.03 -15.67
CA SER A 5 5.18 22.19 -16.71
C SER A 5 5.22 20.72 -16.28
N MET A 6 4.17 19.98 -16.66
CA MET A 6 4.09 18.56 -16.31
C MET A 6 4.22 18.35 -14.80
N SER A 7 3.89 19.38 -14.04
CA SER A 7 3.98 19.33 -12.58
C SER A 7 2.58 19.25 -11.96
N HIS A 8 2.47 18.48 -10.88
CA HIS A 8 1.19 18.31 -10.17
C HIS A 8 1.33 17.26 -9.09
N ILE A 9 2.12 16.23 -9.38
CA ILE A 9 2.34 15.13 -8.45
C ILE A 9 3.68 14.44 -8.75
N GLN A 10 4.29 13.85 -7.73
CA GLN A 10 5.57 13.17 -7.90
C GLN A 10 5.72 12.00 -6.93
N ILE A 11 5.62 10.78 -7.44
CA ILE A 11 5.77 9.59 -6.60
C ILE A 11 6.92 9.76 -5.60
N PRO A 12 6.60 10.08 -4.33
CA PRO A 12 7.63 10.29 -3.28
C PRO A 12 8.66 9.16 -3.21
N PRO A 13 9.94 9.42 -3.53
CA PRO A 13 10.99 8.40 -3.47
C PRO A 13 10.95 7.61 -2.16
N GLY A 14 11.40 6.36 -2.19
CA GLY A 14 11.41 5.54 -0.99
C GLY A 14 10.08 4.85 -0.74
N LEU A 15 9.01 5.35 -1.34
CA LEU A 15 7.70 4.75 -1.17
C LEU A 15 7.67 3.34 -1.73
N THR A 16 8.48 3.10 -2.76
CA THR A 16 8.54 1.79 -3.40
C THR A 16 9.17 0.74 -2.49
N GLU A 17 10.37 1.02 -1.99
CA GLU A 17 11.05 0.08 -1.11
C GLU A 17 10.25 -0.16 0.16
N LEU A 18 9.45 0.83 0.57
CA LEU A 18 8.64 0.70 1.79
C LEU A 18 7.48 -0.26 1.60
N LEU A 19 6.78 -0.16 0.47
CA LEU A 19 5.63 -1.02 0.19
C LEU A 19 6.09 -2.43 -0.16
N GLN A 20 7.26 -2.52 -0.77
CA GLN A 20 7.81 -3.82 -1.17
C GLN A 20 8.05 -4.70 0.05
N GLY A 21 8.60 -4.10 1.10
CA GLY A 21 8.85 -4.85 2.33
C GLY A 21 7.58 -5.50 2.84
N TYR A 22 6.50 -4.74 2.83
CA TYR A 22 5.22 -5.25 3.29
C TYR A 22 4.65 -6.28 2.31
N THR A 23 4.65 -5.92 1.03
CA THR A 23 4.11 -6.80 -0.01
C THR A 23 4.78 -8.17 -0.01
N VAL A 24 6.09 -8.19 -0.22
CA VAL A 24 6.84 -9.44 -0.26
C VAL A 24 6.56 -10.30 0.97
N GLU A 25 6.25 -9.67 2.09
CA GLU A 25 5.97 -10.39 3.33
C GLU A 25 4.61 -11.08 3.29
N VAL A 26 3.64 -10.44 2.64
CA VAL A 26 2.30 -10.99 2.54
C VAL A 26 2.28 -12.28 1.72
N LEU A 27 3.17 -12.34 0.73
CA LEU A 27 3.27 -13.49 -0.16
C LEU A 27 3.94 -14.68 0.52
N ARG A 28 5.10 -14.46 1.11
CA ARG A 28 5.84 -15.54 1.77
C ARG A 28 5.21 -15.93 3.12
N GLN A 29 4.46 -15.01 3.71
CA GLN A 29 3.81 -15.27 5.01
C GLN A 29 2.40 -15.79 4.81
N GLN A 30 1.71 -15.22 3.83
CA GLN A 30 0.35 -15.61 3.52
C GLN A 30 -0.58 -15.44 4.73
N PRO A 31 -0.95 -14.19 5.06
CA PRO A 31 -1.81 -13.87 6.18
C PRO A 31 -3.30 -13.88 5.79
N PRO A 32 -4.20 -13.95 6.78
CA PRO A 32 -5.65 -13.98 6.53
C PRO A 32 -6.24 -12.59 6.24
N ASP A 33 -5.65 -11.55 6.84
CA ASP A 33 -6.12 -10.19 6.65
C ASP A 33 -4.98 -9.24 6.34
N LEU A 34 -5.28 -8.22 5.54
CA LEU A 34 -4.29 -7.22 5.14
C LEU A 34 -4.26 -6.09 6.16
N VAL A 35 -5.43 -5.70 6.65
CA VAL A 35 -5.53 -4.62 7.62
C VAL A 35 -4.81 -4.99 8.92
N GLU A 36 -4.98 -6.24 9.36
CA GLU A 36 -4.34 -6.72 10.58
C GLU A 36 -2.86 -6.97 10.32
N PHE A 37 -2.57 -7.58 9.18
CA PHE A 37 -1.19 -7.87 8.80
C PHE A 37 -0.43 -6.58 8.50
N ALA A 38 -1.18 -5.54 8.12
CA ALA A 38 -0.58 -4.25 7.80
C ALA A 38 -0.08 -3.53 9.05
N VAL A 39 -0.92 -3.45 10.07
CA VAL A 39 -0.54 -2.80 11.31
C VAL A 39 0.46 -3.67 12.07
N GLU A 40 0.39 -4.99 11.89
CA GLU A 40 1.31 -5.89 12.56
C GLU A 40 2.71 -5.76 11.97
N TYR A 41 2.78 -5.60 10.65
CA TYR A 41 4.06 -5.46 9.95
C TYR A 41 4.66 -4.07 10.08
N PHE A 42 3.82 -3.03 10.01
CA PHE A 42 4.29 -1.65 10.07
C PHE A 42 4.66 -1.22 11.49
N THR A 43 3.77 -1.43 12.46
CA THR A 43 4.05 -1.02 13.83
C THR A 43 5.39 -1.60 14.30
N ARG A 44 5.61 -2.88 14.01
CA ARG A 44 6.86 -3.54 14.39
C ARG A 44 8.06 -2.79 13.82
N LEU A 45 8.01 -2.53 12.51
CA LEU A 45 9.09 -1.82 11.84
C LEU A 45 9.29 -0.44 12.48
N ARG A 46 8.22 0.34 12.55
CA ARG A 46 8.29 1.68 13.14
C ARG A 46 8.97 1.62 14.52
N GLU A 47 8.41 0.83 15.41
CA GLU A 47 8.96 0.70 16.77
C GLU A 47 10.42 0.28 16.77
N ALA A 48 10.89 -0.31 15.66
CA ALA A 48 12.27 -0.76 15.56
C ALA A 48 13.24 0.34 16.01
N ARG A 49 12.96 1.58 15.63
CA ARG A 49 13.81 2.71 15.99
C ARG A 49 13.21 3.49 17.16
N ALA A 50 12.42 2.81 17.98
CA ALA A 50 11.77 3.43 19.14
C ALA A 50 10.53 4.21 18.72
N GLY B 1 0.08 -13.02 -17.32
CA GLY B 1 -0.10 -12.46 -18.69
C GLY B 1 0.18 -13.48 -19.78
N ALA B 2 -0.57 -14.58 -19.77
CA ALA B 2 -0.40 -15.63 -20.75
C ALA B 2 1.01 -16.22 -20.71
N MET B 3 1.12 -17.48 -20.28
CA MET B 3 2.40 -18.16 -20.19
C MET B 3 2.22 -19.65 -20.00
N GLY B 4 1.45 -20.02 -18.97
CA GLY B 4 1.20 -21.43 -18.69
C GLY B 4 0.58 -21.64 -17.33
N SER B 5 -0.19 -22.72 -17.19
CA SER B 5 -0.84 -23.04 -15.93
C SER B 5 0.17 -23.46 -14.88
N MET B 6 1.03 -22.52 -14.48
CA MET B 6 2.06 -22.79 -13.48
C MET B 6 1.88 -21.86 -12.27
N SER B 7 2.03 -22.42 -11.07
CA SER B 7 1.87 -21.65 -9.84
C SER B 7 3.23 -21.17 -9.31
N HIS B 8 3.17 -20.25 -8.35
CA HIS B 8 4.38 -19.69 -7.75
C HIS B 8 3.99 -18.73 -6.62
N ILE B 9 3.31 -17.65 -6.97
CA ILE B 9 2.87 -16.65 -6.01
C ILE B 9 1.59 -15.98 -6.50
N GLN B 10 0.77 -15.47 -5.58
CA GLN B 10 -0.48 -14.80 -5.94
C GLN B 10 -0.83 -13.69 -4.96
N ILE B 11 -0.93 -12.46 -5.47
CA ILE B 11 -1.26 -11.30 -4.66
C ILE B 11 -2.65 -11.46 -4.01
N PRO B 12 -2.73 -11.58 -2.66
CA PRO B 12 -4.01 -11.72 -1.98
C PRO B 12 -5.03 -10.68 -2.44
N PRO B 13 -6.10 -11.08 -3.15
CA PRO B 13 -7.12 -10.16 -3.65
C PRO B 13 -7.55 -9.13 -2.60
N GLY B 14 -7.78 -7.90 -3.07
CA GLY B 14 -8.19 -6.83 -2.17
C GLY B 14 -7.01 -6.02 -1.66
N LEU B 15 -5.84 -6.62 -1.69
CA LEU B 15 -4.62 -5.95 -1.21
C LEU B 15 -4.28 -4.73 -2.07
N THR B 16 -4.46 -4.86 -3.39
CA THR B 16 -4.14 -3.75 -4.29
C THR B 16 -4.83 -2.45 -3.87
N GLU B 17 -6.13 -2.55 -3.57
CA GLU B 17 -6.90 -1.37 -3.16
C GLU B 17 -6.45 -0.85 -1.80
N LEU B 18 -5.93 -1.74 -0.96
CA LEU B 18 -5.45 -1.34 0.36
C LEU B 18 -4.24 -0.42 0.25
N LEU B 19 -3.21 -0.89 -0.45
CA LEU B 19 -2.01 -0.09 -0.65
C LEU B 19 -2.37 1.21 -1.38
N GLN B 20 -3.36 1.11 -2.27
CA GLN B 20 -3.82 2.27 -3.02
C GLN B 20 -4.49 3.28 -2.08
N GLY B 21 -5.40 2.78 -1.26
CA GLY B 21 -6.11 3.62 -0.32
C GLY B 21 -5.17 4.43 0.56
N TYR B 22 -4.05 3.83 0.92
CA TYR B 22 -3.05 4.49 1.76
C TYR B 22 -2.17 5.43 0.94
N THR B 23 -1.61 4.92 -0.15
CA THR B 23 -0.74 5.72 -1.01
C THR B 23 -1.40 7.02 -1.46
N VAL B 24 -2.62 6.94 -1.96
CA VAL B 24 -3.34 8.13 -2.43
C VAL B 24 -3.30 9.23 -1.38
N GLU B 25 -3.32 8.83 -0.11
CA GLU B 25 -3.28 9.79 1.00
C GLU B 25 -1.86 10.34 1.18
N VAL B 26 -0.88 9.50 0.88
CA VAL B 26 0.53 9.89 1.01
C VAL B 26 0.90 10.95 -0.02
N LEU B 27 0.60 10.67 -1.28
CA LEU B 27 0.91 11.58 -2.37
C LEU B 27 0.16 12.91 -2.22
N ARG B 28 -1.09 12.83 -1.75
CA ARG B 28 -1.93 14.00 -1.59
C ARG B 28 -1.71 14.73 -0.25
N GLN B 29 -1.22 14.02 0.76
CA GLN B 29 -0.99 14.62 2.08
C GLN B 29 0.50 14.88 2.33
N GLN B 30 1.34 13.97 1.86
CA GLN B 30 2.78 14.09 2.04
C GLN B 30 3.13 14.20 3.52
N PRO B 31 3.26 13.06 4.22
CA PRO B 31 3.58 13.03 5.65
C PRO B 31 5.09 13.03 5.91
N PRO B 32 5.51 13.17 7.19
CA PRO B 32 6.92 13.18 7.55
C PRO B 32 7.56 11.79 7.44
N ASP B 33 6.76 10.76 7.72
CA ASP B 33 7.24 9.38 7.67
C ASP B 33 6.25 8.51 6.91
N LEU B 34 6.68 7.30 6.60
CA LEU B 34 5.84 6.35 5.89
C LEU B 34 5.29 5.31 6.85
N VAL B 35 6.14 4.87 7.78
CA VAL B 35 5.73 3.88 8.77
C VAL B 35 4.79 4.49 9.82
N GLU B 36 5.07 5.73 10.24
CA GLU B 36 4.24 6.40 11.24
C GLU B 36 2.89 6.80 10.64
N PHE B 37 2.90 7.17 9.36
CA PHE B 37 1.66 7.56 8.69
C PHE B 37 0.82 6.33 8.39
N ALA B 38 1.49 5.19 8.19
CA ALA B 38 0.81 3.93 7.89
C ALA B 38 0.21 3.31 9.15
N VAL B 39 1.01 3.21 10.21
CA VAL B 39 0.54 2.64 11.47
C VAL B 39 -0.77 3.30 11.91
N GLU B 40 -0.80 4.63 11.87
CA GLU B 40 -1.99 5.39 12.25
C GLU B 40 -3.13 5.12 11.28
N TYR B 41 -2.80 4.90 10.01
CA TYR B 41 -3.79 4.65 8.98
C TYR B 41 -4.44 3.28 9.15
N PHE B 42 -3.66 2.24 9.43
CA PHE B 42 -4.21 0.90 9.60
C PHE B 42 -4.86 0.71 10.96
N THR B 43 -4.41 1.47 11.96
CA THR B 43 -4.97 1.36 13.31
C THR B 43 -6.36 2.01 13.36
N ARG B 44 -6.53 3.09 12.61
CA ARG B 44 -7.81 3.79 12.56
C ARG B 44 -8.86 2.93 11.87
N LEU B 45 -8.43 2.20 10.85
CA LEU B 45 -9.33 1.33 10.08
C LEU B 45 -9.83 0.17 10.94
N ARG B 46 -8.90 -0.60 11.49
CA ARG B 46 -9.25 -1.75 12.32
C ARG B 46 -10.10 -1.32 13.51
N GLU B 47 -9.55 -0.44 14.34
CA GLU B 47 -10.25 0.05 15.52
C GLU B 47 -11.65 0.55 15.17
N ALA B 48 -11.78 1.16 13.98
CA ALA B 48 -13.05 1.69 13.53
C ALA B 48 -13.97 0.56 13.05
N ARG B 49 -13.36 -0.50 12.49
CA ARG B 49 -14.10 -1.67 11.99
C ARG B 49 -15.43 -1.29 11.31
N ALA B 50 -16.19 -2.29 10.90
CA ALA B 50 -17.47 -2.06 10.23
C ALA B 50 -17.29 -1.23 8.97
N ALA C 1 -27.30 -5.61 17.29
CA ALA C 1 -26.17 -6.56 17.34
C ALA C 1 -25.06 -6.15 16.36
N MET C 2 -25.45 -5.87 15.13
CA MET C 2 -24.49 -5.47 14.09
C MET C 2 -25.16 -4.57 13.05
N ALA C 3 -24.34 -3.97 12.20
CA ALA C 3 -24.85 -3.08 11.15
C ALA C 3 -23.79 -2.86 10.07
N ASP C 4 -23.98 -3.49 8.93
CA ASP C 4 -23.03 -3.36 7.81
C ASP C 4 -23.76 -3.51 6.48
N ILE C 5 -23.93 -2.39 5.77
CA ILE C 5 -24.60 -2.38 4.47
C ILE C 5 -23.69 -1.78 3.39
N GLY C 6 -22.98 -0.72 3.75
CA GLY C 6 -22.09 -0.07 2.80
C GLY C 6 -22.78 1.00 1.99
N SER C 7 -21.99 1.91 1.41
CA SER C 7 -22.53 3.00 0.61
C SER C 7 -21.64 3.25 -0.61
N ALA C 8 -20.33 3.30 -0.39
CA ALA C 8 -19.38 3.53 -1.47
C ALA C 8 -19.63 4.86 -2.16
N SER C 9 -18.93 5.91 -1.68
CA SER C 9 -19.06 7.25 -2.24
C SER C 9 -17.75 7.67 -2.92
N GLY C 10 -17.68 8.95 -3.30
CA GLY C 10 -16.50 9.46 -3.95
C GLY C 10 -15.27 9.41 -3.05
N TYR C 11 -14.41 10.42 -3.19
CA TYR C 11 -13.17 10.57 -2.40
C TYR C 11 -11.94 10.37 -3.28
N VAL C 12 -10.89 11.11 -2.98
CA VAL C 12 -9.64 11.01 -3.73
C VAL C 12 -9.76 11.66 -5.11
N PRO C 13 -9.10 12.82 -5.36
CA PRO C 13 -9.17 13.51 -6.65
C PRO C 13 -8.85 12.60 -7.84
N GLU C 14 -8.53 13.21 -8.97
CA GLU C 14 -8.22 12.47 -10.19
C GLU C 14 -6.75 12.05 -10.26
N GLU C 15 -5.88 12.97 -10.67
CA GLU C 15 -4.44 12.70 -10.80
C GLU C 15 -3.88 12.02 -9.55
N ILE C 16 -4.51 12.29 -8.42
CA ILE C 16 -4.10 11.71 -7.14
C ILE C 16 -4.37 10.21 -7.13
N TRP C 17 -5.45 9.80 -7.79
CA TRP C 17 -5.80 8.39 -7.88
C TRP C 17 -5.00 7.67 -8.96
N LYS C 18 -4.89 8.30 -10.13
CA LYS C 18 -4.17 7.71 -11.23
C LYS C 18 -2.72 7.42 -10.86
N LYS C 19 -2.07 8.39 -10.21
CA LYS C 19 -0.67 8.22 -9.83
C LYS C 19 -0.48 7.16 -8.75
N ALA C 20 -1.12 7.32 -7.60
CA ALA C 20 -0.98 6.36 -6.50
C ALA C 20 -1.15 4.92 -6.97
N GLU C 21 -1.97 4.73 -8.00
CA GLU C 21 -2.23 3.39 -8.54
C GLU C 21 -0.94 2.79 -9.12
N GLU C 22 -0.10 3.64 -9.72
CA GLU C 22 1.15 3.16 -10.31
C GLU C 22 2.07 2.60 -9.21
N ALA C 23 2.16 3.32 -8.10
CA ALA C 23 3.01 2.91 -6.99
C ALA C 23 2.70 1.47 -6.52
N VAL C 24 1.41 1.12 -6.49
CA VAL C 24 1.00 -0.20 -6.05
C VAL C 24 1.30 -1.29 -7.08
N ASN C 25 1.03 -0.98 -8.33
CA ASN C 25 1.28 -1.93 -9.41
C ASN C 25 2.78 -2.19 -9.55
N GLU C 26 3.57 -1.14 -9.36
CA GLU C 26 5.02 -1.26 -9.46
C GLU C 26 5.60 -2.08 -8.31
N VAL C 27 5.36 -1.66 -7.07
CA VAL C 27 5.88 -2.38 -5.91
C VAL C 27 5.37 -3.81 -5.85
N LYS C 28 4.19 -4.05 -6.41
CA LYS C 28 3.60 -5.39 -6.41
C LYS C 28 4.30 -6.28 -7.43
N ARG C 29 4.49 -5.78 -8.63
CA ARG C 29 5.17 -6.54 -9.67
C ARG C 29 6.61 -6.80 -9.27
N GLN C 30 7.14 -5.95 -8.39
CA GLN C 30 8.52 -6.09 -7.92
C GLN C 30 8.66 -7.17 -6.84
N ALA C 31 7.95 -7.01 -5.71
CA ALA C 31 8.02 -7.97 -4.60
C ALA C 31 7.91 -9.43 -5.06
N MET C 32 7.12 -9.66 -6.10
CA MET C 32 6.94 -11.01 -6.61
C MET C 32 8.26 -11.54 -7.17
N THR C 33 9.10 -10.65 -7.69
CA THR C 33 10.39 -11.06 -8.23
C THR C 33 11.31 -11.50 -7.09
N GLU C 34 11.23 -10.78 -5.98
CA GLU C 34 12.05 -11.11 -4.81
C GLU C 34 11.76 -12.54 -4.34
N LEU C 35 10.56 -13.02 -4.65
CA LEU C 35 10.13 -14.36 -4.27
C LEU C 35 10.50 -15.39 -5.35
N GLN C 36 10.31 -15.01 -6.60
CA GLN C 36 10.62 -15.89 -7.72
C GLN C 36 12.12 -16.17 -7.80
N LYS C 37 12.91 -15.38 -7.07
CA LYS C 37 14.36 -15.55 -7.06
C LYS C 37 15.00 -14.79 -5.91
N ALA C 38 14.64 -15.16 -4.68
CA ALA C 38 15.18 -14.51 -3.49
C ALA C 38 16.69 -14.71 -3.40
N GLY A 1 -6.44 25.20 5.74
CA GLY A 1 -7.39 24.56 4.78
C GLY A 1 -6.82 24.46 3.38
N ALA A 2 -6.30 23.29 3.03
CA ALA A 2 -5.72 23.07 1.71
C ALA A 2 -6.77 23.26 0.62
N MET A 3 -6.45 24.07 -0.38
CA MET A 3 -7.36 24.33 -1.48
C MET A 3 -6.64 25.07 -2.62
N GLY A 4 -5.95 24.32 -3.47
CA GLY A 4 -5.24 24.92 -4.58
C GLY A 4 -4.48 23.89 -5.39
N SER A 5 -5.18 23.21 -6.29
CA SER A 5 -4.56 22.19 -7.14
C SER A 5 -5.16 22.22 -8.54
N MET A 6 -4.47 21.61 -9.50
CA MET A 6 -4.94 21.56 -10.88
C MET A 6 -4.35 20.37 -11.63
N SER A 7 -3.03 20.23 -11.55
CA SER A 7 -2.35 19.12 -12.23
C SER A 7 -0.88 19.06 -11.86
N HIS A 8 -0.59 18.46 -10.70
CA HIS A 8 0.79 18.34 -10.23
C HIS A 8 0.92 17.22 -9.21
N ILE A 9 1.68 16.18 -9.56
CA ILE A 9 1.88 15.03 -8.68
C ILE A 9 3.31 14.51 -8.80
N GLN A 10 3.76 13.75 -7.81
CA GLN A 10 5.11 13.19 -7.83
C GLN A 10 5.24 12.00 -6.88
N ILE A 11 5.17 10.79 -7.43
CA ILE A 11 5.30 9.57 -6.63
C ILE A 11 6.34 9.74 -5.51
N PRO A 12 5.91 10.04 -4.27
CA PRO A 12 6.82 10.22 -3.14
C PRO A 12 7.83 9.09 -3.00
N PRO A 13 9.12 9.33 -3.29
CA PRO A 13 10.16 8.30 -3.20
C PRO A 13 10.09 7.52 -1.90
N GLY A 14 10.58 6.28 -1.93
CA GLY A 14 10.57 5.44 -0.73
C GLY A 14 9.28 4.66 -0.56
N LEU A 15 8.20 5.15 -1.18
CA LEU A 15 6.90 4.49 -1.07
C LEU A 15 6.99 3.06 -1.61
N THR A 16 7.81 2.87 -2.64
CA THR A 16 7.97 1.56 -3.25
C THR A 16 8.63 0.59 -2.27
N GLU A 17 9.74 1.02 -1.68
CA GLU A 17 10.48 0.20 -0.73
C GLU A 17 9.67 -0.08 0.53
N LEU A 18 8.86 0.90 0.94
CA LEU A 18 8.04 0.76 2.16
C LEU A 18 6.93 -0.26 1.96
N LEU A 19 6.20 -0.15 0.85
CA LEU A 19 5.11 -1.06 0.57
C LEU A 19 5.65 -2.46 0.26
N GLN A 20 6.88 -2.50 -0.24
CA GLN A 20 7.52 -3.77 -0.58
C GLN A 20 7.65 -4.64 0.66
N GLY A 21 8.07 -4.03 1.77
CA GLY A 21 8.20 -4.77 3.00
C GLY A 21 6.91 -5.48 3.37
N TYR A 22 5.80 -4.76 3.24
CA TYR A 22 4.50 -5.33 3.54
C TYR A 22 4.10 -6.34 2.46
N THR A 23 4.22 -5.91 1.20
CA THR A 23 3.86 -6.75 0.06
C THR A 23 4.60 -8.09 0.07
N VAL A 24 5.94 -8.02 0.03
CA VAL A 24 6.77 -9.23 0.02
C VAL A 24 6.46 -10.14 1.20
N GLU A 25 6.03 -9.55 2.32
CA GLU A 25 5.71 -10.32 3.52
C GLU A 25 4.33 -10.98 3.40
N VAL A 26 3.34 -10.19 3.03
CA VAL A 26 1.98 -10.70 2.88
C VAL A 26 1.94 -11.98 2.06
N LEU A 27 2.72 -12.02 0.99
CA LEU A 27 2.79 -13.19 0.12
C LEU A 27 3.57 -14.32 0.78
N ARG A 28 4.68 -13.98 1.42
CA ARG A 28 5.53 -14.96 2.08
C ARG A 28 4.85 -15.58 3.31
N GLN A 29 3.89 -14.85 3.90
CA GLN A 29 3.20 -15.33 5.10
C GLN A 29 1.74 -15.68 4.81
N GLN A 30 1.09 -14.88 3.96
CA GLN A 30 -0.31 -15.11 3.62
C GLN A 30 -1.17 -15.13 4.89
N PRO A 31 -1.57 -13.96 5.40
CA PRO A 31 -2.37 -13.84 6.61
C PRO A 31 -3.87 -13.85 6.34
N PRO A 32 -4.71 -13.94 7.40
CA PRO A 32 -6.16 -13.95 7.24
C PRO A 32 -6.70 -12.57 6.90
N ASP A 33 -6.06 -11.53 7.43
CA ASP A 33 -6.48 -10.15 7.19
C ASP A 33 -5.29 -9.28 6.82
N LEU A 34 -5.50 -8.39 5.85
CA LEU A 34 -4.45 -7.49 5.39
C LEU A 34 -4.20 -6.39 6.44
N VAL A 35 -5.28 -5.79 6.93
CA VAL A 35 -5.17 -4.73 7.92
C VAL A 35 -4.39 -5.21 9.15
N GLU A 36 -4.84 -6.32 9.72
CA GLU A 36 -4.18 -6.89 10.89
C GLU A 36 -2.69 -7.09 10.63
N PHE A 37 -2.37 -7.73 9.52
CA PHE A 37 -1.00 -8.00 9.15
C PHE A 37 -0.22 -6.71 8.89
N ALA A 38 -0.93 -5.65 8.52
CA ALA A 38 -0.30 -4.36 8.24
C ALA A 38 0.10 -3.63 9.50
N VAL A 39 -0.77 -3.62 10.50
CA VAL A 39 -0.46 -2.97 11.76
C VAL A 39 0.68 -3.71 12.44
N GLU A 40 0.49 -4.99 12.73
CA GLU A 40 1.53 -5.78 13.37
C GLU A 40 2.86 -5.63 12.64
N TYR A 41 2.80 -5.44 11.32
CA TYR A 41 4.01 -5.29 10.51
C TYR A 41 4.60 -3.89 10.62
N PHE A 42 3.78 -2.87 10.35
CA PHE A 42 4.23 -1.49 10.42
C PHE A 42 4.63 -1.09 11.84
N THR A 43 4.01 -1.73 12.83
CA THR A 43 4.32 -1.44 14.23
C THR A 43 5.70 -1.94 14.61
N ARG A 44 5.97 -3.22 14.32
CA ARG A 44 7.27 -3.81 14.65
C ARG A 44 8.38 -3.17 13.81
N LEU A 45 8.03 -2.72 12.61
CA LEU A 45 9.00 -2.09 11.72
C LEU A 45 9.69 -0.92 12.43
N ARG A 46 8.89 0.03 12.92
CA ARG A 46 9.43 1.19 13.63
C ARG A 46 10.07 0.76 14.94
N GLU A 47 9.32 0.00 15.73
CA GLU A 47 9.78 -0.47 17.03
C GLU A 47 11.05 -1.32 16.92
N ALA A 48 11.23 -1.99 15.78
CA ALA A 48 12.40 -2.83 15.57
C ALA A 48 13.69 -2.03 15.73
N ARG A 49 13.72 -0.85 15.12
CA ARG A 49 14.89 0.03 15.18
C ARG A 49 14.59 1.30 15.96
N ALA A 50 13.69 1.19 16.93
CA ALA A 50 13.32 2.34 17.76
C ALA A 50 12.47 1.92 18.94
N GLY B 1 22.38 -11.62 -6.17
CA GLY B 1 21.61 -12.90 -6.20
C GLY B 1 22.52 -14.10 -6.25
N ALA B 2 21.99 -15.23 -6.74
CA ALA B 2 22.75 -16.46 -6.84
C ALA B 2 22.00 -17.51 -7.65
N MET B 3 20.71 -17.68 -7.34
CA MET B 3 19.89 -18.66 -8.04
C MET B 3 18.42 -18.52 -7.65
N GLY B 4 18.18 -18.31 -6.35
CA GLY B 4 16.82 -18.15 -5.86
C GLY B 4 16.33 -19.38 -5.11
N SER B 5 15.17 -19.90 -5.51
CA SER B 5 14.61 -21.08 -4.86
C SER B 5 13.57 -21.75 -5.76
N MET B 6 13.75 -21.62 -7.08
CA MET B 6 12.86 -22.21 -8.09
C MET B 6 11.43 -22.35 -7.57
N SER B 7 10.58 -21.39 -7.92
CA SER B 7 9.19 -21.40 -7.49
C SER B 7 8.40 -20.30 -8.20
N HIS B 8 7.33 -19.82 -7.56
CA HIS B 8 6.50 -18.75 -8.11
C HIS B 8 5.59 -18.20 -7.02
N ILE B 9 4.60 -17.40 -7.42
CA ILE B 9 3.69 -16.82 -6.46
C ILE B 9 2.49 -16.15 -7.13
N GLN B 10 1.59 -15.60 -6.32
CA GLN B 10 0.40 -14.92 -6.83
C GLN B 10 -0.09 -13.89 -5.81
N ILE B 11 -0.33 -12.67 -6.29
CA ILE B 11 -0.79 -11.59 -5.42
C ILE B 11 -2.26 -11.75 -5.05
N PRO B 12 -2.59 -11.95 -3.75
CA PRO B 12 -3.98 -12.11 -3.31
C PRO B 12 -4.89 -11.00 -3.83
N PRO B 13 -6.22 -11.21 -3.84
CA PRO B 13 -7.18 -10.22 -4.32
C PRO B 13 -7.56 -9.20 -3.25
N GLY B 14 -7.72 -7.94 -3.67
CA GLY B 14 -8.07 -6.88 -2.73
C GLY B 14 -6.87 -6.11 -2.23
N LEU B 15 -5.72 -6.78 -2.19
CA LEU B 15 -4.48 -6.16 -1.73
C LEU B 15 -4.19 -4.88 -2.52
N THR B 16 -4.35 -4.93 -3.83
CA THR B 16 -4.09 -3.77 -4.67
C THR B 16 -4.82 -2.53 -4.14
N GLU B 17 -6.07 -2.73 -3.72
CA GLU B 17 -6.88 -1.63 -3.20
C GLU B 17 -6.34 -1.09 -1.87
N LEU B 18 -6.05 -1.99 -0.93
CA LEU B 18 -5.55 -1.60 0.38
C LEU B 18 -4.35 -0.64 0.26
N LEU B 19 -3.32 -1.08 -0.45
CA LEU B 19 -2.14 -0.24 -0.65
C LEU B 19 -2.51 1.06 -1.35
N GLN B 20 -3.43 0.96 -2.30
CA GLN B 20 -3.87 2.14 -3.05
C GLN B 20 -4.53 3.15 -2.11
N GLY B 21 -5.32 2.65 -1.16
CA GLY B 21 -5.99 3.52 -0.22
C GLY B 21 -5.04 4.41 0.56
N TYR B 22 -3.83 3.89 0.80
CA TYR B 22 -2.82 4.63 1.55
C TYR B 22 -2.11 5.65 0.67
N THR B 23 -1.65 5.21 -0.50
CA THR B 23 -0.96 6.10 -1.43
C THR B 23 -1.78 7.36 -1.73
N VAL B 24 -3.01 7.17 -2.20
CA VAL B 24 -3.88 8.30 -2.56
C VAL B 24 -3.88 9.39 -1.50
N GLU B 25 -3.92 9.01 -0.22
CA GLU B 25 -3.92 10.00 0.86
C GLU B 25 -2.51 10.52 1.12
N VAL B 26 -1.51 9.67 0.90
CA VAL B 26 -0.13 10.06 1.09
C VAL B 26 0.26 11.18 0.13
N LEU B 27 0.08 10.92 -1.16
CA LEU B 27 0.42 11.90 -2.19
C LEU B 27 -0.27 13.24 -1.90
N ARG B 28 -1.53 13.19 -1.50
CA ARG B 28 -2.31 14.40 -1.20
C ARG B 28 -1.86 15.10 0.07
N GLN B 29 -1.23 14.36 0.99
CA GLN B 29 -0.79 14.92 2.27
C GLN B 29 0.72 15.12 2.32
N GLN B 30 1.45 14.06 1.96
CA GLN B 30 2.91 14.10 1.98
C GLN B 30 3.42 14.25 3.41
N PRO B 31 3.52 13.12 4.15
CA PRO B 31 3.99 13.14 5.54
C PRO B 31 5.52 13.11 5.65
N PRO B 32 6.06 13.35 6.85
CA PRO B 32 7.52 13.33 7.07
C PRO B 32 8.09 11.92 7.05
N ASP B 33 7.29 10.96 7.53
CA ASP B 33 7.71 9.56 7.58
C ASP B 33 6.64 8.65 7.01
N LEU B 34 7.06 7.69 6.20
CA LEU B 34 6.14 6.74 5.59
C LEU B 34 5.83 5.57 6.52
N VAL B 35 6.77 5.26 7.42
CA VAL B 35 6.58 4.17 8.37
C VAL B 35 5.55 4.53 9.43
N GLU B 36 5.60 5.77 9.90
CA GLU B 36 4.67 6.23 10.92
C GLU B 36 3.28 6.47 10.33
N PHE B 37 3.22 7.32 9.30
CA PHE B 37 1.95 7.64 8.66
C PHE B 37 1.18 6.38 8.26
N ALA B 38 1.91 5.29 8.06
CA ALA B 38 1.28 4.02 7.68
C ALA B 38 0.63 3.32 8.88
N VAL B 39 1.27 3.39 10.03
CA VAL B 39 0.73 2.75 11.22
C VAL B 39 -0.63 3.34 11.59
N GLU B 40 -0.75 4.65 11.45
CA GLU B 40 -2.00 5.35 11.78
C GLU B 40 -3.11 4.96 10.80
N TYR B 41 -2.79 4.97 9.51
CA TYR B 41 -3.77 4.63 8.48
C TYR B 41 -4.33 3.24 8.69
N PHE B 42 -3.47 2.25 8.86
CA PHE B 42 -3.91 0.87 9.07
C PHE B 42 -4.59 0.70 10.43
N THR B 43 -3.94 1.17 11.48
CA THR B 43 -4.50 1.06 12.83
C THR B 43 -5.88 1.71 12.89
N ARG B 44 -6.01 2.86 12.24
CA ARG B 44 -7.28 3.60 12.20
C ARG B 44 -8.40 2.69 11.70
N LEU B 45 -8.13 1.98 10.61
CA LEU B 45 -9.10 1.07 10.03
C LEU B 45 -9.27 -0.16 10.91
N ARG B 46 -8.18 -0.54 11.58
CA ARG B 46 -8.19 -1.70 12.47
C ARG B 46 -9.00 -1.44 13.73
N GLU B 47 -8.91 -0.22 14.25
CA GLU B 47 -9.62 0.17 15.46
C GLU B 47 -11.10 0.45 15.17
N ALA B 48 -11.47 0.41 13.89
CA ALA B 48 -12.85 0.66 13.48
C ALA B 48 -13.77 -0.46 13.94
N ARG B 49 -13.26 -1.69 13.96
CA ARG B 49 -14.04 -2.85 14.39
C ARG B 49 -13.81 -3.17 15.85
N ALA B 50 -13.45 -2.15 16.63
CA ALA B 50 -13.20 -2.31 18.05
C ALA B 50 -14.48 -2.09 18.86
N ALA C 1 -28.32 2.63 6.89
CA ALA C 1 -29.67 3.23 6.77
C ALA C 1 -30.24 3.07 5.37
N MET C 2 -29.44 3.44 4.36
CA MET C 2 -29.87 3.33 2.98
C MET C 2 -28.66 3.37 2.03
N ALA C 3 -28.80 2.73 0.88
CA ALA C 3 -27.72 2.70 -0.11
C ALA C 3 -27.77 3.91 -1.03
N ASP C 4 -27.60 5.10 -0.45
CA ASP C 4 -27.63 6.34 -1.21
C ASP C 4 -26.97 7.47 -0.43
N ILE C 5 -26.01 8.15 -1.06
CA ILE C 5 -25.30 9.25 -0.43
C ILE C 5 -25.02 10.37 -1.44
N GLY C 6 -24.57 10.00 -2.63
CA GLY C 6 -24.27 10.97 -3.67
C GLY C 6 -22.78 11.08 -3.94
N SER C 7 -22.05 10.01 -3.64
CA SER C 7 -20.61 9.99 -3.86
C SER C 7 -20.05 8.60 -3.61
N ALA C 8 -20.46 7.99 -2.50
CA ALA C 8 -20.01 6.65 -2.13
C ALA C 8 -18.52 6.65 -1.77
N SER C 9 -17.68 6.94 -2.76
CA SER C 9 -16.23 6.97 -2.54
C SER C 9 -15.52 7.46 -3.80
N GLY C 10 -14.92 8.64 -3.71
CA GLY C 10 -14.21 9.21 -4.84
C GLY C 10 -13.76 10.63 -4.60
N TYR C 11 -13.02 10.84 -3.52
CA TYR C 11 -12.53 12.18 -3.18
C TYR C 11 -11.12 12.40 -3.73
N VAL C 12 -10.76 11.63 -4.75
CA VAL C 12 -9.45 11.73 -5.39
C VAL C 12 -9.52 12.60 -6.66
N PRO C 13 -8.74 13.70 -6.74
CA PRO C 13 -8.77 14.58 -7.93
C PRO C 13 -8.17 13.93 -9.18
N GLU C 14 -8.74 12.78 -9.57
CA GLU C 14 -8.31 12.06 -10.76
C GLU C 14 -6.81 11.73 -10.77
N GLU C 15 -5.97 12.70 -11.14
CA GLU C 15 -4.52 12.51 -11.22
C GLU C 15 -3.95 11.81 -9.98
N ILE C 16 -4.62 11.97 -8.85
CA ILE C 16 -4.18 11.35 -7.61
C ILE C 16 -4.43 9.86 -7.63
N TRP C 17 -5.44 9.43 -8.37
CA TRP C 17 -5.77 8.01 -8.48
C TRP C 17 -4.86 7.31 -9.46
N LYS C 18 -4.65 7.93 -10.62
CA LYS C 18 -3.77 7.36 -11.63
C LYS C 18 -2.40 7.12 -11.04
N LYS C 19 -1.88 8.11 -10.31
CA LYS C 19 -0.56 8.00 -9.72
C LYS C 19 -0.52 6.99 -8.58
N ALA C 20 -1.38 7.17 -7.56
CA ALA C 20 -1.42 6.26 -6.42
C ALA C 20 -1.46 4.80 -6.88
N GLU C 21 -2.19 4.54 -7.96
CA GLU C 21 -2.31 3.20 -8.52
C GLU C 21 -0.95 2.69 -8.99
N GLU C 22 -0.10 3.62 -9.43
CA GLU C 22 1.24 3.26 -9.90
C GLU C 22 2.09 2.74 -8.75
N ALA C 23 2.03 3.42 -7.61
CA ALA C 23 2.79 3.02 -6.44
C ALA C 23 2.49 1.58 -6.03
N VAL C 24 1.26 1.15 -6.29
CA VAL C 24 0.83 -0.20 -5.92
C VAL C 24 1.24 -1.24 -6.97
N ASN C 25 1.03 -0.91 -8.23
CA ASN C 25 1.39 -1.82 -9.32
C ASN C 25 2.90 -1.98 -9.38
N GLU C 26 3.62 -0.89 -9.15
CA GLU C 26 5.07 -0.91 -9.18
C GLU C 26 5.62 -1.75 -8.02
N VAL C 27 5.26 -1.40 -6.78
CA VAL C 27 5.75 -2.13 -5.62
C VAL C 27 5.34 -3.61 -5.66
N LYS C 28 4.22 -3.88 -6.34
CA LYS C 28 3.71 -5.26 -6.46
C LYS C 28 4.55 -6.06 -7.45
N ARG C 29 4.80 -5.49 -8.62
CA ARG C 29 5.57 -6.15 -9.66
C ARG C 29 6.97 -6.50 -9.16
N GLN C 30 7.57 -5.62 -8.35
CA GLN C 30 8.92 -5.86 -7.84
C GLN C 30 8.95 -6.85 -6.67
N ALA C 31 8.08 -6.66 -5.67
CA ALA C 31 8.03 -7.55 -4.51
C ALA C 31 8.06 -9.02 -4.93
N MET C 32 7.40 -9.31 -6.04
CA MET C 32 7.35 -10.68 -6.54
C MET C 32 8.69 -11.12 -7.12
N THR C 33 9.45 -10.19 -7.71
CA THR C 33 10.76 -10.54 -8.25
C THR C 33 11.67 -10.93 -7.08
N GLU C 34 11.47 -10.28 -5.95
CA GLU C 34 12.25 -10.59 -4.75
C GLU C 34 11.90 -12.01 -4.28
N LEU C 35 10.71 -12.47 -4.67
CA LEU C 35 10.21 -13.79 -4.33
C LEU C 35 10.65 -14.81 -5.36
N GLN C 36 10.52 -14.43 -6.63
CA GLN C 36 10.90 -15.30 -7.73
C GLN C 36 12.39 -15.65 -7.68
N LYS C 37 13.16 -14.83 -6.96
CA LYS C 37 14.60 -15.04 -6.84
C LYS C 37 15.18 -14.25 -5.68
N ALA C 38 14.77 -14.60 -4.46
CA ALA C 38 15.25 -13.93 -3.28
C ALA C 38 16.76 -14.11 -3.11
N GLY A 1 -7.31 16.84 -10.02
CA GLY A 1 -6.83 17.60 -8.84
C GLY A 1 -7.86 18.58 -8.32
N ALA A 2 -8.55 19.26 -9.24
CA ALA A 2 -9.57 20.22 -8.87
C ALA A 2 -8.99 21.32 -7.98
N MET A 3 -7.74 21.70 -8.26
CA MET A 3 -7.06 22.74 -7.50
C MET A 3 -6.76 22.24 -6.09
N GLY A 4 -6.41 20.96 -5.98
CA GLY A 4 -6.11 20.38 -4.70
C GLY A 4 -4.76 20.83 -4.16
N SER A 5 -4.63 22.13 -3.90
CA SER A 5 -3.40 22.69 -3.38
C SER A 5 -2.22 22.39 -4.29
N MET A 6 -1.92 23.32 -5.19
CA MET A 6 -0.81 23.17 -6.13
C MET A 6 -1.03 21.97 -7.06
N SER A 7 -0.91 22.21 -8.36
CA SER A 7 -1.10 21.15 -9.36
C SER A 7 0.23 20.44 -9.62
N HIS A 8 0.72 19.72 -8.62
CA HIS A 8 1.97 18.99 -8.73
C HIS A 8 1.88 17.69 -7.92
N ILE A 9 2.02 16.57 -8.62
CA ILE A 9 1.96 15.25 -8.02
C ILE A 9 3.04 14.33 -8.60
N GLN A 10 4.11 14.11 -7.83
CA GLN A 10 5.21 13.25 -8.28
C GLN A 10 5.41 12.07 -7.34
N ILE A 11 5.35 10.85 -7.88
CA ILE A 11 5.53 9.65 -7.07
C ILE A 11 6.75 9.80 -6.16
N PRO A 12 6.54 10.07 -4.84
CA PRO A 12 7.64 10.24 -3.90
C PRO A 12 8.63 9.07 -3.93
N PRO A 13 9.84 9.25 -3.36
CA PRO A 13 10.85 8.20 -3.32
C PRO A 13 10.78 7.38 -2.03
N GLY A 14 11.30 6.15 -2.09
CA GLY A 14 11.27 5.29 -0.91
C GLY A 14 9.96 4.53 -0.77
N LEU A 15 8.92 5.01 -1.43
CA LEU A 15 7.61 4.38 -1.36
C LEU A 15 7.69 2.90 -1.75
N THR A 16 8.38 2.62 -2.85
CA THR A 16 8.53 1.26 -3.33
C THR A 16 9.19 0.36 -2.29
N GLU A 17 10.31 0.82 -1.76
CA GLU A 17 11.05 0.06 -0.75
C GLU A 17 10.20 -0.18 0.49
N LEU A 18 9.39 0.81 0.85
CA LEU A 18 8.52 0.71 2.03
C LEU A 18 7.33 -0.21 1.78
N LEU A 19 6.70 -0.06 0.62
CA LEU A 19 5.54 -0.85 0.26
C LEU A 19 5.96 -2.30 -0.07
N GLN A 20 7.07 -2.44 -0.78
CA GLN A 20 7.56 -3.77 -1.15
C GLN A 20 7.82 -4.61 0.08
N GLY A 21 8.36 -3.98 1.11
CA GLY A 21 8.64 -4.69 2.35
C GLY A 21 7.37 -5.32 2.91
N TYR A 22 6.30 -4.55 2.91
CA TYR A 22 5.01 -5.03 3.39
C TYR A 22 4.44 -6.07 2.43
N THR A 23 4.44 -5.73 1.14
CA THR A 23 3.92 -6.62 0.10
C THR A 23 4.59 -8.00 0.12
N VAL A 24 5.91 -8.01 -0.08
CA VAL A 24 6.66 -9.27 -0.11
C VAL A 24 6.41 -10.11 1.14
N GLU A 25 6.06 -9.45 2.23
CA GLU A 25 5.79 -10.15 3.49
C GLU A 25 4.45 -10.88 3.41
N VAL A 26 3.55 -10.40 2.55
CA VAL A 26 2.23 -11.00 2.39
C VAL A 26 2.26 -12.28 1.56
N LEU A 27 3.08 -12.30 0.52
CA LEU A 27 3.19 -13.47 -0.35
C LEU A 27 3.88 -14.63 0.35
N ARG A 28 4.87 -14.32 1.18
CA ARG A 28 5.62 -15.35 1.89
C ARG A 28 4.83 -15.95 3.05
N GLN A 29 3.95 -15.17 3.67
CA GLN A 29 3.14 -15.65 4.79
C GLN A 29 1.69 -15.86 4.39
N GLN A 30 1.10 -14.84 3.79
CA GLN A 30 -0.28 -14.89 3.31
C GLN A 30 -1.29 -15.24 4.42
N PRO A 31 -1.35 -14.44 5.50
CA PRO A 31 -2.30 -14.66 6.60
C PRO A 31 -3.72 -14.28 6.18
N PRO A 32 -4.73 -14.61 7.00
CA PRO A 32 -6.14 -14.33 6.67
C PRO A 32 -6.55 -12.85 6.74
N ASP A 33 -5.68 -11.95 7.25
CA ASP A 33 -6.05 -10.54 7.35
C ASP A 33 -4.96 -9.62 6.82
N LEU A 34 -5.30 -8.86 5.78
CA LEU A 34 -4.35 -7.92 5.20
C LEU A 34 -4.35 -6.63 6.02
N VAL A 35 -5.54 -6.23 6.47
CA VAL A 35 -5.66 -5.04 7.29
C VAL A 35 -4.91 -5.24 8.59
N GLU A 36 -4.99 -6.46 9.11
CA GLU A 36 -4.30 -6.82 10.34
C GLU A 36 -2.80 -6.87 10.07
N PHE A 37 -2.43 -7.56 8.99
CA PHE A 37 -1.01 -7.67 8.61
C PHE A 37 -0.33 -6.29 8.63
N ALA A 38 -0.92 -5.35 7.91
CA ALA A 38 -0.38 -4.00 7.81
C ALA A 38 0.01 -3.41 9.16
N VAL A 39 -0.84 -3.53 10.16
CA VAL A 39 -0.53 -2.99 11.48
C VAL A 39 0.61 -3.77 12.12
N GLU A 40 0.43 -5.07 12.33
CA GLU A 40 1.48 -5.88 12.95
C GLU A 40 2.83 -5.67 12.25
N TYR A 41 2.77 -5.42 10.94
CA TYR A 41 3.98 -5.21 10.14
C TYR A 41 4.54 -3.80 10.31
N PHE A 42 3.73 -2.79 10.01
CA PHE A 42 4.17 -1.40 10.12
C PHE A 42 4.51 -1.02 11.57
N THR A 43 3.86 -1.66 12.53
CA THR A 43 4.12 -1.38 13.94
C THR A 43 5.49 -1.90 14.36
N ARG A 44 5.71 -3.19 14.14
CA ARG A 44 6.98 -3.82 14.50
C ARG A 44 8.16 -3.08 13.86
N LEU A 45 8.09 -2.87 12.55
CA LEU A 45 9.15 -2.18 11.82
C LEU A 45 9.55 -0.89 12.52
N ARG A 46 8.57 -0.01 12.75
CA ARG A 46 8.83 1.26 13.41
C ARG A 46 9.35 1.03 14.83
N GLU A 47 8.66 0.19 15.59
CA GLU A 47 9.05 -0.13 16.96
C GLU A 47 10.52 -0.53 17.03
N ALA A 48 11.01 -1.13 15.94
CA ALA A 48 12.41 -1.56 15.89
C ALA A 48 13.36 -0.40 16.19
N ARG A 49 13.10 0.74 15.57
CA ARG A 49 13.91 1.93 15.78
C ARG A 49 13.25 2.88 16.78
N ALA A 50 13.88 4.02 17.03
CA ALA A 50 13.34 5.01 17.95
C ALA A 50 11.88 5.30 17.67
N GLY B 1 5.28 -16.39 17.29
CA GLY B 1 6.37 -15.37 17.26
C GLY B 1 6.98 -15.23 15.87
N ALA B 2 7.62 -16.29 15.39
CA ALA B 2 8.26 -16.28 14.08
C ALA B 2 7.23 -15.99 12.99
N MET B 3 7.69 -15.96 11.74
CA MET B 3 6.82 -15.70 10.60
C MET B 3 7.54 -16.02 9.29
N GLY B 4 7.10 -17.09 8.62
CA GLY B 4 7.70 -17.48 7.36
C GLY B 4 7.10 -18.74 6.79
N SER B 5 7.89 -19.50 6.05
CA SER B 5 7.43 -20.75 5.45
C SER B 5 6.26 -20.49 4.50
N MET B 6 5.68 -21.57 3.98
CA MET B 6 4.55 -21.48 3.06
C MET B 6 4.91 -20.66 1.82
N SER B 7 4.21 -20.94 0.72
CA SER B 7 4.46 -20.24 -0.53
C SER B 7 3.31 -20.49 -1.53
N HIS B 8 3.41 -19.87 -2.70
CA HIS B 8 2.42 -20.02 -3.77
C HIS B 8 2.57 -18.90 -4.80
N ILE B 9 2.69 -17.67 -4.30
CA ILE B 9 2.84 -16.47 -5.13
C ILE B 9 1.53 -16.07 -5.81
N GLN B 10 0.79 -15.16 -5.18
CA GLN B 10 -0.48 -14.66 -5.73
C GLN B 10 -0.98 -13.46 -4.94
N ILE B 11 -1.12 -12.33 -5.62
CA ILE B 11 -1.58 -11.08 -5.02
C ILE B 11 -2.89 -11.29 -4.25
N PRO B 12 -2.86 -11.26 -2.89
CA PRO B 12 -4.09 -11.44 -2.09
C PRO B 12 -5.18 -10.44 -2.47
N PRO B 13 -6.32 -10.90 -3.02
CA PRO B 13 -7.42 -10.03 -3.42
C PRO B 13 -7.74 -8.96 -2.37
N GLY B 14 -7.66 -7.68 -2.80
CA GLY B 14 -7.95 -6.57 -1.90
C GLY B 14 -6.71 -5.84 -1.43
N LEU B 15 -5.59 -6.57 -1.32
CA LEU B 15 -4.34 -5.97 -0.86
C LEU B 15 -3.98 -4.76 -1.73
N THR B 16 -4.15 -4.89 -3.04
CA THR B 16 -3.85 -3.79 -3.95
C THR B 16 -4.55 -2.51 -3.53
N GLU B 17 -5.81 -2.64 -3.11
CA GLU B 17 -6.61 -1.50 -2.67
C GLU B 17 -6.05 -0.91 -1.38
N LEU B 18 -5.64 -1.78 -0.45
CA LEU B 18 -5.09 -1.32 0.82
C LEU B 18 -3.90 -0.40 0.59
N LEU B 19 -2.93 -0.87 -0.19
CA LEU B 19 -1.74 -0.07 -0.50
C LEU B 19 -2.16 1.22 -1.20
N GLN B 20 -3.08 1.09 -2.14
CA GLN B 20 -3.58 2.24 -2.88
C GLN B 20 -4.25 3.24 -1.95
N GLY B 21 -5.09 2.73 -1.06
CA GLY B 21 -5.81 3.57 -0.12
C GLY B 21 -4.89 4.48 0.68
N TYR B 22 -3.74 3.94 1.07
CA TYR B 22 -2.76 4.69 1.85
C TYR B 22 -1.95 5.63 0.96
N THR B 23 -1.48 5.09 -0.17
CA THR B 23 -0.69 5.88 -1.11
C THR B 23 -1.40 7.16 -1.53
N VAL B 24 -2.70 7.07 -1.78
CA VAL B 24 -3.48 8.24 -2.21
C VAL B 24 -3.42 9.35 -1.16
N GLU B 25 -3.25 8.97 0.11
CA GLU B 25 -3.19 9.94 1.20
C GLU B 25 -1.80 10.59 1.25
N VAL B 26 -0.76 9.76 1.18
CA VAL B 26 0.61 10.24 1.19
C VAL B 26 0.79 11.35 0.16
N LEU B 27 0.31 11.09 -1.05
CA LEU B 27 0.41 12.06 -2.13
C LEU B 27 -0.35 13.34 -1.79
N ARG B 28 -1.53 13.17 -1.18
CA ARG B 28 -2.38 14.30 -0.82
C ARG B 28 -1.91 15.04 0.43
N GLN B 29 -1.22 14.34 1.33
CA GLN B 29 -0.75 14.95 2.59
C GLN B 29 0.76 15.15 2.58
N GLN B 30 1.49 14.13 2.20
CA GLN B 30 2.95 14.18 2.16
C GLN B 30 3.51 14.30 3.59
N PRO B 31 3.33 13.27 4.42
CA PRO B 31 3.82 13.27 5.81
C PRO B 31 5.34 13.13 5.90
N PRO B 32 5.94 13.52 7.03
CA PRO B 32 7.40 13.43 7.22
C PRO B 32 7.89 11.99 7.13
N ASP B 33 7.13 11.07 7.70
CA ASP B 33 7.47 9.64 7.69
C ASP B 33 6.27 8.80 7.28
N LEU B 34 6.48 7.89 6.33
CA LEU B 34 5.42 7.03 5.85
C LEU B 34 5.15 5.91 6.86
N VAL B 35 6.21 5.20 7.28
CA VAL B 35 6.08 4.12 8.25
C VAL B 35 5.24 4.59 9.44
N GLU B 36 5.37 5.87 9.78
CA GLU B 36 4.62 6.45 10.88
C GLU B 36 3.17 6.72 10.47
N PHE B 37 3.01 7.48 9.40
CA PHE B 37 1.69 7.81 8.89
C PHE B 37 0.91 6.55 8.53
N ALA B 38 1.62 5.47 8.23
CA ALA B 38 1.01 4.19 7.86
C ALA B 38 0.49 3.44 9.08
N VAL B 39 1.31 3.36 10.12
CA VAL B 39 0.91 2.64 11.32
C VAL B 39 -0.41 3.16 11.87
N GLU B 40 -0.64 4.47 11.70
CA GLU B 40 -1.87 5.10 12.18
C GLU B 40 -3.03 4.84 11.23
N TYR B 41 -2.78 4.98 9.93
CA TYR B 41 -3.80 4.76 8.91
C TYR B 41 -4.37 3.35 8.99
N PHE B 42 -3.51 2.35 9.08
CA PHE B 42 -3.95 0.96 9.14
C PHE B 42 -4.68 0.67 10.45
N THR B 43 -4.19 1.24 11.55
CA THR B 43 -4.83 1.03 12.85
C THR B 43 -6.21 1.65 12.87
N ARG B 44 -6.37 2.76 12.16
CA ARG B 44 -7.66 3.44 12.09
C ARG B 44 -8.72 2.51 11.49
N LEU B 45 -8.30 1.74 10.49
CA LEU B 45 -9.20 0.80 9.83
C LEU B 45 -9.56 -0.35 10.77
N ARG B 46 -8.54 -1.03 11.29
CA ARG B 46 -8.76 -2.15 12.21
C ARG B 46 -9.63 -1.72 13.38
N GLU B 47 -9.24 -0.66 14.07
CA GLU B 47 -9.98 -0.16 15.21
C GLU B 47 -11.41 0.23 14.82
N ALA B 48 -11.63 0.46 13.53
CA ALA B 48 -12.95 0.85 13.05
C ALA B 48 -14.01 -0.15 13.49
N ARG B 49 -13.60 -1.40 13.71
CA ARG B 49 -14.51 -2.45 14.14
C ARG B 49 -15.21 -2.07 15.44
N ALA B 50 -16.36 -2.69 15.69
CA ALA B 50 -17.13 -2.42 16.90
C ALA B 50 -17.50 -0.95 16.99
N ALA C 1 -23.10 -9.15 -19.91
CA ALA C 1 -23.87 -8.52 -21.02
C ALA C 1 -24.44 -7.17 -20.59
N MET C 2 -25.34 -7.19 -19.62
CA MET C 2 -25.96 -5.97 -19.12
C MET C 2 -25.01 -5.20 -18.20
N ALA C 3 -24.54 -4.06 -18.68
CA ALA C 3 -23.62 -3.23 -17.90
C ALA C 3 -24.37 -2.25 -17.00
N ASP C 4 -24.21 -2.41 -15.69
CA ASP C 4 -24.88 -1.54 -14.73
C ASP C 4 -24.16 -1.56 -13.38
N ILE C 5 -23.22 -0.63 -13.21
CA ILE C 5 -22.45 -0.53 -11.97
C ILE C 5 -22.29 0.93 -11.55
N GLY C 6 -22.65 1.22 -10.30
CA GLY C 6 -22.55 2.57 -9.80
C GLY C 6 -21.10 3.01 -9.60
N SER C 7 -20.77 3.43 -8.39
CA SER C 7 -19.41 3.88 -8.08
C SER C 7 -19.24 4.08 -6.58
N ALA C 8 -18.12 3.64 -6.04
CA ALA C 8 -17.83 3.78 -4.62
C ALA C 8 -17.52 5.23 -4.26
N SER C 9 -16.51 5.79 -4.91
CA SER C 9 -16.10 7.16 -4.66
C SER C 9 -15.70 7.36 -3.20
N GLY C 10 -15.19 8.54 -2.89
CA GLY C 10 -14.77 8.83 -1.53
C GLY C 10 -14.37 10.28 -1.33
N TYR C 11 -13.32 10.70 -2.05
CA TYR C 11 -12.80 12.07 -1.98
C TYR C 11 -11.45 12.18 -2.68
N VAL C 12 -11.22 11.32 -3.67
CA VAL C 12 -9.95 11.31 -4.42
C VAL C 12 -10.16 11.78 -5.86
N PRO C 13 -9.39 12.79 -6.31
CA PRO C 13 -9.52 13.31 -7.69
C PRO C 13 -8.94 12.35 -8.73
N GLU C 14 -8.83 12.83 -9.96
CA GLU C 14 -8.32 12.02 -11.07
C GLU C 14 -6.82 11.75 -10.98
N GLU C 15 -6.00 12.78 -11.22
CA GLU C 15 -4.54 12.66 -11.22
C GLU C 15 -4.00 11.93 -10.00
N ILE C 16 -4.65 12.08 -8.86
CA ILE C 16 -4.21 11.42 -7.63
C ILE C 16 -4.46 9.92 -7.70
N TRP C 17 -5.46 9.52 -8.47
CA TRP C 17 -5.79 8.10 -8.61
C TRP C 17 -4.84 7.42 -9.58
N LYS C 18 -4.62 8.05 -10.72
CA LYS C 18 -3.72 7.50 -11.72
C LYS C 18 -2.34 7.27 -11.10
N LYS C 19 -1.85 8.27 -10.38
CA LYS C 19 -0.53 8.18 -9.76
C LYS C 19 -0.48 7.12 -8.65
N ALA C 20 -1.30 7.27 -7.60
CA ALA C 20 -1.31 6.34 -6.49
C ALA C 20 -1.40 4.88 -6.96
N GLU C 21 -2.15 4.65 -8.04
CA GLU C 21 -2.31 3.31 -8.59
C GLU C 21 -0.99 2.78 -9.13
N GLU C 22 -0.21 3.64 -9.78
CA GLU C 22 1.07 3.23 -10.32
C GLU C 22 1.99 2.74 -9.20
N ALA C 23 2.01 3.46 -8.09
CA ALA C 23 2.85 3.10 -6.96
C ALA C 23 2.61 1.67 -6.50
N VAL C 24 1.35 1.27 -6.43
CA VAL C 24 1.00 -0.08 -6.00
C VAL C 24 1.34 -1.12 -7.05
N ASN C 25 1.06 -0.80 -8.31
CA ASN C 25 1.35 -1.71 -9.42
C ASN C 25 2.84 -1.97 -9.52
N GLU C 26 3.62 -0.89 -9.44
CA GLU C 26 5.07 -1.00 -9.53
C GLU C 26 5.64 -1.79 -8.35
N VAL C 27 5.32 -1.38 -7.13
CA VAL C 27 5.83 -2.05 -5.94
C VAL C 27 5.27 -3.47 -5.78
N LYS C 28 4.07 -3.69 -6.32
CA LYS C 28 3.40 -4.99 -6.24
C LYS C 28 4.05 -5.95 -7.22
N ARG C 29 4.15 -5.54 -8.47
CA ARG C 29 4.78 -6.36 -9.50
C ARG C 29 6.22 -6.68 -9.10
N GLN C 30 6.80 -5.81 -8.27
CA GLN C 30 8.18 -5.97 -7.83
C GLN C 30 8.35 -7.03 -6.73
N ALA C 31 7.55 -6.94 -5.65
CA ALA C 31 7.65 -7.90 -4.54
C ALA C 31 7.72 -9.35 -5.01
N MET C 32 7.09 -9.61 -6.15
CA MET C 32 7.09 -10.96 -6.71
C MET C 32 8.50 -11.37 -7.12
N THR C 33 9.30 -10.40 -7.56
CA THR C 33 10.68 -10.67 -7.96
C THR C 33 11.48 -11.09 -6.73
N GLU C 34 11.22 -10.43 -5.62
CA GLU C 34 11.89 -10.73 -4.37
C GLU C 34 11.56 -12.17 -3.93
N LEU C 35 10.40 -12.65 -4.38
CA LEU C 35 9.95 -14.01 -4.05
C LEU C 35 10.46 -15.01 -5.08
N GLN C 36 10.71 -14.53 -6.30
CA GLN C 36 11.21 -15.39 -7.38
C GLN C 36 12.71 -15.62 -7.27
N LYS C 37 13.29 -15.25 -6.13
CA LYS C 37 14.73 -15.43 -5.90
C LYS C 37 15.01 -15.79 -4.45
N ALA C 38 14.07 -16.48 -3.83
CA ALA C 38 14.21 -16.89 -2.44
C ALA C 38 15.28 -17.97 -2.28
N GLY A 1 -3.65 22.53 3.84
CA GLY A 1 -2.34 23.09 4.29
C GLY A 1 -1.19 22.13 4.04
N ALA A 2 -0.06 22.68 3.62
CA ALA A 2 1.13 21.87 3.35
C ALA A 2 0.84 20.82 2.28
N MET A 3 0.05 21.19 1.28
CA MET A 3 -0.30 20.28 0.20
C MET A 3 -1.03 21.02 -0.92
N GLY A 4 -0.72 20.65 -2.16
CA GLY A 4 -1.36 21.29 -3.31
C GLY A 4 -2.53 20.49 -3.83
N SER A 5 -2.32 19.19 -4.05
CA SER A 5 -3.37 18.31 -4.55
C SER A 5 -3.71 18.60 -6.01
N MET A 6 -2.89 19.43 -6.66
CA MET A 6 -3.10 19.78 -8.06
C MET A 6 -1.99 20.69 -8.58
N SER A 7 -0.74 20.26 -8.38
CA SER A 7 0.41 21.03 -8.83
C SER A 7 1.70 20.25 -8.62
N HIS A 8 1.82 19.61 -7.45
CA HIS A 8 2.99 18.82 -7.10
C HIS A 8 2.55 17.46 -6.55
N ILE A 9 2.57 16.46 -7.43
CA ILE A 9 2.19 15.10 -7.07
C ILE A 9 3.17 14.11 -7.68
N GLN A 10 4.32 13.99 -7.05
CA GLN A 10 5.39 13.09 -7.53
C GLN A 10 5.56 11.89 -6.59
N ILE A 11 5.57 10.68 -7.15
CA ILE A 11 5.76 9.48 -6.34
C ILE A 11 6.93 9.67 -5.36
N PRO A 12 6.64 9.91 -4.06
CA PRO A 12 7.70 10.11 -3.05
C PRO A 12 8.72 8.97 -3.02
N PRO A 13 10.00 9.23 -3.33
CA PRO A 13 11.03 8.19 -3.31
C PRO A 13 10.96 7.36 -2.03
N GLY A 14 11.29 6.07 -2.14
CA GLY A 14 11.26 5.20 -0.98
C GLY A 14 9.91 4.57 -0.74
N LEU A 15 8.84 5.21 -1.22
CA LEU A 15 7.49 4.70 -1.05
C LEU A 15 7.38 3.25 -1.52
N THR A 16 7.79 3.01 -2.75
CA THR A 16 7.73 1.67 -3.33
C THR A 16 8.44 0.66 -2.43
N GLU A 17 9.58 1.07 -1.87
CA GLU A 17 10.36 0.20 -0.99
C GLU A 17 9.60 -0.13 0.29
N LEU A 18 8.81 0.82 0.79
CA LEU A 18 8.04 0.60 2.02
C LEU A 18 6.91 -0.39 1.80
N LEU A 19 6.19 -0.24 0.69
CA LEU A 19 5.09 -1.12 0.36
C LEU A 19 5.60 -2.51 -0.01
N GLN A 20 6.82 -2.57 -0.53
CA GLN A 20 7.42 -3.84 -0.95
C GLN A 20 7.66 -4.76 0.24
N GLY A 21 8.18 -4.20 1.34
CA GLY A 21 8.43 -5.00 2.52
C GLY A 21 7.19 -5.74 2.97
N TYR A 22 6.08 -5.03 3.01
CA TYR A 22 4.81 -5.63 3.41
C TYR A 22 4.33 -6.65 2.36
N THR A 23 4.41 -6.24 1.10
CA THR A 23 3.97 -7.08 -0.01
C THR A 23 4.69 -8.43 -0.05
N VAL A 24 6.02 -8.40 -0.17
CA VAL A 24 6.81 -9.64 -0.23
C VAL A 24 6.53 -10.54 0.96
N GLU A 25 6.28 -9.92 2.11
CA GLU A 25 6.01 -10.67 3.33
C GLU A 25 4.65 -11.35 3.27
N VAL A 26 3.71 -10.72 2.57
CA VAL A 26 2.37 -11.27 2.43
C VAL A 26 2.37 -12.49 1.51
N LEU A 27 3.18 -12.43 0.46
CA LEU A 27 3.28 -13.52 -0.50
C LEU A 27 4.05 -14.70 0.10
N ARG A 28 4.99 -14.40 0.99
CA ARG A 28 5.81 -15.42 1.62
C ARG A 28 5.13 -16.05 2.85
N GLN A 29 4.24 -15.30 3.50
CA GLN A 29 3.54 -15.80 4.69
C GLN A 29 2.05 -16.02 4.43
N GLN A 30 1.42 -15.08 3.74
CA GLN A 30 -0.01 -15.18 3.44
C GLN A 30 -0.83 -15.16 4.73
N PRO A 31 -0.98 -13.98 5.37
CA PRO A 31 -1.73 -13.84 6.61
C PRO A 31 -3.24 -13.87 6.38
N PRO A 32 -4.04 -14.03 7.46
CA PRO A 32 -5.50 -14.06 7.36
C PRO A 32 -6.10 -12.71 6.98
N ASP A 33 -5.48 -11.64 7.49
CA ASP A 33 -5.96 -10.28 7.22
C ASP A 33 -4.82 -9.37 6.82
N LEU A 34 -5.12 -8.44 5.93
CA LEU A 34 -4.13 -7.48 5.44
C LEU A 34 -4.00 -6.32 6.42
N VAL A 35 -5.13 -5.76 6.83
CA VAL A 35 -5.15 -4.65 7.77
C VAL A 35 -4.44 -5.02 9.08
N GLU A 36 -4.74 -6.21 9.59
CA GLU A 36 -4.15 -6.67 10.83
C GLU A 36 -2.64 -6.87 10.66
N PHE A 37 -2.26 -7.53 9.58
CA PHE A 37 -0.86 -7.78 9.28
C PHE A 37 -0.09 -6.48 9.03
N ALA A 38 -0.79 -5.47 8.51
CA ALA A 38 -0.15 -4.19 8.22
C ALA A 38 0.29 -3.51 9.51
N VAL A 39 -0.58 -3.52 10.52
CA VAL A 39 -0.25 -2.94 11.81
C VAL A 39 0.90 -3.74 12.41
N GLU A 40 0.68 -5.03 12.61
CA GLU A 40 1.71 -5.90 13.19
C GLU A 40 3.05 -5.68 12.49
N TYR A 41 2.98 -5.39 11.19
CA TYR A 41 4.19 -5.17 10.38
C TYR A 41 4.75 -3.76 10.61
N PHE A 42 3.91 -2.74 10.44
CA PHE A 42 4.35 -1.36 10.61
C PHE A 42 4.70 -1.05 12.07
N THR A 43 3.82 -1.41 13.00
CA THR A 43 4.06 -1.16 14.42
C THR A 43 5.43 -1.72 14.84
N ARG A 44 5.63 -3.00 14.57
CA ARG A 44 6.88 -3.66 14.93
C ARG A 44 8.06 -2.94 14.28
N LEU A 45 7.84 -2.42 13.08
CA LEU A 45 8.89 -1.70 12.36
C LEU A 45 9.38 -0.50 13.18
N ARG A 46 8.45 0.37 13.56
CA ARG A 46 8.78 1.55 14.36
C ARG A 46 9.40 1.14 15.69
N GLU A 47 8.79 0.15 16.33
CA GLU A 47 9.26 -0.34 17.62
C GLU A 47 10.63 -1.01 17.51
N ALA A 48 10.92 -1.56 16.33
CA ALA A 48 12.20 -2.23 16.10
C ALA A 48 13.35 -1.23 16.13
N ARG A 49 13.13 -0.06 15.53
CA ARG A 49 14.15 0.98 15.48
C ARG A 49 13.97 1.96 16.63
N ALA A 50 15.08 2.44 17.18
CA ALA A 50 15.05 3.39 18.28
C ALA A 50 14.27 2.83 19.47
N GLY B 1 -10.83 -25.83 -4.51
CA GLY B 1 -11.92 -24.91 -4.06
C GLY B 1 -11.70 -24.38 -2.66
N ALA B 2 -11.93 -25.23 -1.67
CA ALA B 2 -11.75 -24.85 -0.26
C ALA B 2 -10.37 -25.24 0.25
N MET B 3 -9.43 -25.43 -0.67
CA MET B 3 -8.06 -25.80 -0.31
C MET B 3 -7.10 -24.63 -0.52
N GLY B 4 -7.44 -23.75 -1.46
CA GLY B 4 -6.61 -22.59 -1.73
C GLY B 4 -7.28 -21.59 -2.65
N SER B 5 -6.87 -20.33 -2.56
CA SER B 5 -7.44 -19.28 -3.38
C SER B 5 -7.08 -19.46 -4.85
N MET B 6 -5.88 -19.02 -5.22
CA MET B 6 -5.40 -19.14 -6.60
C MET B 6 -4.43 -20.31 -6.73
N SER B 7 -3.23 -20.15 -6.18
CA SER B 7 -2.21 -21.19 -6.25
C SER B 7 -1.02 -20.87 -5.36
N HIS B 8 -0.23 -19.89 -5.78
CA HIS B 8 0.94 -19.46 -5.03
C HIS B 8 1.60 -18.30 -5.76
N ILE B 9 1.92 -17.24 -5.02
CA ILE B 9 2.51 -16.04 -5.60
C ILE B 9 1.49 -15.33 -6.49
N GLN B 10 0.67 -14.50 -5.87
CA GLN B 10 -0.35 -13.75 -6.59
C GLN B 10 -1.08 -12.80 -5.63
N ILE B 11 -1.01 -11.50 -5.93
CA ILE B 11 -1.67 -10.49 -5.11
C ILE B 11 -3.14 -10.86 -4.86
N PRO B 12 -3.49 -11.27 -3.63
CA PRO B 12 -4.88 -11.65 -3.30
C PRO B 12 -5.89 -10.61 -3.74
N PRO B 13 -7.20 -10.89 -3.59
CA PRO B 13 -8.27 -9.96 -3.97
C PRO B 13 -8.56 -8.93 -2.88
N GLY B 14 -8.18 -7.68 -3.15
CA GLY B 14 -8.42 -6.61 -2.20
C GLY B 14 -7.14 -5.94 -1.72
N LEU B 15 -6.08 -6.72 -1.56
CA LEU B 15 -4.79 -6.19 -1.10
C LEU B 15 -4.42 -4.94 -1.88
N THR B 16 -4.50 -4.99 -3.20
CA THR B 16 -4.17 -3.83 -4.03
C THR B 16 -4.90 -2.59 -3.50
N GLU B 17 -6.14 -2.80 -3.08
CA GLU B 17 -6.96 -1.71 -2.55
C GLU B 17 -6.35 -1.12 -1.29
N LEU B 18 -5.76 -1.97 -0.45
CA LEU B 18 -5.15 -1.53 0.79
C LEU B 18 -3.93 -0.65 0.51
N LEU B 19 -2.98 -1.17 -0.26
CA LEU B 19 -1.78 -0.42 -0.60
C LEU B 19 -2.18 0.85 -1.35
N GLN B 20 -3.25 0.73 -2.14
CA GLN B 20 -3.77 1.83 -2.95
C GLN B 20 -4.47 2.86 -2.06
N GLY B 21 -5.31 2.38 -1.16
CA GLY B 21 -6.03 3.28 -0.26
C GLY B 21 -5.11 4.19 0.52
N TYR B 22 -3.89 3.72 0.76
CA TYR B 22 -2.90 4.47 1.50
C TYR B 22 -2.21 5.50 0.62
N THR B 23 -1.82 5.09 -0.58
CA THR B 23 -1.14 5.96 -1.53
C THR B 23 -1.93 7.24 -1.80
N VAL B 24 -3.18 7.10 -2.23
CA VAL B 24 -4.01 8.26 -2.57
C VAL B 24 -3.93 9.35 -1.50
N GLU B 25 -3.79 8.91 -0.24
CA GLU B 25 -3.68 9.84 0.88
C GLU B 25 -2.26 10.39 0.98
N VAL B 26 -1.28 9.48 0.93
CA VAL B 26 0.13 9.85 1.02
C VAL B 26 0.48 10.90 -0.03
N LEU B 27 0.17 10.60 -1.29
CA LEU B 27 0.48 11.49 -2.39
C LEU B 27 -0.12 12.88 -2.20
N ARG B 28 -1.38 12.92 -1.74
CA ARG B 28 -2.08 14.19 -1.55
C ARG B 28 -1.80 14.83 -0.19
N GLN B 29 -1.38 14.02 0.79
CA GLN B 29 -1.08 14.53 2.13
C GLN B 29 0.39 14.85 2.29
N GLN B 30 1.23 14.00 1.71
CA GLN B 30 2.67 14.17 1.78
C GLN B 30 3.13 14.26 3.23
N PRO B 31 3.26 13.10 3.92
CA PRO B 31 3.68 13.07 5.33
C PRO B 31 5.21 13.09 5.49
N PRO B 32 5.71 13.38 6.70
CA PRO B 32 7.16 13.42 6.97
C PRO B 32 7.76 12.02 6.99
N ASP B 33 7.01 11.06 7.54
CA ASP B 33 7.47 9.68 7.64
C ASP B 33 6.38 8.72 7.18
N LEU B 34 6.80 7.72 6.40
CA LEU B 34 5.87 6.73 5.88
C LEU B 34 5.47 5.73 6.96
N VAL B 35 6.45 5.29 7.75
CA VAL B 35 6.20 4.33 8.81
C VAL B 35 5.18 4.86 9.82
N GLU B 36 5.29 6.15 10.15
CA GLU B 36 4.37 6.77 11.09
C GLU B 36 3.01 7.05 10.45
N PHE B 37 3.04 7.49 9.20
CA PHE B 37 1.79 7.78 8.48
C PHE B 37 1.06 6.49 8.12
N ALA B 38 1.82 5.41 7.94
CA ALA B 38 1.24 4.12 7.59
C ALA B 38 0.63 3.44 8.80
N VAL B 39 1.42 3.31 9.87
CA VAL B 39 0.95 2.65 11.08
C VAL B 39 -0.38 3.24 11.55
N GLU B 40 -0.45 4.57 11.65
CA GLU B 40 -1.68 5.24 12.09
C GLU B 40 -2.84 4.93 11.15
N TYR B 41 -2.55 4.87 9.85
CA TYR B 41 -3.58 4.59 8.86
C TYR B 41 -4.16 3.20 9.05
N PHE B 42 -3.30 2.20 9.21
CA PHE B 42 -3.74 0.82 9.40
C PHE B 42 -4.27 0.59 10.82
N THR B 43 -3.53 1.06 11.82
CA THR B 43 -3.93 0.87 13.21
C THR B 43 -5.25 1.59 13.49
N ARG B 44 -5.55 2.64 12.72
CA ARG B 44 -6.80 3.38 12.88
C ARG B 44 -7.94 2.61 12.22
N LEU B 45 -7.65 2.02 11.07
CA LEU B 45 -8.64 1.26 10.31
C LEU B 45 -9.25 0.14 11.14
N ARG B 46 -8.39 -0.64 11.80
CA ARG B 46 -8.84 -1.76 12.62
C ARG B 46 -9.97 -1.35 13.57
N GLU B 47 -9.84 -0.15 14.15
CA GLU B 47 -10.86 0.35 15.08
C GLU B 47 -12.14 0.75 14.36
N ALA B 48 -12.10 0.75 13.02
CA ALA B 48 -13.27 1.12 12.23
C ALA B 48 -14.42 0.15 12.45
N ARG B 49 -14.13 -1.14 12.34
CA ARG B 49 -15.17 -2.17 12.52
C ARG B 49 -15.78 -2.09 13.91
N ALA B 50 -16.85 -2.86 14.11
CA ALA B 50 -17.56 -2.92 15.40
C ALA B 50 -18.96 -3.49 15.21
N ALA C 1 -8.86 -4.64 5.16
CA ALA C 1 -10.27 -4.96 4.78
C ALA C 1 -10.51 -6.47 4.79
N MET C 2 -11.31 -6.94 5.74
CA MET C 2 -11.61 -8.37 5.85
C MET C 2 -12.44 -8.83 4.65
N ALA C 3 -13.02 -10.02 4.76
CA ALA C 3 -13.85 -10.58 3.70
C ALA C 3 -15.33 -10.33 3.96
N ASP C 4 -15.64 -9.13 4.47
CA ASP C 4 -17.00 -8.75 4.76
C ASP C 4 -17.16 -7.23 4.77
N ILE C 5 -18.27 -6.75 4.20
CA ILE C 5 -18.58 -5.31 4.12
C ILE C 5 -17.31 -4.44 4.05
N GLY C 6 -17.04 -3.93 2.87
CA GLY C 6 -15.88 -3.09 2.66
C GLY C 6 -16.08 -1.69 3.19
N SER C 7 -15.91 -0.69 2.33
CA SER C 7 -16.07 0.71 2.71
C SER C 7 -16.40 1.56 1.50
N ALA C 8 -17.63 1.45 1.01
CA ALA C 8 -18.07 2.21 -0.16
C ALA C 8 -17.98 3.71 0.10
N SER C 9 -16.80 4.27 -0.11
CA SER C 9 -16.58 5.70 0.10
C SER C 9 -15.25 6.15 -0.49
N GLY C 10 -15.26 6.52 -1.76
CA GLY C 10 -14.05 6.96 -2.42
C GLY C 10 -13.78 8.43 -2.19
N TYR C 11 -12.81 8.96 -2.93
CA TYR C 11 -12.40 10.36 -2.83
C TYR C 11 -11.06 10.58 -3.54
N VAL C 12 -10.85 9.85 -4.62
CA VAL C 12 -9.61 9.94 -5.39
C VAL C 12 -9.79 10.78 -6.66
N PRO C 13 -9.39 12.08 -6.66
CA PRO C 13 -9.55 12.93 -7.83
C PRO C 13 -8.71 12.43 -9.01
N GLU C 14 -8.62 13.24 -10.06
CA GLU C 14 -7.90 12.86 -11.28
C GLU C 14 -6.41 12.55 -11.02
N GLU C 15 -5.56 13.57 -11.07
CA GLU C 15 -4.12 13.41 -10.90
C GLU C 15 -3.73 12.56 -9.68
N ILE C 16 -4.55 12.56 -8.65
CA ILE C 16 -4.26 11.79 -7.45
C ILE C 16 -4.48 10.31 -7.66
N TRP C 17 -5.39 9.96 -8.57
CA TRP C 17 -5.68 8.55 -8.86
C TRP C 17 -4.65 7.93 -9.79
N LYS C 18 -4.32 8.62 -10.86
CA LYS C 18 -3.34 8.11 -11.82
C LYS C 18 -2.02 7.79 -11.10
N LYS C 19 -1.60 8.67 -10.21
CA LYS C 19 -0.34 8.49 -9.50
C LYS C 19 -0.39 7.37 -8.46
N ALA C 20 -1.29 7.48 -7.48
CA ALA C 20 -1.42 6.49 -6.41
C ALA C 20 -1.50 5.05 -6.92
N GLU C 21 -2.27 4.83 -7.97
CA GLU C 21 -2.43 3.47 -8.52
C GLU C 21 -1.10 2.95 -9.07
N GLU C 22 -0.25 3.84 -9.55
CA GLU C 22 1.05 3.44 -10.09
C GLU C 22 1.93 2.88 -8.95
N ALA C 23 1.87 3.51 -7.79
CA ALA C 23 2.67 3.08 -6.65
C ALA C 23 2.38 1.62 -6.28
N VAL C 24 1.14 1.18 -6.51
CA VAL C 24 0.75 -0.19 -6.18
C VAL C 24 1.13 -1.18 -7.27
N ASN C 25 0.91 -0.79 -8.53
CA ASN C 25 1.24 -1.64 -9.66
C ASN C 25 2.76 -1.84 -9.74
N GLU C 26 3.49 -0.81 -9.34
CA GLU C 26 4.95 -0.87 -9.36
C GLU C 26 5.49 -1.73 -8.22
N VAL C 27 5.13 -1.41 -6.98
CA VAL C 27 5.64 -2.16 -5.83
C VAL C 27 5.18 -3.61 -5.83
N LYS C 28 4.02 -3.89 -6.43
CA LYS C 28 3.51 -5.25 -6.49
C LYS C 28 4.26 -6.06 -7.52
N ARG C 29 4.50 -5.47 -8.69
CA ARG C 29 5.24 -6.13 -9.74
C ARG C 29 6.67 -6.40 -9.26
N GLN C 30 7.15 -5.58 -8.33
CA GLN C 30 8.50 -5.72 -7.80
C GLN C 30 8.61 -6.84 -6.75
N ALA C 31 7.78 -6.79 -5.70
CA ALA C 31 7.80 -7.81 -4.65
C ALA C 31 7.85 -9.23 -5.20
N MET C 32 7.23 -9.44 -6.35
CA MET C 32 7.22 -10.76 -6.96
C MET C 32 8.63 -11.18 -7.35
N THR C 33 9.47 -10.21 -7.70
CA THR C 33 10.85 -10.50 -8.07
C THR C 33 11.61 -11.01 -6.85
N GLU C 34 11.29 -10.42 -5.69
CA GLU C 34 11.93 -10.82 -4.44
C GLU C 34 11.68 -12.31 -4.17
N LEU C 35 10.57 -12.81 -4.73
CA LEU C 35 10.19 -14.22 -4.57
C LEU C 35 10.81 -15.09 -5.67
N GLN C 36 10.54 -14.73 -6.91
CA GLN C 36 11.05 -15.49 -8.05
C GLN C 36 12.58 -15.58 -8.02
N LYS C 37 13.22 -14.67 -7.30
CA LYS C 37 14.68 -14.66 -7.21
C LYS C 37 15.16 -13.82 -6.03
N ALA C 38 14.88 -14.29 -4.82
CA ALA C 38 15.29 -13.57 -3.62
C ALA C 38 16.80 -13.40 -3.57
N GLY A 1 11.46 23.70 2.28
CA GLY A 1 10.43 24.50 3.01
C GLY A 1 9.05 24.35 2.41
N ALA A 2 8.03 24.39 3.26
CA ALA A 2 6.65 24.26 2.81
C ALA A 2 6.41 22.91 2.13
N MET A 3 5.17 22.47 2.11
CA MET A 3 4.81 21.20 1.49
C MET A 3 4.39 21.41 0.03
N GLY A 4 3.14 21.84 -0.17
CA GLY A 4 2.65 22.07 -1.51
C GLY A 4 1.13 22.12 -1.58
N SER A 5 0.61 22.73 -2.63
CA SER A 5 -0.84 22.84 -2.82
C SER A 5 -1.17 23.38 -4.20
N MET A 6 -0.96 22.55 -5.22
CA MET A 6 -1.24 22.95 -6.60
C MET A 6 -1.17 21.75 -7.54
N SER A 7 -1.32 22.00 -8.84
CA SER A 7 -1.28 20.94 -9.83
C SER A 7 0.13 20.34 -9.94
N HIS A 8 0.56 19.66 -8.88
CA HIS A 8 1.87 19.03 -8.84
C HIS A 8 1.82 17.78 -7.97
N ILE A 9 2.12 16.64 -8.59
CA ILE A 9 2.10 15.36 -7.88
C ILE A 9 3.20 14.43 -8.40
N GLN A 10 3.74 13.60 -7.52
CA GLN A 10 4.80 12.66 -7.92
C GLN A 10 4.94 11.52 -6.91
N ILE A 11 4.94 10.28 -7.40
CA ILE A 11 5.08 9.12 -6.50
C ILE A 11 6.25 9.35 -5.53
N PRO A 12 5.95 9.60 -4.23
CA PRO A 12 7.00 9.85 -3.23
C PRO A 12 8.12 8.81 -3.26
N PRO A 13 9.34 9.20 -3.70
CA PRO A 13 10.48 8.29 -3.76
C PRO A 13 10.64 7.49 -2.47
N GLY A 14 11.21 6.29 -2.57
CA GLY A 14 11.40 5.45 -1.39
C GLY A 14 10.12 4.73 -0.96
N LEU A 15 8.97 5.25 -1.38
CA LEU A 15 7.69 4.65 -1.02
C LEU A 15 7.63 3.18 -1.46
N THR A 16 8.09 2.91 -2.66
CA THR A 16 8.09 1.55 -3.20
C THR A 16 8.76 0.57 -2.23
N GLU A 17 9.87 1.00 -1.65
CA GLU A 17 10.62 0.17 -0.70
C GLU A 17 9.79 -0.12 0.55
N LEU A 18 8.96 0.85 0.96
CA LEU A 18 8.12 0.69 2.14
C LEU A 18 7.02 -0.33 1.89
N LEU A 19 6.37 -0.22 0.74
CA LEU A 19 5.29 -1.12 0.39
C LEU A 19 5.84 -2.53 0.10
N GLN A 20 7.05 -2.59 -0.44
CA GLN A 20 7.69 -3.86 -0.77
C GLN A 20 7.82 -4.74 0.46
N GLY A 21 8.26 -4.15 1.56
CA GLY A 21 8.42 -4.89 2.80
C GLY A 21 7.15 -5.62 3.19
N TYR A 22 6.03 -4.93 3.09
CA TYR A 22 4.74 -5.54 3.43
C TYR A 22 4.31 -6.55 2.37
N THR A 23 4.41 -6.16 1.11
CA THR A 23 4.01 -7.01 -0.01
C THR A 23 4.74 -8.35 -0.02
N VAL A 24 6.08 -8.31 -0.11
CA VAL A 24 6.88 -9.54 -0.15
C VAL A 24 6.51 -10.49 0.99
N GLU A 25 5.98 -9.95 2.08
CA GLU A 25 5.60 -10.77 3.23
C GLU A 25 4.29 -11.51 2.97
N VAL A 26 3.37 -10.89 2.23
CA VAL A 26 2.09 -11.51 1.94
C VAL A 26 2.26 -12.76 1.06
N LEU A 27 3.21 -12.70 0.14
CA LEU A 27 3.47 -13.82 -0.76
C LEU A 27 4.17 -14.95 0.00
N ARG A 28 5.11 -14.58 0.86
CA ARG A 28 5.86 -15.55 1.65
C ARG A 28 5.11 -16.02 2.90
N GLN A 29 4.17 -15.20 3.38
CA GLN A 29 3.41 -15.54 4.60
C GLN A 29 1.97 -15.91 4.29
N GLN A 30 1.29 -15.04 3.55
CA GLN A 30 -0.12 -15.26 3.21
C GLN A 30 -0.99 -15.21 4.47
N PRO A 31 -1.46 -14.01 4.85
CA PRO A 31 -2.28 -13.81 6.04
C PRO A 31 -3.78 -13.85 5.75
N PRO A 32 -4.62 -14.00 6.79
CA PRO A 32 -6.08 -14.04 6.63
C PRO A 32 -6.69 -12.65 6.52
N ASP A 33 -6.03 -11.65 7.10
CA ASP A 33 -6.52 -10.28 7.07
C ASP A 33 -5.41 -9.31 6.66
N LEU A 34 -5.76 -8.36 5.82
CA LEU A 34 -4.79 -7.37 5.33
C LEU A 34 -4.56 -6.28 6.38
N VAL A 35 -5.64 -5.70 6.88
CA VAL A 35 -5.54 -4.64 7.88
C VAL A 35 -4.75 -5.09 9.11
N GLU A 36 -5.01 -6.32 9.55
CA GLU A 36 -4.32 -6.87 10.72
C GLU A 36 -2.85 -7.10 10.42
N PHE A 37 -2.59 -7.78 9.31
CA PHE A 37 -1.22 -8.08 8.90
C PHE A 37 -0.42 -6.81 8.63
N ALA A 38 -1.11 -5.73 8.29
CA ALA A 38 -0.45 -4.46 7.98
C ALA A 38 -0.03 -3.72 9.24
N VAL A 39 -0.90 -3.65 10.24
CA VAL A 39 -0.57 -2.97 11.48
C VAL A 39 0.44 -3.80 12.26
N GLU A 40 0.35 -5.11 12.20
CA GLU A 40 1.30 -5.95 12.92
C GLU A 40 2.70 -5.80 12.31
N TYR A 41 2.75 -5.61 11.00
CA TYR A 41 4.02 -5.44 10.29
C TYR A 41 4.57 -4.02 10.46
N PHE A 42 3.73 -3.02 10.27
CA PHE A 42 4.15 -1.63 10.38
C PHE A 42 4.55 -1.27 11.81
N THR A 43 3.70 -1.60 12.79
CA THR A 43 4.00 -1.31 14.19
C THR A 43 5.38 -1.83 14.58
N ARG A 44 5.57 -3.13 14.36
CA ARG A 44 6.84 -3.78 14.71
C ARG A 44 8.02 -3.09 14.01
N LEU A 45 7.88 -2.83 12.72
CA LEU A 45 8.96 -2.19 11.95
C LEU A 45 9.49 -0.96 12.67
N ARG A 46 8.60 -0.02 12.99
CA ARG A 46 8.99 1.20 13.69
C ARG A 46 9.56 0.89 15.08
N GLU A 47 8.83 0.07 15.83
CA GLU A 47 9.25 -0.30 17.18
C GLU A 47 10.54 -1.09 17.18
N ALA A 48 10.83 -1.77 16.07
CA ALA A 48 12.05 -2.56 15.96
C ALA A 48 13.29 -1.72 16.22
N ARG A 49 13.35 -0.56 15.59
CA ARG A 49 14.49 0.34 15.75
C ARG A 49 14.64 0.79 17.20
N ALA A 50 15.67 0.28 17.87
CA ALA A 50 15.93 0.63 19.26
C ALA A 50 14.71 0.37 20.14
N GLY B 1 16.80 -31.09 -12.67
CA GLY B 1 16.81 -30.41 -11.35
C GLY B 1 15.89 -29.20 -11.30
N ALA B 2 16.47 -28.03 -11.05
CA ALA B 2 15.68 -26.80 -10.99
C ALA B 2 14.61 -26.89 -9.91
N MET B 3 13.86 -25.80 -9.73
CA MET B 3 12.79 -25.76 -8.73
C MET B 3 11.85 -24.59 -9.01
N GLY B 4 10.77 -24.87 -9.73
CA GLY B 4 9.80 -23.83 -10.06
C GLY B 4 8.84 -23.54 -8.92
N SER B 5 8.52 -22.27 -8.72
CA SER B 5 7.61 -21.87 -7.65
C SER B 5 6.19 -22.36 -7.93
N MET B 6 5.46 -22.68 -6.86
CA MET B 6 4.10 -23.16 -6.99
C MET B 6 3.38 -23.17 -5.63
N SER B 7 2.05 -23.18 -5.67
CA SER B 7 1.23 -23.19 -4.46
C SER B 7 1.29 -21.84 -3.75
N HIS B 8 1.97 -20.86 -4.35
CA HIS B 8 2.08 -19.52 -3.77
C HIS B 8 2.46 -18.54 -4.87
N ILE B 9 2.85 -17.34 -4.47
CA ILE B 9 3.21 -16.30 -5.42
C ILE B 9 1.98 -15.74 -6.11
N GLN B 10 1.12 -15.09 -5.34
CA GLN B 10 -0.11 -14.50 -5.87
C GLN B 10 -0.66 -13.46 -4.90
N ILE B 11 -0.82 -12.23 -5.38
CA ILE B 11 -1.32 -11.14 -4.55
C ILE B 11 -2.79 -11.37 -4.18
N PRO B 12 -3.10 -11.57 -2.88
CA PRO B 12 -4.50 -11.77 -2.44
C PRO B 12 -5.44 -10.70 -3.00
N PRO B 13 -6.37 -11.07 -3.89
CA PRO B 13 -7.33 -10.12 -4.49
C PRO B 13 -7.92 -9.15 -3.46
N GLY B 14 -7.36 -7.95 -3.40
CA GLY B 14 -7.83 -6.94 -2.47
C GLY B 14 -6.71 -6.12 -1.87
N LEU B 15 -5.53 -6.73 -1.76
CA LEU B 15 -4.36 -6.05 -1.20
C LEU B 15 -4.02 -4.80 -2.01
N THR B 16 -4.12 -4.89 -3.33
CA THR B 16 -3.83 -3.76 -4.19
C THR B 16 -4.60 -2.52 -3.74
N GLU B 17 -5.87 -2.72 -3.42
CA GLU B 17 -6.74 -1.63 -2.98
C GLU B 17 -6.26 -1.05 -1.64
N LEU B 18 -5.83 -1.93 -0.74
CA LEU B 18 -5.36 -1.51 0.59
C LEU B 18 -4.16 -0.57 0.46
N LEU B 19 -3.10 -1.03 -0.19
CA LEU B 19 -1.91 -0.20 -0.37
C LEU B 19 -2.26 1.05 -1.18
N GLN B 20 -3.19 0.88 -2.12
CA GLN B 20 -3.63 1.99 -2.96
C GLN B 20 -4.45 2.98 -2.14
N GLY B 21 -5.18 2.47 -1.17
CA GLY B 21 -5.99 3.31 -0.32
C GLY B 21 -5.15 4.20 0.58
N TYR B 22 -3.99 3.70 0.98
CA TYR B 22 -3.07 4.45 1.84
C TYR B 22 -2.26 5.46 1.02
N THR B 23 -1.73 4.99 -0.12
CA THR B 23 -0.91 5.85 -0.97
C THR B 23 -1.66 7.09 -1.45
N VAL B 24 -2.97 6.99 -1.65
CA VAL B 24 -3.73 8.15 -2.11
C VAL B 24 -3.62 9.31 -1.11
N GLU B 25 -3.36 8.97 0.14
CA GLU B 25 -3.22 9.99 1.19
C GLU B 25 -1.85 10.65 1.13
N VAL B 26 -0.78 9.85 1.15
CA VAL B 26 0.57 10.38 1.08
C VAL B 26 0.75 11.25 -0.16
N LEU B 27 0.16 10.80 -1.27
CA LEU B 27 0.25 11.54 -2.52
C LEU B 27 -0.37 12.94 -2.35
N ARG B 28 -1.49 13.00 -1.63
CA ARG B 28 -2.20 14.26 -1.40
C ARG B 28 -1.48 15.20 -0.43
N GLN B 29 -0.96 14.67 0.68
CA GLN B 29 -0.30 15.50 1.69
C GLN B 29 1.22 15.34 1.66
N GLN B 30 1.68 14.10 1.59
CA GLN B 30 3.11 13.81 1.57
C GLN B 30 3.71 14.03 2.97
N PRO B 31 3.43 13.12 3.93
CA PRO B 31 3.93 13.24 5.31
C PRO B 31 5.45 13.14 5.39
N PRO B 32 6.03 13.43 6.58
CA PRO B 32 7.48 13.38 6.79
C PRO B 32 8.01 11.95 6.90
N ASP B 33 7.16 11.05 7.40
CA ASP B 33 7.55 9.65 7.55
C ASP B 33 6.47 8.71 7.01
N LEU B 34 6.91 7.74 6.21
CA LEU B 34 6.01 6.78 5.61
C LEU B 34 5.61 5.70 6.62
N VAL B 35 6.61 5.15 7.30
CA VAL B 35 6.37 4.10 8.30
C VAL B 35 5.44 4.61 9.41
N GLU B 36 5.67 5.86 9.83
CA GLU B 36 4.85 6.46 10.89
C GLU B 36 3.41 6.66 10.42
N PHE B 37 3.25 7.38 9.32
CA PHE B 37 1.94 7.67 8.76
C PHE B 37 1.16 6.38 8.46
N ALA B 38 1.88 5.29 8.23
CA ALA B 38 1.25 4.01 7.91
C ALA B 38 0.65 3.32 9.14
N VAL B 39 1.39 3.31 10.24
CA VAL B 39 0.89 2.66 11.47
C VAL B 39 -0.45 3.25 11.90
N GLU B 40 -0.46 4.55 12.16
CA GLU B 40 -1.67 5.25 12.59
C GLU B 40 -2.83 5.01 11.62
N TYR B 41 -2.53 5.00 10.33
CA TYR B 41 -3.55 4.78 9.31
C TYR B 41 -4.17 3.39 9.43
N PHE B 42 -3.33 2.36 9.53
CA PHE B 42 -3.82 0.99 9.64
C PHE B 42 -4.54 0.77 10.97
N THR B 43 -4.19 1.54 11.99
CA THR B 43 -4.83 1.41 13.30
C THR B 43 -6.21 2.06 13.28
N ARG B 44 -6.31 3.21 12.62
CA ARG B 44 -7.56 3.93 12.50
C ARG B 44 -8.63 3.04 11.86
N LEU B 45 -8.23 2.32 10.82
CA LEU B 45 -9.14 1.43 10.12
C LEU B 45 -9.61 0.30 11.04
N ARG B 46 -8.67 -0.34 11.72
CA ARG B 46 -9.00 -1.43 12.62
C ARG B 46 -9.82 -0.92 13.81
N GLU B 47 -9.44 0.23 14.33
CA GLU B 47 -10.15 0.83 15.47
C GLU B 47 -11.51 1.39 15.04
N ALA B 48 -11.68 1.61 13.74
CA ALA B 48 -12.94 2.15 13.22
C ALA B 48 -14.13 1.31 13.67
N ARG B 49 -13.96 -0.01 13.68
CA ARG B 49 -15.02 -0.91 14.09
C ARG B 49 -15.51 -0.59 15.49
N ALA B 50 -16.81 -0.75 15.72
CA ALA B 50 -17.41 -0.46 17.02
C ALA B 50 -17.13 0.97 17.46
N ALA C 1 -16.38 5.55 -7.58
CA ALA C 1 -17.85 5.57 -7.76
C ALA C 1 -18.24 5.48 -9.24
N MET C 2 -17.49 6.20 -10.07
CA MET C 2 -17.74 6.21 -11.51
C MET C 2 -19.17 6.66 -11.82
N ALA C 3 -20.12 5.73 -11.73
CA ALA C 3 -21.52 6.03 -12.00
C ALA C 3 -22.43 5.27 -11.03
N ASP C 4 -22.21 5.47 -9.75
CA ASP C 4 -23.00 4.81 -8.71
C ASP C 4 -22.95 5.59 -7.41
N ILE C 5 -24.10 5.70 -6.74
CA ILE C 5 -24.20 6.43 -5.48
C ILE C 5 -23.75 5.55 -4.31
N GLY C 6 -22.56 5.84 -3.78
CA GLY C 6 -22.03 5.08 -2.65
C GLY C 6 -21.57 5.99 -1.53
N SER C 7 -20.82 5.42 -0.58
CA SER C 7 -20.31 6.18 0.56
C SER C 7 -19.29 5.37 1.33
N ALA C 8 -18.72 5.98 2.37
CA ALA C 8 -17.71 5.33 3.20
C ALA C 8 -16.41 5.11 2.45
N SER C 9 -16.27 5.73 1.28
CA SER C 9 -15.07 5.60 0.47
C SER C 9 -15.17 6.41 -0.81
N GLY C 10 -14.67 7.63 -0.78
CA GLY C 10 -14.72 8.49 -1.96
C GLY C 10 -14.31 9.92 -1.67
N TYR C 11 -13.26 10.38 -2.35
CA TYR C 11 -12.76 11.75 -2.18
C TYR C 11 -11.40 11.93 -2.87
N VAL C 12 -11.14 11.13 -3.89
CA VAL C 12 -9.89 11.19 -4.65
C VAL C 12 -10.12 11.70 -6.07
N PRO C 13 -9.50 12.83 -6.48
CA PRO C 13 -9.68 13.35 -7.84
C PRO C 13 -9.17 12.36 -8.88
N GLU C 14 -9.09 12.80 -10.14
CA GLU C 14 -8.65 11.93 -11.23
C GLU C 14 -7.14 11.72 -11.25
N GLU C 15 -6.37 12.78 -11.01
CA GLU C 15 -4.91 12.70 -11.04
C GLU C 15 -4.34 11.96 -9.83
N ILE C 16 -5.02 12.05 -8.69
CA ILE C 16 -4.55 11.41 -7.46
C ILE C 16 -4.77 9.90 -7.49
N TRP C 17 -5.79 9.45 -8.24
CA TRP C 17 -6.07 8.02 -8.32
C TRP C 17 -5.12 7.35 -9.30
N LYS C 18 -4.90 7.97 -10.44
CA LYS C 18 -4.00 7.41 -11.44
C LYS C 18 -2.61 7.24 -10.82
N LYS C 19 -2.16 8.26 -10.11
CA LYS C 19 -0.83 8.22 -9.49
C LYS C 19 -0.71 7.13 -8.43
N ALA C 20 -1.48 7.22 -7.35
CA ALA C 20 -1.41 6.24 -6.27
C ALA C 20 -1.46 4.80 -6.79
N GLU C 21 -2.21 4.59 -7.88
CA GLU C 21 -2.33 3.26 -8.47
C GLU C 21 -1.00 2.78 -9.01
N GLU C 22 -0.19 3.70 -9.53
CA GLU C 22 1.12 3.34 -10.06
C GLU C 22 2.05 2.88 -8.94
N ALA C 23 2.06 3.62 -7.84
CA ALA C 23 2.90 3.28 -6.70
C ALA C 23 2.68 1.84 -6.24
N VAL C 24 1.45 1.36 -6.36
CA VAL C 24 1.12 0.01 -5.93
C VAL C 24 1.46 -1.04 -6.98
N ASN C 25 1.19 -0.73 -8.23
CA ASN C 25 1.48 -1.67 -9.33
C ASN C 25 2.99 -1.87 -9.44
N GLU C 26 3.74 -0.80 -9.23
CA GLU C 26 5.20 -0.86 -9.31
C GLU C 26 5.78 -1.71 -8.19
N VAL C 27 5.47 -1.38 -6.94
CA VAL C 27 6.00 -2.14 -5.81
C VAL C 27 5.53 -3.60 -5.84
N LYS C 28 4.38 -3.84 -6.46
CA LYS C 28 3.82 -5.18 -6.56
C LYS C 28 4.63 -6.03 -7.53
N ARG C 29 4.84 -5.50 -8.72
CA ARG C 29 5.63 -6.19 -9.73
C ARG C 29 7.04 -6.42 -9.20
N GLN C 30 7.49 -5.54 -8.30
CA GLN C 30 8.82 -5.65 -7.71
C GLN C 30 8.89 -6.71 -6.61
N ALA C 31 8.03 -6.61 -5.58
CA ALA C 31 8.03 -7.58 -4.48
C ALA C 31 8.05 -9.03 -4.99
N MET C 32 7.39 -9.26 -6.10
CA MET C 32 7.35 -10.60 -6.68
C MET C 32 8.75 -11.03 -7.15
N THR C 33 9.55 -10.10 -7.62
CA THR C 33 10.91 -10.41 -8.06
C THR C 33 11.77 -10.78 -6.85
N GLU C 34 11.58 -10.05 -5.76
CA GLU C 34 12.32 -10.33 -4.53
C GLU C 34 12.09 -11.77 -4.09
N LEU C 35 10.94 -12.30 -4.48
CA LEU C 35 10.56 -13.68 -4.15
C LEU C 35 11.06 -14.64 -5.23
N GLN C 36 11.00 -14.20 -6.48
CA GLN C 36 11.44 -15.02 -7.60
C GLN C 36 12.96 -15.24 -7.57
N LYS C 37 13.65 -14.48 -6.72
CA LYS C 37 15.10 -14.59 -6.58
C LYS C 37 15.52 -14.46 -5.12
N ALA C 38 14.73 -15.04 -4.24
CA ALA C 38 15.02 -14.99 -2.81
C ALA C 38 16.29 -15.77 -2.48
N GLY A 1 4.39 10.37 -19.51
CA GLY A 1 5.00 9.02 -19.63
C GLY A 1 3.99 7.91 -19.43
N ALA A 2 3.28 7.55 -20.49
CA ALA A 2 2.28 6.50 -20.43
C ALA A 2 1.21 6.83 -19.40
N MET A 3 0.02 7.21 -19.88
CA MET A 3 -1.09 7.56 -19.01
C MET A 3 -0.73 8.76 -18.15
N GLY A 4 0.09 9.64 -18.72
CA GLY A 4 0.51 10.83 -18.02
C GLY A 4 -0.45 11.99 -18.18
N SER A 5 -0.43 12.62 -19.36
CA SER A 5 -1.30 13.74 -19.64
C SER A 5 -1.03 14.91 -18.69
N MET A 6 0.21 15.02 -18.23
CA MET A 6 0.61 16.08 -17.33
C MET A 6 -0.21 16.05 -16.04
N SER A 7 0.44 16.32 -14.90
CA SER A 7 -0.23 16.32 -13.61
C SER A 7 0.63 17.00 -12.55
N HIS A 8 0.21 16.87 -11.29
CA HIS A 8 0.94 17.46 -10.16
C HIS A 8 0.93 16.51 -8.98
N ILE A 9 1.79 15.50 -9.03
CA ILE A 9 1.88 14.50 -7.96
C ILE A 9 3.32 14.04 -7.76
N GLN A 10 3.91 13.49 -8.81
CA GLN A 10 5.28 12.99 -8.78
C GLN A 10 5.47 11.87 -7.76
N ILE A 11 5.47 10.63 -8.24
CA ILE A 11 5.65 9.47 -7.36
C ILE A 11 6.89 9.66 -6.46
N PRO A 12 6.68 9.96 -5.15
CA PRO A 12 7.81 10.17 -4.22
C PRO A 12 8.82 9.02 -4.24
N PRO A 13 10.09 9.29 -3.92
CA PRO A 13 11.14 8.26 -3.90
C PRO A 13 11.12 7.46 -2.60
N GLY A 14 11.53 6.20 -2.67
CA GLY A 14 11.56 5.36 -1.49
C GLY A 14 10.21 4.74 -1.15
N LEU A 15 9.13 5.34 -1.64
CA LEU A 15 7.79 4.83 -1.38
C LEU A 15 7.64 3.39 -1.83
N THR A 16 8.12 3.11 -3.04
CA THR A 16 8.06 1.77 -3.60
C THR A 16 8.76 0.76 -2.70
N GLU A 17 9.91 1.15 -2.16
CA GLU A 17 10.69 0.28 -1.29
C GLU A 17 9.95 -0.01 0.01
N LEU A 18 9.13 0.95 0.47
CA LEU A 18 8.38 0.77 1.71
C LEU A 18 7.24 -0.22 1.53
N LEU A 19 6.52 -0.10 0.42
CA LEU A 19 5.39 -0.98 0.13
C LEU A 19 5.87 -2.39 -0.19
N GLN A 20 7.08 -2.47 -0.77
CA GLN A 20 7.65 -3.77 -1.13
C GLN A 20 7.90 -4.61 0.09
N GLY A 21 8.45 -4.00 1.15
CA GLY A 21 8.72 -4.73 2.37
C GLY A 21 7.49 -5.43 2.89
N TYR A 22 6.37 -4.73 2.90
CA TYR A 22 5.11 -5.32 3.37
C TYR A 22 4.59 -6.37 2.39
N THR A 23 4.56 -6.00 1.12
CA THR A 23 4.07 -6.89 0.06
C THR A 23 4.76 -8.25 0.07
N VAL A 24 6.08 -8.25 -0.10
CA VAL A 24 6.84 -9.49 -0.14
C VAL A 24 6.59 -10.35 1.10
N GLU A 25 6.31 -9.72 2.23
CA GLU A 25 6.06 -10.46 3.47
C GLU A 25 4.65 -11.03 3.50
N VAL A 26 3.67 -10.24 3.06
CA VAL A 26 2.28 -10.71 3.05
C VAL A 26 2.15 -12.01 2.27
N LEU A 27 2.87 -12.09 1.16
CA LEU A 27 2.83 -13.29 0.31
C LEU A 27 3.65 -14.41 0.92
N ARG A 28 4.77 -14.07 1.54
CA ARG A 28 5.65 -15.07 2.16
C ARG A 28 4.93 -15.87 3.25
N GLN A 29 4.01 -15.21 3.97
CA GLN A 29 3.28 -15.88 5.06
C GLN A 29 1.80 -16.04 4.74
N GLN A 30 1.27 -15.15 3.91
CA GLN A 30 -0.15 -15.20 3.55
C GLN A 30 -1.03 -15.19 4.80
N PRO A 31 -1.31 -14.00 5.36
CA PRO A 31 -2.12 -13.87 6.57
C PRO A 31 -3.63 -13.90 6.28
N PRO A 32 -4.48 -14.01 7.32
CA PRO A 32 -5.92 -14.05 7.16
C PRO A 32 -6.51 -12.68 6.78
N ASP A 33 -5.87 -11.62 7.27
CA ASP A 33 -6.31 -10.25 7.00
C ASP A 33 -5.14 -9.37 6.57
N LEU A 34 -5.40 -8.49 5.62
CA LEU A 34 -4.40 -7.57 5.10
C LEU A 34 -4.31 -6.31 5.94
N VAL A 35 -5.44 -5.92 6.53
CA VAL A 35 -5.49 -4.72 7.35
C VAL A 35 -4.78 -4.92 8.69
N GLU A 36 -4.99 -6.09 9.29
CA GLU A 36 -4.37 -6.41 10.58
C GLU A 36 -2.86 -6.62 10.42
N PHE A 37 -2.50 -7.54 9.54
CA PHE A 37 -1.09 -7.84 9.27
C PHE A 37 -0.28 -6.58 8.99
N ALA A 38 -0.96 -5.54 8.50
CA ALA A 38 -0.30 -4.29 8.18
C ALA A 38 0.13 -3.54 9.44
N VAL A 39 -0.73 -3.52 10.45
CA VAL A 39 -0.40 -2.88 11.72
C VAL A 39 0.74 -3.65 12.38
N GLU A 40 0.52 -4.93 12.65
CA GLU A 40 1.54 -5.75 13.28
C GLU A 40 2.89 -5.60 12.58
N TYR A 41 2.85 -5.41 11.26
CA TYR A 41 4.06 -5.26 10.45
C TYR A 41 4.67 -3.86 10.57
N PHE A 42 3.84 -2.83 10.42
CA PHE A 42 4.32 -1.45 10.47
C PHE A 42 4.67 -1.03 11.90
N THR A 43 3.79 -1.29 12.85
CA THR A 43 4.03 -0.92 14.24
C THR A 43 5.37 -1.45 14.72
N ARG A 44 5.60 -2.76 14.53
CA ARG A 44 6.84 -3.39 14.95
C ARG A 44 8.04 -2.66 14.35
N LEU A 45 8.03 -2.49 13.03
CA LEU A 45 9.12 -1.81 12.33
C LEU A 45 9.50 -0.49 13.01
N ARG A 46 8.51 0.40 13.18
CA ARG A 46 8.74 1.69 13.81
C ARG A 46 9.05 1.52 15.29
N GLU A 47 8.19 0.79 16.00
CA GLU A 47 8.36 0.57 17.43
C GLU A 47 9.69 -0.10 17.74
N ALA A 48 10.29 -0.74 16.73
CA ALA A 48 11.57 -1.43 16.92
C ALA A 48 12.59 -0.51 17.57
N ARG A 49 12.76 0.68 17.00
CA ARG A 49 13.71 1.66 17.53
C ARG A 49 13.29 2.13 18.91
N ALA A 50 14.14 1.89 19.91
CA ALA A 50 13.87 2.30 21.28
C ALA A 50 12.49 1.84 21.73
N GLY B 1 18.12 -26.04 -18.26
CA GLY B 1 18.19 -24.73 -18.97
C GLY B 1 16.92 -23.91 -18.83
N ALA B 2 17.08 -22.59 -18.78
CA ALA B 2 15.94 -21.70 -18.64
C ALA B 2 15.18 -21.96 -17.33
N MET B 3 14.52 -20.92 -16.83
CA MET B 3 13.76 -21.04 -15.58
C MET B 3 12.41 -21.70 -15.84
N GLY B 4 11.67 -21.18 -16.80
CA GLY B 4 10.36 -21.74 -17.13
C GLY B 4 9.32 -21.40 -16.08
N SER B 5 9.33 -20.16 -15.62
CA SER B 5 8.37 -19.70 -14.61
C SER B 5 8.46 -20.56 -13.35
N MET B 6 9.26 -20.11 -12.39
CA MET B 6 9.43 -20.83 -11.12
C MET B 6 8.60 -20.20 -10.01
N SER B 7 8.36 -18.89 -10.12
CA SER B 7 7.57 -18.17 -9.12
C SER B 7 6.09 -18.23 -9.47
N HIS B 8 5.33 -18.97 -8.66
CA HIS B 8 3.88 -19.10 -8.88
C HIS B 8 3.10 -18.30 -7.85
N ILE B 9 3.73 -17.25 -7.33
CA ILE B 9 3.09 -16.39 -6.33
C ILE B 9 2.11 -15.43 -7.00
N GLN B 10 1.07 -15.04 -6.25
CA GLN B 10 0.06 -14.12 -6.76
C GLN B 10 -0.45 -13.21 -5.65
N ILE B 11 -0.75 -11.97 -5.99
CA ILE B 11 -1.24 -11.00 -5.01
C ILE B 11 -2.70 -11.27 -4.64
N PRO B 12 -2.98 -11.61 -3.35
CA PRO B 12 -4.35 -11.87 -2.90
C PRO B 12 -5.34 -10.79 -3.35
N PRO B 13 -6.65 -11.06 -3.26
CA PRO B 13 -7.68 -10.10 -3.68
C PRO B 13 -7.97 -9.06 -2.59
N GLY B 14 -7.44 -7.85 -2.78
CA GLY B 14 -7.65 -6.78 -1.81
C GLY B 14 -6.37 -6.06 -1.46
N LEU B 15 -5.27 -6.80 -1.39
CA LEU B 15 -3.96 -6.23 -1.07
C LEU B 15 -3.69 -4.99 -1.92
N THR B 16 -3.95 -5.09 -3.21
CA THR B 16 -3.74 -3.95 -4.11
C THR B 16 -4.50 -2.73 -3.60
N GLU B 17 -5.75 -2.93 -3.25
CA GLU B 17 -6.61 -1.86 -2.74
C GLU B 17 -6.06 -1.31 -1.42
N LEU B 18 -5.55 -2.18 -0.57
CA LEU B 18 -5.01 -1.74 0.72
C LEU B 18 -3.83 -0.80 0.51
N LEU B 19 -2.90 -1.20 -0.36
CA LEU B 19 -1.74 -0.36 -0.66
C LEU B 19 -2.21 0.91 -1.38
N GLN B 20 -3.32 0.79 -2.09
CA GLN B 20 -3.90 1.90 -2.82
C GLN B 20 -4.45 2.95 -1.87
N GLY B 21 -5.14 2.50 -0.82
CA GLY B 21 -5.72 3.41 0.14
C GLY B 21 -4.70 4.29 0.83
N TYR B 22 -3.49 3.76 1.01
CA TYR B 22 -2.41 4.51 1.66
C TYR B 22 -1.77 5.51 0.70
N THR B 23 -1.41 5.06 -0.49
CA THR B 23 -0.78 5.94 -1.48
C THR B 23 -1.60 7.21 -1.70
N VAL B 24 -2.85 7.04 -2.12
CA VAL B 24 -3.73 8.18 -2.41
C VAL B 24 -3.69 9.26 -1.35
N GLU B 25 -3.65 8.88 -0.07
CA GLU B 25 -3.61 9.85 1.01
C GLU B 25 -2.21 10.40 1.20
N VAL B 26 -1.20 9.57 0.94
CA VAL B 26 0.19 10.01 1.07
C VAL B 26 0.48 11.13 0.10
N LEU B 27 0.15 10.91 -1.17
CA LEU B 27 0.39 11.92 -2.20
C LEU B 27 -0.28 13.24 -1.83
N ARG B 28 -1.56 13.17 -1.47
CA ARG B 28 -2.34 14.36 -1.12
C ARG B 28 -1.91 15.01 0.20
N GLN B 29 -1.26 14.25 1.10
CA GLN B 29 -0.86 14.80 2.39
C GLN B 29 0.65 15.00 2.49
N GLN B 30 1.41 13.99 2.06
CA GLN B 30 2.86 14.04 2.11
C GLN B 30 3.33 14.11 3.56
N PRO B 31 3.49 12.94 4.23
CA PRO B 31 3.91 12.88 5.63
C PRO B 31 5.42 12.91 5.80
N PRO B 32 5.92 13.13 7.03
CA PRO B 32 7.36 13.16 7.31
C PRO B 32 7.97 11.76 7.23
N ASP B 33 7.22 10.77 7.71
CA ASP B 33 7.67 9.38 7.70
C ASP B 33 6.56 8.47 7.17
N LEU B 34 6.93 7.60 6.24
CA LEU B 34 5.99 6.68 5.64
C LEU B 34 5.67 5.51 6.56
N VAL B 35 6.59 5.21 7.48
CA VAL B 35 6.41 4.11 8.41
C VAL B 35 5.31 4.41 9.43
N GLU B 36 5.47 5.51 10.16
CA GLU B 36 4.50 5.92 11.17
C GLU B 36 3.16 6.30 10.56
N PHE B 37 3.19 7.08 9.48
CA PHE B 37 1.96 7.51 8.83
C PHE B 37 1.10 6.31 8.43
N ALA B 38 1.75 5.18 8.20
CA ALA B 38 1.04 3.96 7.82
C ALA B 38 0.39 3.30 9.02
N VAL B 39 1.04 3.39 10.18
CA VAL B 39 0.50 2.81 11.40
C VAL B 39 -0.87 3.40 11.71
N GLU B 40 -0.92 4.72 11.83
CA GLU B 40 -2.17 5.41 12.12
C GLU B 40 -3.24 5.10 11.07
N TYR B 41 -2.81 4.91 9.83
CA TYR B 41 -3.73 4.60 8.74
C TYR B 41 -4.28 3.20 8.85
N PHE B 42 -3.41 2.22 9.03
CA PHE B 42 -3.83 0.82 9.14
C PHE B 42 -4.55 0.54 10.46
N THR B 43 -4.27 1.35 11.48
CA THR B 43 -4.88 1.16 12.80
C THR B 43 -6.28 1.78 12.87
N ARG B 44 -6.48 2.91 12.19
CA ARG B 44 -7.79 3.57 12.21
C ARG B 44 -8.83 2.68 11.53
N LEU B 45 -8.38 1.89 10.55
CA LEU B 45 -9.27 0.99 9.84
C LEU B 45 -9.56 -0.26 10.68
N ARG B 46 -8.50 -0.83 11.25
CA ARG B 46 -8.64 -2.02 12.10
C ARG B 46 -9.65 -1.79 13.21
N GLU B 47 -9.37 -0.82 14.07
CA GLU B 47 -10.25 -0.51 15.20
C GLU B 47 -11.69 -0.34 14.75
N ALA B 48 -11.87 0.18 13.52
CA ALA B 48 -13.20 0.38 12.98
C ALA B 48 -13.85 -0.95 12.63
N ARG B 49 -13.03 -1.87 12.12
CA ARG B 49 -13.48 -3.22 11.74
C ARG B 49 -14.89 -3.22 11.14
N ALA B 50 -15.43 -4.41 10.87
CA ALA B 50 -16.76 -4.54 10.31
C ALA B 50 -16.89 -3.75 9.00
N ALA C 1 -15.67 17.37 -16.67
CA ALA C 1 -14.65 16.57 -17.40
C ALA C 1 -13.24 17.08 -17.10
N MET C 2 -12.24 16.24 -17.37
CA MET C 2 -10.85 16.61 -17.13
C MET C 2 -10.62 16.88 -15.64
N ALA C 3 -9.36 16.78 -15.22
CA ALA C 3 -9.01 17.02 -13.83
C ALA C 3 -9.43 18.42 -13.38
N ASP C 4 -8.93 18.86 -12.23
CA ASP C 4 -9.27 20.17 -11.71
C ASP C 4 -10.72 20.22 -11.23
N ILE C 5 -11.22 21.42 -10.96
CA ILE C 5 -12.60 21.61 -10.49
C ILE C 5 -12.79 21.02 -9.10
N GLY C 6 -12.68 19.70 -8.99
CA GLY C 6 -12.86 19.04 -7.72
C GLY C 6 -12.86 17.52 -7.84
N SER C 7 -13.48 16.85 -6.87
CA SER C 7 -13.56 15.40 -6.87
C SER C 7 -14.46 14.90 -7.99
N ALA C 8 -15.64 15.52 -8.12
CA ALA C 8 -16.60 15.14 -9.13
C ALA C 8 -16.95 13.66 -9.04
N SER C 9 -17.70 13.30 -8.01
CA SER C 9 -18.11 11.91 -7.79
C SER C 9 -16.93 10.96 -7.87
N GLY C 10 -16.09 10.96 -6.83
CA GLY C 10 -14.93 10.09 -6.81
C GLY C 10 -13.84 10.59 -5.88
N TYR C 11 -13.74 9.96 -4.70
CA TYR C 11 -12.75 10.35 -3.71
C TYR C 11 -11.39 10.59 -4.36
N VAL C 12 -10.58 11.46 -3.75
CA VAL C 12 -9.25 11.81 -4.27
C VAL C 12 -9.38 12.48 -5.64
N PRO C 13 -8.63 13.57 -5.89
CA PRO C 13 -8.70 14.30 -7.17
C PRO C 13 -7.97 13.58 -8.31
N GLU C 14 -8.76 13.01 -9.22
CA GLU C 14 -8.27 12.27 -10.39
C GLU C 14 -6.77 11.97 -10.38
N GLU C 15 -5.95 12.98 -10.70
CA GLU C 15 -4.50 12.83 -10.77
C GLU C 15 -3.91 12.06 -9.58
N ILE C 16 -4.57 12.15 -8.43
CA ILE C 16 -4.10 11.46 -7.24
C ILE C 16 -4.40 9.97 -7.32
N TRP C 17 -5.44 9.62 -8.08
CA TRP C 17 -5.83 8.22 -8.24
C TRP C 17 -4.95 7.50 -9.25
N LYS C 18 -4.81 8.11 -10.42
CA LYS C 18 -4.00 7.52 -11.47
C LYS C 18 -2.58 7.24 -10.98
N LYS C 19 -2.00 8.20 -10.26
CA LYS C 19 -0.63 8.05 -9.77
C LYS C 19 -0.52 7.08 -8.60
N ALA C 20 -1.29 7.30 -7.52
CA ALA C 20 -1.24 6.43 -6.35
C ALA C 20 -1.35 4.96 -6.73
N GLU C 21 -2.17 4.69 -7.73
CA GLU C 21 -2.38 3.31 -8.20
C GLU C 21 -1.12 2.76 -8.85
N GLU C 22 -0.36 3.60 -9.53
CA GLU C 22 0.88 3.16 -10.18
C GLU C 22 1.86 2.65 -9.11
N ALA C 23 1.93 3.36 -8.00
CA ALA C 23 2.82 2.98 -6.91
C ALA C 23 2.54 1.55 -6.45
N VAL C 24 1.28 1.11 -6.60
CA VAL C 24 0.88 -0.23 -6.18
C VAL C 24 1.21 -1.28 -7.24
N ASN C 25 0.89 -0.96 -8.50
CA ASN C 25 1.17 -1.87 -9.61
C ASN C 25 2.66 -2.07 -9.77
N GLU C 26 3.42 -1.02 -9.49
CA GLU C 26 4.88 -1.09 -9.62
C GLU C 26 5.49 -1.89 -8.48
N VAL C 27 5.22 -1.49 -7.23
CA VAL C 27 5.78 -2.19 -6.08
C VAL C 27 5.32 -3.64 -5.98
N LYS C 28 4.11 -3.92 -6.47
CA LYS C 28 3.59 -5.28 -6.41
C LYS C 28 4.26 -6.14 -7.48
N ARG C 29 4.39 -5.59 -8.69
CA ARG C 29 5.06 -6.30 -9.76
C ARG C 29 6.51 -6.59 -9.35
N GLN C 30 7.04 -5.76 -8.47
CA GLN C 30 8.42 -5.92 -7.99
C GLN C 30 8.52 -7.01 -6.90
N ALA C 31 7.71 -6.91 -5.84
CA ALA C 31 7.74 -7.89 -4.74
C ALA C 31 7.73 -9.32 -5.27
N MET C 32 7.00 -9.54 -6.35
CA MET C 32 6.92 -10.88 -6.93
C MET C 32 8.26 -11.31 -7.52
N THR C 33 9.01 -10.37 -8.10
CA THR C 33 10.32 -10.69 -8.65
C THR C 33 11.25 -11.06 -7.48
N GLU C 34 11.04 -10.40 -6.35
CA GLU C 34 11.83 -10.67 -5.16
C GLU C 34 11.59 -12.11 -4.70
N LEU C 35 10.40 -12.61 -5.04
CA LEU C 35 10.00 -13.98 -4.70
C LEU C 35 10.52 -14.96 -5.74
N GLN C 36 10.63 -14.49 -6.98
CA GLN C 36 11.12 -15.31 -8.08
C GLN C 36 12.61 -15.61 -7.90
N LYS C 37 13.25 -14.93 -6.96
CA LYS C 37 14.68 -15.11 -6.68
C LYS C 37 14.91 -15.41 -5.21
N ALA C 38 13.93 -16.07 -4.59
CA ALA C 38 14.02 -16.43 -3.17
C ALA C 38 15.03 -17.56 -2.96
N GLY A 1 13.04 6.47 -20.37
CA GLY A 1 12.57 5.62 -19.24
C GLY A 1 11.68 6.37 -18.27
N ALA A 2 12.05 7.62 -17.98
CA ALA A 2 11.27 8.44 -17.06
C ALA A 2 11.72 9.90 -17.11
N MET A 3 11.06 10.70 -17.93
CA MET A 3 11.38 12.12 -18.07
C MET A 3 10.12 12.95 -18.23
N GLY A 4 9.72 13.63 -17.16
CA GLY A 4 8.52 14.45 -17.22
C GLY A 4 8.36 15.32 -15.98
N SER A 5 8.48 14.70 -14.80
CA SER A 5 8.34 15.41 -13.53
C SER A 5 6.88 15.64 -13.18
N MET A 6 6.12 16.20 -14.11
CA MET A 6 4.70 16.48 -13.90
C MET A 6 4.51 17.42 -12.72
N SER A 7 4.24 18.69 -13.02
CA SER A 7 4.03 19.70 -11.98
C SER A 7 2.62 19.60 -11.40
N HIS A 8 2.47 18.79 -10.35
CA HIS A 8 1.19 18.61 -9.69
C HIS A 8 1.33 17.56 -8.58
N ILE A 9 1.74 16.36 -8.98
CA ILE A 9 1.93 15.25 -8.06
C ILE A 9 3.19 14.46 -8.41
N GLN A 10 3.77 13.77 -7.43
CA GLN A 10 4.97 12.98 -7.67
C GLN A 10 5.15 11.89 -6.60
N ILE A 11 5.03 10.63 -7.00
CA ILE A 11 5.20 9.52 -6.05
C ILE A 11 6.44 9.77 -5.17
N PRO A 12 6.24 10.15 -3.89
CA PRO A 12 7.36 10.44 -2.97
C PRO A 12 8.39 9.31 -2.93
N PRO A 13 9.67 9.58 -3.29
CA PRO A 13 10.72 8.57 -3.27
C PRO A 13 10.69 7.76 -1.97
N GLY A 14 11.06 6.48 -2.05
CA GLY A 14 11.06 5.64 -0.87
C GLY A 14 9.73 4.95 -0.64
N LEU A 15 8.67 5.51 -1.20
CA LEU A 15 7.34 4.94 -1.04
C LEU A 15 7.28 3.53 -1.60
N THR A 16 7.97 3.30 -2.70
CA THR A 16 8.00 1.99 -3.34
C THR A 16 8.67 0.95 -2.44
N GLU A 17 9.83 1.32 -1.89
CA GLU A 17 10.57 0.42 -1.02
C GLU A 17 9.79 0.11 0.25
N LEU A 18 8.96 1.06 0.68
CA LEU A 18 8.15 0.87 1.89
C LEU A 18 7.02 -0.14 1.65
N LEU A 19 6.39 -0.06 0.48
CA LEU A 19 5.30 -0.95 0.14
C LEU A 19 5.84 -2.35 -0.22
N GLN A 20 7.05 -2.38 -0.75
CA GLN A 20 7.69 -3.64 -1.15
C GLN A 20 7.94 -4.53 0.06
N GLY A 21 8.52 -3.96 1.11
CA GLY A 21 8.80 -4.74 2.30
C GLY A 21 7.56 -5.45 2.81
N TYR A 22 6.44 -4.74 2.80
CA TYR A 22 5.17 -5.32 3.25
C TYR A 22 4.63 -6.30 2.22
N THR A 23 4.61 -5.88 0.96
CA THR A 23 4.11 -6.72 -0.13
C THR A 23 4.76 -8.11 -0.12
N VAL A 24 6.08 -8.13 -0.26
CA VAL A 24 6.82 -9.38 -0.29
C VAL A 24 6.57 -10.22 0.95
N GLU A 25 6.33 -9.58 2.10
CA GLU A 25 6.08 -10.31 3.34
C GLU A 25 4.68 -10.93 3.33
N VAL A 26 3.70 -10.15 2.91
CA VAL A 26 2.32 -10.62 2.84
C VAL A 26 2.22 -11.92 2.04
N LEU A 27 2.97 -11.97 0.94
CA LEU A 27 2.97 -13.13 0.06
C LEU A 27 3.78 -14.29 0.66
N ARG A 28 4.85 -13.98 1.37
CA ARG A 28 5.69 -15.01 1.97
C ARG A 28 4.98 -15.74 3.12
N GLN A 29 4.14 -15.02 3.86
CA GLN A 29 3.42 -15.60 5.00
C GLN A 29 1.96 -15.86 4.65
N GLN A 30 1.41 -15.04 3.76
CA GLN A 30 0.01 -15.19 3.37
C GLN A 30 -0.91 -15.10 4.59
N PRO A 31 -1.24 -13.88 5.03
CA PRO A 31 -2.11 -13.65 6.20
C PRO A 31 -3.59 -13.69 5.85
N PRO A 32 -4.47 -13.86 6.86
CA PRO A 32 -5.92 -13.90 6.64
C PRO A 32 -6.50 -12.51 6.42
N ASP A 33 -5.85 -11.50 7.00
CA ASP A 33 -6.29 -10.11 6.87
C ASP A 33 -5.14 -9.20 6.50
N LEU A 34 -5.40 -8.28 5.58
CA LEU A 34 -4.38 -7.34 5.13
C LEU A 34 -4.28 -6.14 6.08
N VAL A 35 -5.43 -5.71 6.60
CA VAL A 35 -5.47 -4.59 7.51
C VAL A 35 -4.74 -4.89 8.83
N GLU A 36 -4.94 -6.10 9.35
CA GLU A 36 -4.31 -6.51 10.59
C GLU A 36 -2.83 -6.78 10.38
N PHE A 37 -2.52 -7.58 9.37
CA PHE A 37 -1.13 -7.91 9.04
C PHE A 37 -0.32 -6.66 8.74
N ALA A 38 -0.99 -5.61 8.29
CA ALA A 38 -0.32 -4.36 7.95
C ALA A 38 0.11 -3.57 9.18
N VAL A 39 -0.76 -3.47 10.18
CA VAL A 39 -0.42 -2.75 11.40
C VAL A 39 0.61 -3.57 12.18
N GLU A 40 0.58 -4.88 12.03
CA GLU A 40 1.53 -5.74 12.72
C GLU A 40 2.94 -5.58 12.12
N TYR A 41 2.98 -5.34 10.81
CA TYR A 41 4.24 -5.17 10.08
C TYR A 41 4.81 -3.76 10.29
N PHE A 42 3.93 -2.76 10.30
CA PHE A 42 4.36 -1.37 10.45
C PHE A 42 4.73 -1.02 11.89
N THR A 43 3.83 -1.30 12.84
CA THR A 43 4.10 -1.00 14.24
C THR A 43 5.44 -1.58 14.70
N ARG A 44 5.61 -2.89 14.51
CA ARG A 44 6.85 -3.55 14.91
C ARG A 44 8.05 -2.81 14.36
N LEU A 45 8.05 -2.55 13.05
CA LEU A 45 9.14 -1.84 12.41
C LEU A 45 9.49 -0.58 13.19
N ARG A 46 8.50 0.28 13.42
CA ARG A 46 8.68 1.51 14.17
C ARG A 46 9.10 1.22 15.61
N GLU A 47 8.27 0.45 16.31
CA GLU A 47 8.53 0.09 17.70
C GLU A 47 9.91 -0.55 17.86
N ALA A 48 10.44 -1.11 16.77
CA ALA A 48 11.75 -1.76 16.80
C ALA A 48 12.78 -0.89 17.52
N ARG A 49 12.63 0.42 17.40
CA ARG A 49 13.54 1.37 18.04
C ARG A 49 13.16 1.57 19.50
N ALA A 50 14.12 2.03 20.31
CA ALA A 50 13.88 2.26 21.73
C ALA A 50 13.35 1.00 22.41
N GLY B 1 14.63 -15.38 0.69
CA GLY B 1 13.59 -16.32 0.17
C GLY B 1 12.61 -16.75 1.24
N ALA B 2 13.13 -17.05 2.42
CA ALA B 2 12.30 -17.48 3.54
C ALA B 2 11.53 -18.76 3.20
N MET B 3 12.23 -19.71 2.57
CA MET B 3 11.63 -20.98 2.18
C MET B 3 10.50 -20.74 1.18
N GLY B 4 10.82 -19.99 0.13
CA GLY B 4 9.84 -19.68 -0.89
C GLY B 4 9.18 -20.92 -1.46
N SER B 5 7.87 -21.04 -1.28
CA SER B 5 7.12 -22.19 -1.78
C SER B 5 7.06 -22.18 -3.31
N MET B 6 8.17 -22.57 -3.95
CA MET B 6 8.25 -22.61 -5.40
C MET B 6 7.89 -21.25 -6.02
N SER B 7 8.18 -21.12 -7.32
CA SER B 7 7.89 -19.88 -8.04
C SER B 7 6.52 -19.94 -8.70
N HIS B 8 5.56 -19.21 -8.14
CA HIS B 8 4.20 -19.16 -8.66
C HIS B 8 3.31 -18.35 -7.73
N ILE B 9 3.87 -17.26 -7.19
CA ILE B 9 3.15 -16.39 -6.26
C ILE B 9 2.04 -15.62 -6.98
N GLN B 10 0.98 -15.30 -6.25
CA GLN B 10 -0.16 -14.55 -6.80
C GLN B 10 -0.68 -13.54 -5.78
N ILE B 11 -0.94 -12.32 -6.26
CA ILE B 11 -1.44 -11.25 -5.39
C ILE B 11 -2.86 -11.57 -4.88
N PRO B 12 -3.03 -11.77 -3.55
CA PRO B 12 -4.35 -12.06 -2.98
C PRO B 12 -5.39 -11.00 -3.37
N PRO B 13 -6.64 -11.15 -2.90
CA PRO B 13 -7.71 -10.20 -3.22
C PRO B 13 -7.84 -9.08 -2.17
N GLY B 14 -7.61 -7.85 -2.61
CA GLY B 14 -7.71 -6.70 -1.71
C GLY B 14 -6.38 -6.03 -1.44
N LEU B 15 -5.31 -6.81 -1.45
CA LEU B 15 -3.97 -6.30 -1.20
C LEU B 15 -3.69 -5.04 -2.04
N THR B 16 -3.97 -5.13 -3.34
CA THR B 16 -3.74 -3.98 -4.22
C THR B 16 -4.47 -2.74 -3.72
N GLU B 17 -5.73 -2.91 -3.34
CA GLU B 17 -6.55 -1.79 -2.85
C GLU B 17 -6.00 -1.22 -1.54
N LEU B 18 -5.57 -2.09 -0.63
CA LEU B 18 -5.04 -1.64 0.66
C LEU B 18 -3.82 -0.73 0.48
N LEU B 19 -2.79 -1.23 -0.19
CA LEU B 19 -1.58 -0.44 -0.42
C LEU B 19 -1.93 0.83 -1.20
N GLN B 20 -2.93 0.71 -2.07
CA GLN B 20 -3.38 1.83 -2.89
C GLN B 20 -4.14 2.85 -2.04
N GLY B 21 -5.04 2.36 -1.20
CA GLY B 21 -5.82 3.24 -0.34
C GLY B 21 -4.96 4.13 0.52
N TYR B 22 -3.83 3.61 0.98
CA TYR B 22 -2.91 4.36 1.82
C TYR B 22 -2.04 5.31 0.99
N THR B 23 -1.52 4.79 -0.12
CA THR B 23 -0.65 5.57 -1.00
C THR B 23 -1.38 6.81 -1.50
N VAL B 24 -2.66 6.65 -1.78
CA VAL B 24 -3.48 7.75 -2.28
C VAL B 24 -3.56 8.88 -1.26
N GLU B 25 -3.46 8.52 0.03
CA GLU B 25 -3.49 9.50 1.11
C GLU B 25 -2.14 10.19 1.25
N VAL B 26 -1.07 9.41 1.18
CA VAL B 26 0.28 9.96 1.29
C VAL B 26 0.51 11.01 0.21
N LEU B 27 0.03 10.72 -0.99
CA LEU B 27 0.18 11.63 -2.11
C LEU B 27 -0.50 12.98 -1.85
N ARG B 28 -1.75 12.92 -1.41
CA ARG B 28 -2.53 14.13 -1.13
C ARG B 28 -2.01 14.93 0.05
N GLN B 29 -1.36 14.26 1.02
CA GLN B 29 -0.85 14.95 2.21
C GLN B 29 0.67 15.02 2.22
N GLN B 30 1.31 13.87 2.02
CA GLN B 30 2.76 13.80 2.02
C GLN B 30 3.32 14.13 3.41
N PRO B 31 3.42 13.12 4.30
CA PRO B 31 3.91 13.31 5.66
C PRO B 31 5.44 13.21 5.74
N PRO B 32 6.03 13.50 6.92
CA PRO B 32 7.48 13.44 7.12
C PRO B 32 8.00 12.00 7.19
N ASP B 33 7.15 11.08 7.65
CA ASP B 33 7.53 9.67 7.77
C ASP B 33 6.47 8.76 7.16
N LEU B 34 6.92 7.74 6.46
CA LEU B 34 6.03 6.78 5.83
C LEU B 34 5.60 5.71 6.84
N VAL B 35 6.54 5.31 7.67
CA VAL B 35 6.30 4.29 8.69
C VAL B 35 5.29 4.77 9.74
N GLU B 36 5.41 6.04 10.14
CA GLU B 36 4.53 6.61 11.14
C GLU B 36 3.12 6.80 10.60
N PHE B 37 3.01 7.54 9.51
CA PHE B 37 1.72 7.80 8.88
C PHE B 37 1.00 6.49 8.51
N ALA B 38 1.77 5.43 8.32
CA ALA B 38 1.21 4.14 7.96
C ALA B 38 0.53 3.44 9.14
N VAL B 39 1.14 3.52 10.31
CA VAL B 39 0.57 2.90 11.50
C VAL B 39 -0.80 3.48 11.82
N GLU B 40 -0.84 4.80 12.03
CA GLU B 40 -2.09 5.49 12.36
C GLU B 40 -3.19 5.16 11.36
N TYR B 41 -2.82 4.94 10.10
CA TYR B 41 -3.78 4.63 9.05
C TYR B 41 -4.41 3.25 9.25
N PHE B 42 -3.59 2.23 9.47
CA PHE B 42 -4.11 0.88 9.65
C PHE B 42 -4.80 0.72 11.00
N THR B 43 -4.27 1.38 12.03
CA THR B 43 -4.87 1.31 13.35
C THR B 43 -6.27 1.91 13.33
N ARG B 44 -6.39 3.05 12.65
CA ARG B 44 -7.67 3.74 12.54
C ARG B 44 -8.71 2.80 11.94
N LEU B 45 -8.30 2.01 10.95
CA LEU B 45 -9.20 1.06 10.30
C LEU B 45 -9.49 -0.13 11.21
N ARG B 46 -8.42 -0.77 11.69
CA ARG B 46 -8.55 -1.93 12.57
C ARG B 46 -9.40 -1.62 13.80
N GLU B 47 -9.17 -0.46 14.39
CA GLU B 47 -9.91 -0.05 15.58
C GLU B 47 -11.39 0.18 15.28
N ALA B 48 -11.73 0.24 13.99
CA ALA B 48 -13.11 0.44 13.58
C ALA B 48 -14.04 -0.58 14.22
N ARG B 49 -13.71 -1.86 14.06
CA ARG B 49 -14.53 -2.94 14.63
C ARG B 49 -14.33 -3.03 16.14
N ALA B 50 -15.20 -3.80 16.79
CA ALA B 50 -15.13 -4.00 18.23
C ALA B 50 -14.97 -2.66 18.96
N ALA C 1 -31.05 18.09 3.36
CA ALA C 1 -32.43 17.94 2.82
C ALA C 1 -32.49 18.31 1.35
N MET C 2 -32.21 19.58 1.04
CA MET C 2 -32.24 20.05 -0.33
C MET C 2 -31.03 19.54 -1.10
N ALA C 3 -29.85 19.70 -0.52
CA ALA C 3 -28.60 19.26 -1.14
C ALA C 3 -28.37 19.98 -2.46
N ASP C 4 -27.28 20.74 -2.54
CA ASP C 4 -26.93 21.49 -3.75
C ASP C 4 -25.46 21.32 -4.09
N ILE C 5 -25.01 20.07 -4.16
CA ILE C 5 -23.62 19.75 -4.49
C ILE C 5 -23.54 18.54 -5.40
N GLY C 6 -24.14 17.44 -4.98
CA GLY C 6 -24.14 16.23 -5.78
C GLY C 6 -22.73 15.73 -6.06
N SER C 7 -22.18 14.95 -5.13
CA SER C 7 -20.84 14.41 -5.29
C SER C 7 -20.54 13.38 -4.20
N ALA C 8 -20.09 12.20 -4.61
CA ALA C 8 -19.77 11.13 -3.66
C ALA C 8 -18.97 10.03 -4.33
N SER C 9 -18.19 10.38 -5.35
CA SER C 9 -17.36 9.42 -6.07
C SER C 9 -16.01 9.23 -5.37
N GLY C 10 -15.40 10.34 -4.99
CA GLY C 10 -14.12 10.29 -4.31
C GLY C 10 -13.50 11.66 -4.15
N TYR C 11 -12.65 11.82 -3.14
CA TYR C 11 -12.00 13.10 -2.88
C TYR C 11 -10.63 13.17 -3.54
N VAL C 12 -10.41 12.31 -4.53
CA VAL C 12 -9.14 12.27 -5.26
C VAL C 12 -9.22 13.07 -6.57
N PRO C 13 -8.39 14.12 -6.73
CA PRO C 13 -8.41 14.95 -7.95
C PRO C 13 -7.91 14.22 -9.21
N GLU C 14 -8.54 13.09 -9.51
CA GLU C 14 -8.21 12.30 -10.70
C GLU C 14 -6.73 11.92 -10.77
N GLU C 15 -5.87 12.85 -11.17
CA GLU C 15 -4.44 12.60 -11.31
C GLU C 15 -3.86 11.90 -10.08
N ILE C 16 -4.50 12.10 -8.93
CA ILE C 16 -4.05 11.50 -7.68
C ILE C 16 -4.38 10.02 -7.66
N TRP C 17 -5.44 9.62 -8.36
CA TRP C 17 -5.84 8.22 -8.43
C TRP C 17 -5.00 7.44 -9.42
N LYS C 18 -4.82 8.01 -10.60
CA LYS C 18 -4.02 7.35 -11.62
C LYS C 18 -2.62 7.06 -11.10
N LYS C 19 -2.04 8.03 -10.42
CA LYS C 19 -0.69 7.89 -9.88
C LYS C 19 -0.62 6.83 -8.78
N ALA C 20 -1.37 7.01 -7.68
CA ALA C 20 -1.34 6.08 -6.57
C ALA C 20 -1.51 4.63 -7.03
N GLU C 21 -2.33 4.43 -8.06
CA GLU C 21 -2.58 3.09 -8.59
C GLU C 21 -1.31 2.53 -9.23
N GLU C 22 -0.51 3.39 -9.84
CA GLU C 22 0.73 2.98 -10.48
C GLU C 22 1.74 2.49 -9.43
N ALA C 23 1.89 3.26 -8.36
CA ALA C 23 2.83 2.92 -7.29
C ALA C 23 2.66 1.48 -6.82
N VAL C 24 1.41 1.05 -6.68
CA VAL C 24 1.11 -0.30 -6.20
C VAL C 24 1.36 -1.35 -7.27
N ASN C 25 1.05 -1.04 -8.52
CA ASN C 25 1.26 -1.97 -9.61
C ASN C 25 2.74 -2.25 -9.78
N GLU C 26 3.55 -1.20 -9.61
CA GLU C 26 4.99 -1.33 -9.74
C GLU C 26 5.57 -2.15 -8.58
N VAL C 27 5.33 -1.73 -7.34
CA VAL C 27 5.85 -2.44 -6.19
C VAL C 27 5.35 -3.89 -6.13
N LYS C 28 4.17 -4.13 -6.70
CA LYS C 28 3.58 -5.46 -6.71
C LYS C 28 4.31 -6.35 -7.73
N ARG C 29 4.50 -5.82 -8.93
CA ARG C 29 5.21 -6.56 -9.96
C ARG C 29 6.64 -6.82 -9.51
N GLN C 30 7.13 -5.99 -8.60
CA GLN C 30 8.50 -6.12 -8.08
C GLN C 30 8.60 -7.21 -7.01
N ALA C 31 7.84 -7.10 -5.91
CA ALA C 31 7.89 -8.07 -4.82
C ALA C 31 7.84 -9.51 -5.32
N MET C 32 7.16 -9.72 -6.44
CA MET C 32 7.05 -11.07 -7.01
C MET C 32 8.37 -11.54 -7.62
N THR C 33 9.15 -10.62 -8.19
CA THR C 33 10.44 -10.99 -8.79
C THR C 33 11.40 -11.47 -7.71
N GLU C 34 11.50 -10.71 -6.63
CA GLU C 34 12.39 -11.10 -5.53
C GLU C 34 11.97 -12.46 -4.96
N LEU C 35 10.72 -12.84 -5.23
CA LEU C 35 10.16 -14.11 -4.75
C LEU C 35 10.41 -15.23 -5.78
N GLN C 36 10.18 -14.92 -7.05
CA GLN C 36 10.38 -15.89 -8.12
C GLN C 36 11.81 -16.45 -8.10
N LYS C 37 12.73 -15.74 -7.47
CA LYS C 37 14.12 -16.16 -7.39
C LYS C 37 14.38 -16.98 -6.13
N ALA C 38 13.31 -17.47 -5.52
CA ALA C 38 13.41 -18.26 -4.30
C ALA C 38 14.43 -17.69 -3.33
N GLY A 1 -3.19 31.73 -9.17
CA GLY A 1 -3.93 32.45 -8.09
C GLY A 1 -4.78 31.53 -7.24
N ALA A 2 -4.18 30.97 -6.19
CA ALA A 2 -4.89 30.06 -5.30
C ALA A 2 -5.44 28.86 -6.08
N MET A 3 -4.67 28.36 -7.03
CA MET A 3 -5.08 27.22 -7.84
C MET A 3 -3.91 26.68 -8.65
N GLY A 4 -3.21 27.59 -9.33
CA GLY A 4 -2.08 27.18 -10.15
C GLY A 4 -2.46 26.86 -11.58
N SER A 5 -3.76 26.65 -11.82
CA SER A 5 -4.25 26.33 -13.15
C SER A 5 -3.54 25.10 -13.71
N MET A 6 -3.01 24.27 -12.83
CA MET A 6 -2.30 23.06 -13.24
C MET A 6 -2.00 22.17 -12.03
N SER A 7 -2.24 20.88 -12.17
CA SER A 7 -1.99 19.94 -11.09
C SER A 7 -0.49 19.83 -10.80
N HIS A 8 -0.17 19.21 -9.67
CA HIS A 8 1.22 19.04 -9.27
C HIS A 8 1.37 17.93 -8.24
N ILE A 9 2.06 16.86 -8.63
CA ILE A 9 2.24 15.72 -7.76
C ILE A 9 3.38 14.84 -8.27
N GLN A 10 4.04 14.12 -7.36
CA GLN A 10 5.16 13.27 -7.76
C GLN A 10 5.32 12.06 -6.83
N ILE A 11 5.32 10.85 -7.41
CA ILE A 11 5.49 9.63 -6.61
C ILE A 11 6.70 9.78 -5.67
N PRO A 12 6.47 9.95 -4.35
CA PRO A 12 7.57 10.11 -3.38
C PRO A 12 8.63 9.03 -3.49
N PRO A 13 9.82 9.25 -2.90
CA PRO A 13 10.91 8.29 -2.92
C PRO A 13 10.88 7.40 -1.67
N GLY A 14 11.34 6.16 -1.82
CA GLY A 14 11.35 5.24 -0.69
C GLY A 14 10.00 4.53 -0.51
N LEU A 15 8.94 5.09 -1.08
CA LEU A 15 7.61 4.52 -0.98
C LEU A 15 7.63 3.03 -1.33
N THR A 16 8.04 2.72 -2.55
CA THR A 16 8.10 1.36 -3.04
C THR A 16 8.80 0.43 -2.04
N GLU A 17 9.93 0.90 -1.52
CA GLU A 17 10.70 0.12 -0.56
C GLU A 17 9.86 -0.23 0.67
N LEU A 18 8.99 0.69 1.07
CA LEU A 18 8.14 0.48 2.25
C LEU A 18 7.00 -0.51 1.98
N LEU A 19 6.34 -0.35 0.82
CA LEU A 19 5.23 -1.22 0.47
C LEU A 19 5.71 -2.62 0.11
N GLN A 20 6.88 -2.70 -0.51
CA GLN A 20 7.44 -3.99 -0.92
C GLN A 20 7.64 -4.90 0.27
N GLY A 21 8.14 -4.34 1.37
CA GLY A 21 8.35 -5.14 2.57
C GLY A 21 7.09 -5.84 3.00
N TYR A 22 5.98 -5.10 3.00
CA TYR A 22 4.69 -5.66 3.36
C TYR A 22 4.21 -6.62 2.27
N THR A 23 4.29 -6.16 1.02
CA THR A 23 3.88 -6.95 -0.13
C THR A 23 4.59 -8.31 -0.19
N VAL A 24 5.91 -8.27 -0.23
CA VAL A 24 6.72 -9.49 -0.31
C VAL A 24 6.49 -10.42 0.88
N GLU A 25 6.23 -9.87 2.05
CA GLU A 25 6.01 -10.69 3.24
C GLU A 25 4.61 -11.30 3.22
N VAL A 26 3.61 -10.52 2.83
CA VAL A 26 2.24 -10.99 2.77
C VAL A 26 2.15 -12.24 1.89
N LEU A 27 2.89 -12.23 0.79
CA LEU A 27 2.89 -13.36 -0.14
C LEU A 27 3.69 -14.54 0.43
N ARG A 28 4.83 -14.24 1.06
CA ARG A 28 5.68 -15.27 1.63
C ARG A 28 5.01 -15.98 2.81
N GLN A 29 4.04 -15.31 3.45
CA GLN A 29 3.35 -15.87 4.61
C GLN A 29 1.89 -16.17 4.31
N GLN A 30 1.21 -15.22 3.67
CA GLN A 30 -0.20 -15.37 3.33
C GLN A 30 -1.03 -15.47 4.62
N PRO A 31 -1.31 -14.32 5.26
CA PRO A 31 -2.08 -14.28 6.51
C PRO A 31 -3.59 -14.26 6.26
N PRO A 32 -4.40 -14.39 7.34
CA PRO A 32 -5.86 -14.39 7.23
C PRO A 32 -6.43 -13.00 6.95
N ASP A 33 -5.76 -11.96 7.46
CA ASP A 33 -6.20 -10.58 7.27
C ASP A 33 -5.04 -9.70 6.85
N LEU A 34 -5.28 -8.90 5.81
CA LEU A 34 -4.26 -7.99 5.30
C LEU A 34 -4.14 -6.76 6.21
N VAL A 35 -5.26 -6.07 6.42
CA VAL A 35 -5.26 -4.89 7.27
C VAL A 35 -4.58 -5.18 8.61
N GLU A 36 -4.81 -6.38 9.13
CA GLU A 36 -4.21 -6.80 10.38
C GLU A 36 -2.70 -6.97 10.23
N PHE A 37 -2.30 -7.81 9.29
CA PHE A 37 -0.89 -8.06 9.03
C PHE A 37 -0.12 -6.77 8.78
N ALA A 38 -0.81 -5.74 8.34
CA ALA A 38 -0.17 -4.45 8.06
C ALA A 38 0.21 -3.72 9.35
N VAL A 39 -0.72 -3.68 10.30
CA VAL A 39 -0.43 -3.03 11.58
C VAL A 39 0.61 -3.87 12.30
N GLU A 40 0.53 -5.18 12.14
CA GLU A 40 1.50 -6.07 12.77
C GLU A 40 2.88 -5.87 12.17
N TYR A 41 2.92 -5.62 10.86
CA TYR A 41 4.17 -5.40 10.15
C TYR A 41 4.74 -3.99 10.35
N PHE A 42 3.89 -2.97 10.16
CA PHE A 42 4.32 -1.58 10.29
C PHE A 42 4.67 -1.20 11.73
N THR A 43 3.80 -1.53 12.68
CA THR A 43 4.04 -1.18 14.08
C THR A 43 5.40 -1.72 14.54
N ARG A 44 5.67 -2.99 14.25
CA ARG A 44 6.93 -3.60 14.64
C ARG A 44 8.12 -2.74 14.21
N LEU A 45 8.17 -2.43 12.91
CA LEU A 45 9.24 -1.61 12.37
C LEU A 45 9.36 -0.30 13.16
N ARG A 46 8.23 0.31 13.45
CA ARG A 46 8.19 1.56 14.20
C ARG A 46 8.67 1.33 15.63
N GLU A 47 8.26 0.21 16.22
CA GLU A 47 8.64 -0.13 17.58
C GLU A 47 10.15 -0.33 17.69
N ALA A 48 10.76 -0.77 16.60
CA ALA A 48 12.20 -1.01 16.57
C ALA A 48 12.97 0.30 16.73
N ARG A 49 12.49 1.35 16.06
CA ARG A 49 13.13 2.66 16.13
C ARG A 49 12.53 3.50 17.24
N ALA A 50 13.12 4.68 17.47
CA ALA A 50 12.64 5.58 18.52
C ALA A 50 11.19 6.02 18.24
N GLY B 1 -4.02 -31.03 -5.59
CA GLY B 1 -2.86 -31.97 -5.59
C GLY B 1 -1.61 -31.37 -4.98
N ALA B 2 -1.36 -31.68 -3.70
CA ALA B 2 -0.20 -31.16 -3.00
C ALA B 2 1.09 -31.79 -3.53
N MET B 3 2.15 -31.00 -3.58
CA MET B 3 3.44 -31.47 -4.06
C MET B 3 4.53 -30.45 -3.78
N GLY B 4 4.23 -29.17 -4.02
CA GLY B 4 5.19 -28.12 -3.79
C GLY B 4 5.26 -27.71 -2.33
N SER B 5 4.18 -27.10 -1.84
CA SER B 5 4.13 -26.66 -0.44
C SER B 5 5.27 -25.71 -0.13
N MET B 6 5.71 -24.97 -1.14
CA MET B 6 6.82 -24.02 -0.99
C MET B 6 6.65 -22.85 -1.95
N SER B 7 6.46 -21.65 -1.39
CA SER B 7 6.29 -20.44 -2.19
C SER B 7 5.00 -20.50 -2.99
N HIS B 8 3.99 -19.76 -2.53
CA HIS B 8 2.69 -19.70 -3.20
C HIS B 8 2.67 -18.52 -4.16
N ILE B 9 2.96 -17.35 -3.60
CA ILE B 9 2.99 -16.10 -4.34
C ILE B 9 1.58 -15.70 -4.80
N GLN B 10 1.50 -14.90 -5.87
CA GLN B 10 0.21 -14.43 -6.38
C GLN B 10 -0.44 -13.49 -5.37
N ILE B 11 -0.58 -12.22 -5.74
CA ILE B 11 -1.16 -11.21 -4.86
C ILE B 11 -2.64 -11.53 -4.56
N PRO B 12 -2.99 -11.85 -3.30
CA PRO B 12 -4.38 -12.14 -2.92
C PRO B 12 -5.33 -11.04 -3.40
N PRO B 13 -6.66 -11.22 -3.22
CA PRO B 13 -7.65 -10.24 -3.63
C PRO B 13 -7.91 -9.19 -2.55
N GLY B 14 -7.83 -7.91 -2.94
CA GLY B 14 -8.06 -6.82 -2.02
C GLY B 14 -6.79 -6.09 -1.62
N LEU B 15 -5.66 -6.79 -1.68
CA LEU B 15 -4.37 -6.21 -1.34
C LEU B 15 -4.12 -4.92 -2.12
N THR B 16 -4.40 -4.94 -3.41
CA THR B 16 -4.21 -3.75 -4.25
C THR B 16 -4.97 -2.56 -3.66
N GLU B 17 -6.24 -2.79 -3.35
CA GLU B 17 -7.08 -1.75 -2.78
C GLU B 17 -6.50 -1.21 -1.48
N LEU B 18 -5.77 -2.06 -0.76
CA LEU B 18 -5.16 -1.67 0.51
C LEU B 18 -4.04 -0.66 0.30
N LEU B 19 -3.05 -1.03 -0.51
CA LEU B 19 -1.93 -0.15 -0.79
C LEU B 19 -2.38 1.09 -1.56
N GLN B 20 -3.46 0.94 -2.32
CA GLN B 20 -4.02 2.04 -3.09
C GLN B 20 -4.65 3.08 -2.16
N GLY B 21 -5.34 2.61 -1.13
CA GLY B 21 -5.99 3.51 -0.19
C GLY B 21 -5.01 4.37 0.58
N TYR B 22 -3.82 3.83 0.84
CA TYR B 22 -2.78 4.55 1.59
C TYR B 22 -2.06 5.54 0.68
N THR B 23 -1.68 5.09 -0.51
CA THR B 23 -0.97 5.94 -1.46
C THR B 23 -1.75 7.23 -1.75
N VAL B 24 -3.02 7.08 -2.16
CA VAL B 24 -3.83 8.25 -2.48
C VAL B 24 -3.71 9.33 -1.41
N GLU B 25 -3.48 8.90 -0.17
CA GLU B 25 -3.32 9.83 0.95
C GLU B 25 -1.91 10.41 0.96
N VAL B 26 -0.92 9.53 0.93
CA VAL B 26 0.48 9.96 0.93
C VAL B 26 0.75 10.91 -0.24
N LEU B 27 0.21 10.54 -1.39
CA LEU B 27 0.38 11.32 -2.62
C LEU B 27 -0.11 12.76 -2.44
N ARG B 28 -1.33 12.92 -1.91
CA ARG B 28 -1.92 14.25 -1.72
C ARG B 28 -1.51 14.91 -0.41
N GLN B 29 -1.10 14.13 0.59
CA GLN B 29 -0.72 14.69 1.89
C GLN B 29 0.79 14.87 2.00
N GLN B 30 1.52 13.84 1.63
CA GLN B 30 2.98 13.88 1.68
C GLN B 30 3.45 14.12 3.13
N PRO B 31 3.54 13.07 3.95
CA PRO B 31 3.97 13.18 5.35
C PRO B 31 5.49 13.14 5.51
N PRO B 32 6.00 13.44 6.73
CA PRO B 32 7.43 13.43 6.99
C PRO B 32 8.01 12.01 7.07
N ASP B 33 7.20 11.07 7.56
CA ASP B 33 7.63 9.68 7.68
C ASP B 33 6.57 8.74 7.13
N LEU B 34 7.03 7.66 6.52
CA LEU B 34 6.12 6.66 5.94
C LEU B 34 5.63 5.69 7.01
N VAL B 35 6.54 5.26 7.87
CA VAL B 35 6.20 4.32 8.94
C VAL B 35 5.10 4.88 9.83
N GLU B 36 5.34 6.06 10.41
CA GLU B 36 4.36 6.68 11.29
C GLU B 36 3.02 6.86 10.60
N PHE B 37 3.02 7.54 9.46
CA PHE B 37 1.79 7.76 8.71
C PHE B 37 1.12 6.45 8.33
N ALA B 38 1.92 5.40 8.21
CA ALA B 38 1.40 4.08 7.86
C ALA B 38 0.75 3.40 9.06
N VAL B 39 1.44 3.41 10.20
CA VAL B 39 0.90 2.78 11.41
C VAL B 39 -0.43 3.41 11.81
N GLU B 40 -0.42 4.72 12.06
CA GLU B 40 -1.62 5.45 12.45
C GLU B 40 -2.75 5.20 11.46
N TYR B 41 -2.43 5.28 10.17
CA TYR B 41 -3.41 5.06 9.12
C TYR B 41 -3.98 3.65 9.20
N PHE B 42 -3.11 2.66 9.30
CA PHE B 42 -3.54 1.27 9.39
C PHE B 42 -4.35 1.03 10.66
N THR B 43 -3.89 1.57 11.78
CA THR B 43 -4.60 1.41 13.04
C THR B 43 -5.99 2.03 12.95
N ARG B 44 -6.05 3.19 12.30
CA ARG B 44 -7.32 3.90 12.12
C ARG B 44 -8.34 3.00 11.42
N LEU B 45 -7.90 2.30 10.38
CA LEU B 45 -8.78 1.41 9.64
C LEU B 45 -9.18 0.21 10.50
N ARG B 46 -8.19 -0.50 11.02
CA ARG B 46 -8.42 -1.66 11.86
C ARG B 46 -9.34 -1.32 13.02
N GLU B 47 -8.94 -0.34 13.83
CA GLU B 47 -9.72 0.08 14.99
C GLU B 47 -11.15 0.46 14.60
N ALA B 48 -11.36 0.82 13.34
CA ALA B 48 -12.68 1.20 12.85
C ALA B 48 -13.74 0.19 13.31
N ARG B 49 -13.34 -1.06 13.49
CA ARG B 49 -14.25 -2.11 13.92
C ARG B 49 -14.70 -1.88 15.36
N ALA B 50 -15.87 -2.40 15.70
CA ALA B 50 -16.42 -2.25 17.05
C ALA B 50 -16.53 -0.78 17.43
N ALA C 1 -25.74 12.08 -14.12
CA ALA C 1 -24.49 11.27 -14.13
C ALA C 1 -24.45 10.35 -15.34
N MET C 2 -23.23 10.03 -15.79
CA MET C 2 -23.02 9.15 -16.95
C MET C 2 -22.28 7.89 -16.55
N ALA C 3 -21.36 8.01 -15.60
CA ALA C 3 -20.59 6.87 -15.13
C ALA C 3 -19.83 6.20 -16.28
N ASP C 4 -18.89 6.93 -16.87
CA ASP C 4 -18.09 6.40 -17.98
C ASP C 4 -17.08 5.37 -17.48
N ILE C 5 -17.21 4.14 -17.96
CA ILE C 5 -16.31 3.05 -17.58
C ILE C 5 -16.49 2.68 -16.11
N GLY C 6 -16.14 3.61 -15.22
CA GLY C 6 -16.27 3.36 -13.79
C GLY C 6 -15.12 3.95 -12.99
N SER C 7 -15.41 4.41 -11.78
CA SER C 7 -14.39 5.01 -10.93
C SER C 7 -14.93 5.30 -9.53
N ALA C 8 -16.16 5.82 -9.47
CA ALA C 8 -16.78 6.14 -8.19
C ALA C 8 -16.08 7.34 -7.53
N SER C 9 -14.82 7.15 -7.16
CA SER C 9 -14.04 8.21 -6.53
C SER C 9 -14.66 8.64 -5.20
N GLY C 10 -14.05 8.19 -4.10
CA GLY C 10 -14.54 8.55 -2.78
C GLY C 10 -14.17 9.96 -2.38
N TYR C 11 -13.08 10.46 -2.97
CA TYR C 11 -12.59 11.81 -2.71
C TYR C 11 -11.24 12.05 -3.38
N VAL C 12 -10.99 11.32 -4.47
CA VAL C 12 -9.75 11.45 -5.23
C VAL C 12 -9.97 12.31 -6.47
N PRO C 13 -9.41 13.55 -6.50
CA PRO C 13 -9.59 14.46 -7.64
C PRO C 13 -8.76 14.05 -8.86
N GLU C 14 -9.13 12.93 -9.46
CA GLU C 14 -8.48 12.41 -10.67
C GLU C 14 -6.97 12.15 -10.49
N GLU C 15 -6.16 13.21 -10.62
CA GLU C 15 -4.70 13.10 -10.53
C GLU C 15 -4.22 12.26 -9.34
N ILE C 16 -4.99 12.26 -8.26
CA ILE C 16 -4.62 11.51 -7.06
C ILE C 16 -4.85 10.01 -7.23
N TRP C 17 -5.83 9.64 -8.06
CA TRP C 17 -6.14 8.24 -8.29
C TRP C 17 -5.21 7.58 -9.29
N LYS C 18 -4.98 8.23 -10.42
CA LYS C 18 -4.11 7.66 -11.44
C LYS C 18 -2.72 7.42 -10.88
N LYS C 19 -2.21 8.37 -10.09
CA LYS C 19 -0.87 8.24 -9.52
C LYS C 19 -0.78 7.12 -8.50
N ALA C 20 -1.57 7.20 -7.42
CA ALA C 20 -1.55 6.18 -6.37
C ALA C 20 -1.64 4.77 -6.92
N GLU C 21 -2.39 4.60 -8.01
CA GLU C 21 -2.56 3.29 -8.62
C GLU C 21 -1.23 2.79 -9.17
N GLU C 22 -0.40 3.72 -9.61
CA GLU C 22 0.91 3.37 -10.17
C GLU C 22 1.83 2.86 -9.06
N ALA C 23 1.86 3.57 -7.95
CA ALA C 23 2.71 3.20 -6.82
C ALA C 23 2.51 1.76 -6.38
N VAL C 24 1.28 1.25 -6.51
CA VAL C 24 0.98 -0.12 -6.09
C VAL C 24 1.34 -1.14 -7.16
N ASN C 25 1.12 -0.80 -8.41
CA ASN C 25 1.45 -1.70 -9.51
C ASN C 25 2.96 -1.92 -9.56
N GLU C 26 3.71 -0.88 -9.24
CA GLU C 26 5.16 -0.95 -9.24
C GLU C 26 5.67 -1.85 -8.11
N VAL C 27 5.31 -1.54 -6.86
CA VAL C 27 5.76 -2.35 -5.72
C VAL C 27 5.30 -3.79 -5.83
N LYS C 28 4.17 -4.00 -6.53
CA LYS C 28 3.63 -5.34 -6.73
C LYS C 28 4.49 -6.13 -7.71
N ARG C 29 4.78 -5.52 -8.85
CA ARG C 29 5.60 -6.17 -9.87
C ARG C 29 7.00 -6.42 -9.32
N GLN C 30 7.41 -5.61 -8.33
CA GLN C 30 8.72 -5.74 -7.72
C GLN C 30 8.78 -6.87 -6.69
N ALA C 31 7.92 -6.82 -5.66
CA ALA C 31 7.91 -7.85 -4.62
C ALA C 31 7.93 -9.26 -5.20
N MET C 32 7.29 -9.44 -6.34
CA MET C 32 7.24 -10.75 -6.99
C MET C 32 8.62 -11.17 -7.48
N THR C 33 9.44 -10.21 -7.89
CA THR C 33 10.80 -10.51 -8.35
C THR C 33 11.65 -10.91 -7.16
N GLU C 34 11.44 -10.25 -6.03
CA GLU C 34 12.18 -10.56 -4.81
C GLU C 34 11.86 -11.99 -4.37
N LEU C 35 10.67 -12.44 -4.74
CA LEU C 35 10.21 -13.79 -4.39
C LEU C 35 10.60 -14.80 -5.46
N GLN C 36 10.19 -14.53 -6.70
CA GLN C 36 10.46 -15.42 -7.82
C GLN C 36 11.93 -15.85 -7.88
N LYS C 37 12.83 -15.06 -7.31
CA LYS C 37 14.25 -15.41 -7.34
C LYS C 37 15.07 -14.53 -6.41
N ALA C 38 14.68 -14.44 -5.15
CA ALA C 38 15.42 -13.63 -4.19
C ALA C 38 14.92 -13.87 -2.76
#